data_2DN0
#
_entry.id   2DN0
#
_entity_poly.entity_id   1
_entity_poly.type   'polypeptide(L)'
_entity_poly.pdbx_seq_one_letter_code
;GSSGSSGASIYKNKKSHEQLSALKGSFCRNQFPGQSEVEHLTKVTGLSTREVRKWFSDRRYHCRNLKGSRSGPSSG
;
_entity_poly.pdbx_strand_id   A
#
# COMPACT_ATOMS: atom_id res chain seq x y z
N GLY A 1 -2.95 -6.27 25.62
CA GLY A 1 -2.93 -5.30 24.54
C GLY A 1 -2.05 -5.74 23.40
N SER A 2 -2.59 -6.56 22.50
CA SER A 2 -1.84 -7.05 21.35
C SER A 2 -2.36 -6.43 20.06
N SER A 3 -1.43 -6.03 19.18
CA SER A 3 -1.79 -5.42 17.91
C SER A 3 -1.46 -6.35 16.75
N GLY A 4 -0.18 -6.68 16.61
CA GLY A 4 0.24 -7.56 15.53
C GLY A 4 -0.47 -8.90 15.57
N SER A 5 -1.58 -9.01 14.85
CA SER A 5 -2.35 -10.23 14.81
C SER A 5 -1.49 -11.40 14.35
N SER A 6 -2.03 -12.61 14.46
CA SER A 6 -1.31 -13.81 14.06
C SER A 6 -1.82 -14.32 12.71
N GLY A 7 -0.91 -14.41 11.74
CA GLY A 7 -1.29 -14.88 10.42
C GLY A 7 -1.07 -13.84 9.34
N ALA A 8 0.17 -13.39 9.19
CA ALA A 8 0.52 -12.39 8.20
C ALA A 8 0.88 -13.04 6.87
N SER A 9 -0.12 -13.22 6.01
CA SER A 9 0.10 -13.84 4.70
C SER A 9 -0.33 -12.91 3.58
N ILE A 10 0.62 -12.49 2.76
CA ILE A 10 0.33 -11.60 1.65
C ILE A 10 -0.87 -12.08 0.85
N TYR A 11 -1.78 -11.16 0.53
CA TYR A 11 -2.97 -11.49 -0.22
C TYR A 11 -2.97 -10.81 -1.58
N LYS A 12 -3.99 -11.09 -2.39
CA LYS A 12 -4.10 -10.50 -3.72
C LYS A 12 -5.56 -10.26 -4.09
N ASN A 13 -5.88 -9.03 -4.45
CA ASN A 13 -7.24 -8.66 -4.83
C ASN A 13 -7.25 -7.44 -5.73
N LYS A 14 -8.30 -7.31 -6.54
CA LYS A 14 -8.44 -6.18 -7.45
C LYS A 14 -8.80 -4.91 -6.70
N LYS A 15 -8.10 -3.82 -7.00
CA LYS A 15 -8.36 -2.54 -6.36
C LYS A 15 -8.52 -1.43 -7.39
N SER A 16 -9.20 -0.36 -7.01
CA SER A 16 -9.42 0.77 -7.91
C SER A 16 -8.41 1.88 -7.63
N HIS A 17 -7.64 2.23 -8.66
CA HIS A 17 -6.63 3.28 -8.54
C HIS A 17 -7.14 4.42 -7.67
N GLU A 18 -8.38 4.84 -7.94
CA GLU A 18 -8.99 5.94 -7.18
C GLU A 18 -8.55 5.90 -5.72
N GLN A 19 -8.64 4.72 -5.11
CA GLN A 19 -8.26 4.55 -3.72
C GLN A 19 -6.75 4.37 -3.58
N LEU A 20 -6.18 3.53 -4.45
CA LEU A 20 -4.74 3.28 -4.42
C LEU A 20 -3.95 4.57 -4.32
N SER A 21 -4.18 5.48 -5.26
CA SER A 21 -3.50 6.76 -5.28
C SER A 21 -3.43 7.36 -3.87
N ALA A 22 -4.59 7.47 -3.23
CA ALA A 22 -4.66 8.03 -1.89
C ALA A 22 -3.62 7.39 -0.98
N LEU A 23 -3.69 6.07 -0.83
CA LEU A 23 -2.76 5.35 0.01
C LEU A 23 -1.32 5.79 -0.24
N LYS A 24 -0.92 5.76 -1.52
CA LYS A 24 0.43 6.17 -1.90
C LYS A 24 0.78 7.53 -1.33
N GLY A 25 -0.05 8.53 -1.64
CA GLY A 25 0.18 9.87 -1.15
C GLY A 25 0.66 9.89 0.28
N SER A 26 0.30 8.86 1.04
CA SER A 26 0.69 8.76 2.44
C SER A 26 2.09 8.15 2.57
N PHE A 27 2.37 7.14 1.76
CA PHE A 27 3.66 6.48 1.78
C PHE A 27 4.77 7.42 1.29
N CYS A 28 4.66 7.84 0.04
CA CYS A 28 5.64 8.74 -0.55
C CYS A 28 6.15 9.74 0.48
N ARG A 29 5.22 10.36 1.20
CA ARG A 29 5.58 11.35 2.23
C ARG A 29 6.16 10.66 3.46
N ASN A 30 5.34 9.85 4.12
CA ASN A 30 5.78 9.14 5.31
C ASN A 30 6.01 7.67 5.01
N GLN A 31 7.23 7.20 5.30
CA GLN A 31 7.59 5.81 5.06
C GLN A 31 6.51 4.87 5.57
N PHE A 32 6.22 4.96 6.87
CA PHE A 32 5.20 4.12 7.48
C PHE A 32 4.22 4.95 8.30
N PRO A 33 2.94 4.55 8.29
CA PRO A 33 1.89 5.25 9.03
C PRO A 33 2.03 5.08 10.54
N GLY A 34 1.26 5.87 11.29
CA GLY A 34 1.31 5.80 12.74
C GLY A 34 -0.06 5.61 13.36
N GLN A 35 -0.71 6.73 13.68
CA GLN A 35 -2.03 6.68 14.29
C GLN A 35 -3.01 7.57 13.52
N SER A 36 -2.57 8.78 13.18
CA SER A 36 -3.41 9.73 12.46
C SER A 36 -3.55 9.31 10.99
N GLU A 37 -2.42 9.01 10.35
CA GLU A 37 -2.43 8.60 8.96
C GLU A 37 -3.49 7.53 8.71
N VAL A 38 -3.40 6.43 9.44
CA VAL A 38 -4.35 5.33 9.30
C VAL A 38 -5.79 5.83 9.45
N GLU A 39 -6.09 6.40 10.60
CA GLU A 39 -7.43 6.92 10.88
C GLU A 39 -8.00 7.62 9.65
N HIS A 40 -7.14 8.36 8.94
CA HIS A 40 -7.55 9.09 7.75
C HIS A 40 -7.82 8.12 6.59
N LEU A 41 -6.77 7.44 6.16
CA LEU A 41 -6.87 6.48 5.05
C LEU A 41 -8.11 5.59 5.23
N THR A 42 -8.24 4.99 6.41
CA THR A 42 -9.35 4.12 6.71
C THR A 42 -10.66 4.72 6.24
N LYS A 43 -10.72 6.05 6.23
CA LYS A 43 -11.92 6.77 5.79
C LYS A 43 -11.83 7.13 4.32
N VAL A 44 -10.63 7.45 3.86
CA VAL A 44 -10.40 7.83 2.46
C VAL A 44 -10.55 6.62 1.55
N THR A 45 -10.41 5.43 2.12
CA THR A 45 -10.54 4.19 1.36
C THR A 45 -11.66 3.32 1.89
N GLY A 46 -11.94 3.45 3.18
CA GLY A 46 -13.00 2.66 3.79
C GLY A 46 -12.50 1.32 4.30
N LEU A 47 -11.48 0.79 3.66
CA LEU A 47 -10.92 -0.50 4.05
C LEU A 47 -10.65 -0.54 5.55
N SER A 48 -10.73 -1.73 6.13
CA SER A 48 -10.50 -1.91 7.56
C SER A 48 -9.07 -1.50 7.93
N THR A 49 -8.91 -0.99 9.14
CA THR A 49 -7.61 -0.56 9.62
C THR A 49 -6.52 -1.56 9.24
N ARG A 50 -6.85 -2.86 9.37
CA ARG A 50 -5.90 -3.91 9.04
C ARG A 50 -5.60 -3.93 7.55
N GLU A 51 -6.64 -3.76 6.73
CA GLU A 51 -6.49 -3.76 5.28
C GLU A 51 -5.63 -2.59 4.83
N VAL A 52 -5.87 -1.42 5.40
CA VAL A 52 -5.12 -0.23 5.05
C VAL A 52 -3.64 -0.41 5.34
N ARG A 53 -3.32 -0.79 6.56
CA ARG A 53 -1.93 -1.01 6.97
C ARG A 53 -1.29 -2.10 6.12
N LYS A 54 -2.02 -3.19 5.90
CA LYS A 54 -1.52 -4.30 5.11
C LYS A 54 -0.93 -3.81 3.79
N TRP A 55 -1.73 -3.06 3.03
CA TRP A 55 -1.28 -2.53 1.75
C TRP A 55 0.16 -2.06 1.83
N PHE A 56 0.41 -1.10 2.71
CA PHE A 56 1.76 -0.55 2.88
C PHE A 56 2.81 -1.64 2.75
N SER A 57 2.56 -2.79 3.37
CA SER A 57 3.48 -3.91 3.32
C SER A 57 3.74 -4.33 1.88
N ASP A 58 2.68 -4.43 1.09
CA ASP A 58 2.80 -4.81 -0.31
C ASP A 58 3.78 -3.92 -1.05
N ARG A 59 3.42 -2.65 -1.22
CA ARG A 59 4.26 -1.69 -1.91
C ARG A 59 5.74 -1.94 -1.58
N ARG A 60 6.04 -1.98 -0.28
CA ARG A 60 7.41 -2.21 0.17
C ARG A 60 7.98 -3.48 -0.45
N TYR A 61 7.31 -4.60 -0.24
CA TYR A 61 7.76 -5.87 -0.77
C TYR A 61 8.09 -5.76 -2.26
N HIS A 62 7.13 -5.28 -3.05
CA HIS A 62 7.33 -5.12 -4.48
C HIS A 62 8.64 -4.39 -4.77
N CYS A 63 8.91 -3.34 -4.00
CA CYS A 63 10.13 -2.57 -4.18
C CYS A 63 11.17 -2.92 -3.11
N ARG A 64 11.91 -4.00 -3.36
CA ARG A 64 12.93 -4.46 -2.43
C ARG A 64 14.24 -4.77 -3.16
N ASN A 65 15.35 -4.34 -2.58
CA ASN A 65 16.66 -4.57 -3.17
C ASN A 65 16.64 -4.30 -4.67
N LEU A 66 16.08 -3.16 -5.06
CA LEU A 66 15.99 -2.78 -6.46
C LEU A 66 17.01 -1.71 -6.80
N LYS A 67 18.29 -2.07 -6.73
CA LYS A 67 19.37 -1.14 -7.04
C LYS A 67 20.13 -1.57 -8.29
N GLY A 68 20.73 -0.61 -8.98
CA GLY A 68 21.48 -0.92 -10.18
C GLY A 68 21.68 0.30 -11.07
N SER A 69 20.61 1.05 -11.28
CA SER A 69 20.68 2.24 -12.13
C SER A 69 21.46 3.36 -11.43
N ARG A 70 21.34 3.41 -10.10
CA ARG A 70 22.02 4.43 -9.32
C ARG A 70 23.33 3.88 -8.74
N SER A 71 24.13 4.77 -8.17
CA SER A 71 25.41 4.38 -7.59
C SER A 71 25.21 3.78 -6.20
N GLY A 72 24.41 4.46 -5.38
CA GLY A 72 24.16 3.98 -4.03
C GLY A 72 24.34 5.06 -2.98
N PRO A 73 23.28 5.87 -2.79
CA PRO A 73 23.29 6.96 -1.81
C PRO A 73 23.30 6.45 -0.37
N SER A 74 24.49 6.33 0.20
CA SER A 74 24.64 5.86 1.57
C SER A 74 24.06 6.87 2.56
N SER A 75 23.85 6.44 3.80
CA SER A 75 23.31 7.29 4.84
C SER A 75 24.44 7.98 5.62
N GLY A 76 24.84 9.15 5.16
CA GLY A 76 25.90 9.88 5.84
C GLY A 76 25.88 11.36 5.50
N GLY A 1 7.93 -18.15 -0.08
CA GLY A 1 8.39 -18.98 -1.17
C GLY A 1 7.40 -20.08 -1.52
N SER A 2 7.70 -21.30 -1.07
CA SER A 2 6.83 -22.44 -1.34
C SER A 2 6.43 -22.48 -2.82
N SER A 3 7.42 -22.31 -3.69
CA SER A 3 7.17 -22.33 -5.13
C SER A 3 7.28 -23.74 -5.69
N GLY A 4 6.26 -24.18 -6.41
CA GLY A 4 6.27 -25.50 -6.99
C GLY A 4 4.96 -25.86 -7.66
N SER A 5 4.53 -25.01 -8.59
CA SER A 5 3.27 -25.23 -9.31
C SER A 5 3.38 -24.76 -10.75
N SER A 6 2.56 -25.34 -11.63
CA SER A 6 2.58 -24.98 -13.04
C SER A 6 2.04 -23.56 -13.24
N GLY A 7 0.91 -23.28 -12.61
CA GLY A 7 0.31 -21.96 -12.72
C GLY A 7 -1.20 -22.01 -12.84
N ALA A 8 -1.88 -21.16 -12.08
CA ALA A 8 -3.34 -21.11 -12.09
C ALA A 8 -3.84 -19.70 -12.38
N SER A 9 -5.15 -19.57 -12.60
CA SER A 9 -5.75 -18.28 -12.88
C SER A 9 -5.58 -17.33 -11.70
N ILE A 10 -4.80 -16.28 -11.89
CA ILE A 10 -4.56 -15.30 -10.83
C ILE A 10 -5.70 -14.29 -10.75
N TYR A 11 -6.26 -14.14 -9.57
CA TYR A 11 -7.36 -13.20 -9.35
C TYR A 11 -6.84 -11.77 -9.30
N LYS A 12 -7.33 -10.94 -10.23
CA LYS A 12 -6.93 -9.54 -10.29
C LYS A 12 -7.67 -8.71 -9.25
N ASN A 13 -7.01 -8.41 -8.14
CA ASN A 13 -7.61 -7.62 -7.08
C ASN A 13 -8.33 -6.40 -7.64
N LYS A 14 -9.52 -6.12 -7.12
CA LYS A 14 -10.30 -4.98 -7.58
C LYS A 14 -10.18 -3.82 -6.60
N LYS A 15 -9.63 -2.70 -7.07
CA LYS A 15 -9.46 -1.52 -6.25
C LYS A 15 -9.52 -0.25 -7.08
N SER A 16 -10.46 0.63 -6.76
CA SER A 16 -10.62 1.88 -7.49
C SER A 16 -9.45 2.81 -7.24
N HIS A 17 -8.70 3.12 -8.29
CA HIS A 17 -7.55 4.01 -8.18
C HIS A 17 -7.84 5.17 -7.25
N GLU A 18 -9.12 5.53 -7.14
CA GLU A 18 -9.54 6.64 -6.29
C GLU A 18 -8.89 6.53 -4.91
N GLN A 19 -9.03 5.36 -4.29
CA GLN A 19 -8.46 5.12 -2.97
C GLN A 19 -6.93 5.08 -3.03
N LEU A 20 -6.40 4.57 -4.13
CA LEU A 20 -4.96 4.47 -4.31
C LEU A 20 -4.31 5.85 -4.22
N SER A 21 -4.86 6.81 -4.97
CA SER A 21 -4.33 8.17 -4.98
C SER A 21 -3.98 8.62 -3.57
N ALA A 22 -4.61 8.01 -2.58
CA ALA A 22 -4.35 8.36 -1.19
C ALA A 22 -3.19 7.54 -0.63
N LEU A 23 -3.38 6.23 -0.53
CA LEU A 23 -2.34 5.34 0.00
C LEU A 23 -1.00 5.64 -0.66
N LYS A 24 -1.03 5.94 -1.95
CA LYS A 24 0.18 6.24 -2.70
C LYS A 24 0.75 7.60 -2.29
N GLY A 25 -0.08 8.64 -2.39
CA GLY A 25 0.36 9.98 -2.02
C GLY A 25 1.16 9.98 -0.73
N SER A 26 0.58 9.42 0.32
CA SER A 26 1.25 9.38 1.62
C SER A 26 2.54 8.56 1.54
N PHE A 27 2.41 7.31 1.12
CA PHE A 27 3.56 6.42 1.00
C PHE A 27 4.74 7.14 0.35
N CYS A 28 4.45 7.90 -0.70
CA CYS A 28 5.50 8.65 -1.41
C CYS A 28 6.48 9.27 -0.42
N ARG A 29 5.95 9.99 0.57
CA ARG A 29 6.78 10.63 1.57
C ARG A 29 6.71 9.89 2.90
N ASN A 30 5.52 9.86 3.49
CA ASN A 30 5.32 9.18 4.76
C ASN A 30 5.68 7.69 4.65
N GLN A 31 6.64 7.27 5.48
CA GLN A 31 7.08 5.88 5.48
C GLN A 31 6.00 4.96 6.05
N PHE A 32 5.56 5.27 7.27
CA PHE A 32 4.53 4.47 7.92
C PHE A 32 3.54 5.36 8.66
N PRO A 33 2.27 4.96 8.65
CA PRO A 33 1.19 5.71 9.32
C PRO A 33 1.30 5.66 10.83
N GLY A 34 0.38 6.34 11.52
CA GLY A 34 0.40 6.36 12.97
C GLY A 34 -0.97 6.08 13.56
N GLN A 35 -1.68 7.13 13.95
CA GLN A 35 -3.00 7.00 14.53
C GLN A 35 -4.06 7.69 13.68
N SER A 36 -3.91 9.00 13.52
CA SER A 36 -4.85 9.79 12.72
C SER A 36 -4.79 9.38 11.26
N GLU A 37 -3.59 9.34 10.71
CA GLU A 37 -3.39 8.98 9.31
C GLU A 37 -4.22 7.74 8.96
N VAL A 38 -4.04 6.68 9.73
CA VAL A 38 -4.77 5.44 9.50
C VAL A 38 -6.28 5.66 9.55
N GLU A 39 -6.75 6.19 10.67
CA GLU A 39 -8.18 6.46 10.84
C GLU A 39 -8.75 7.16 9.62
N HIS A 40 -8.00 8.12 9.08
CA HIS A 40 -8.43 8.86 7.90
C HIS A 40 -8.47 7.96 6.68
N LEU A 41 -7.33 7.37 6.34
CA LEU A 41 -7.23 6.49 5.19
C LEU A 41 -8.32 5.42 5.22
N THR A 42 -8.36 4.66 6.31
CA THR A 42 -9.35 3.59 6.47
C THR A 42 -10.68 4.02 5.87
N LYS A 43 -10.97 5.31 5.90
CA LYS A 43 -12.21 5.83 5.35
C LYS A 43 -12.04 6.24 3.89
N VAL A 44 -10.97 6.97 3.61
CA VAL A 44 -10.69 7.42 2.25
C VAL A 44 -10.66 6.24 1.28
N THR A 45 -10.21 5.09 1.76
CA THR A 45 -10.14 3.90 0.93
C THR A 45 -11.23 2.90 1.30
N GLY A 46 -11.65 2.95 2.56
CA GLY A 46 -12.69 2.04 3.02
C GLY A 46 -12.13 0.73 3.54
N LEU A 47 -10.86 0.47 3.25
CA LEU A 47 -10.20 -0.74 3.70
C LEU A 47 -10.19 -0.83 5.23
N SER A 48 -9.88 -2.01 5.74
CA SER A 48 -9.83 -2.22 7.18
C SER A 48 -8.52 -1.70 7.76
N THR A 49 -8.59 -1.15 8.98
CA THR A 49 -7.41 -0.61 9.64
C THR A 49 -6.20 -1.51 9.42
N ARG A 50 -6.46 -2.80 9.17
CA ARG A 50 -5.39 -3.76 8.94
C ARG A 50 -4.94 -3.73 7.48
N GLU A 51 -5.89 -3.65 6.57
CA GLU A 51 -5.58 -3.61 5.15
C GLU A 51 -4.82 -2.34 4.78
N VAL A 52 -5.03 -1.29 5.57
CA VAL A 52 -4.36 -0.01 5.33
C VAL A 52 -2.89 -0.08 5.70
N ARG A 53 -2.62 -0.53 6.92
CA ARG A 53 -1.24 -0.64 7.40
C ARG A 53 -0.49 -1.72 6.61
N LYS A 54 -1.16 -2.83 6.34
CA LYS A 54 -0.55 -3.93 5.60
C LYS A 54 -0.16 -3.48 4.19
N TRP A 55 -1.10 -2.86 3.49
CA TRP A 55 -0.85 -2.38 2.13
C TRP A 55 0.52 -1.73 2.02
N PHE A 56 0.77 -0.75 2.89
CA PHE A 56 2.04 -0.03 2.89
C PHE A 56 3.20 -0.98 2.57
N SER A 57 3.23 -2.12 3.27
CA SER A 57 4.28 -3.10 3.07
C SER A 57 4.20 -3.71 1.66
N ASP A 58 3.00 -4.09 1.25
CA ASP A 58 2.79 -4.67 -0.07
C ASP A 58 3.44 -3.82 -1.15
N ARG A 59 3.00 -2.57 -1.26
CA ARG A 59 3.54 -1.66 -2.26
C ARG A 59 5.07 -1.76 -2.32
N ARG A 60 5.71 -1.66 -1.16
CA ARG A 60 7.16 -1.74 -1.07
C ARG A 60 7.68 -2.96 -1.84
N TYR A 61 7.25 -4.14 -1.42
CA TYR A 61 7.68 -5.37 -2.07
C TYR A 61 7.83 -5.18 -3.57
N HIS A 62 6.75 -4.74 -4.21
CA HIS A 62 6.76 -4.50 -5.65
C HIS A 62 8.10 -3.92 -6.11
N CYS A 63 8.58 -2.94 -5.36
CA CYS A 63 9.85 -2.29 -5.69
C CYS A 63 10.91 -3.33 -6.01
N ARG A 64 11.14 -4.27 -5.10
CA ARG A 64 12.13 -5.32 -5.30
C ARG A 64 12.08 -5.85 -6.72
N ASN A 65 10.89 -6.25 -7.16
CA ASN A 65 10.72 -6.78 -8.51
C ASN A 65 10.15 -5.72 -9.44
N LEU A 66 11.04 -4.95 -10.06
CA LEU A 66 10.62 -3.90 -10.99
C LEU A 66 11.29 -4.09 -12.36
N LYS A 67 10.45 -4.28 -13.37
CA LYS A 67 10.95 -4.47 -14.73
C LYS A 67 11.82 -3.30 -15.16
N GLY A 68 12.40 -3.41 -16.35
CA GLY A 68 13.25 -2.35 -16.86
C GLY A 68 14.19 -2.83 -17.96
N SER A 69 15.38 -3.26 -17.56
CA SER A 69 16.37 -3.75 -18.52
C SER A 69 17.01 -5.05 -18.03
N ARG A 70 16.90 -6.08 -18.85
CA ARG A 70 17.47 -7.39 -18.51
C ARG A 70 17.63 -8.26 -19.75
N SER A 71 18.80 -8.87 -19.89
CA SER A 71 19.09 -9.73 -21.04
C SER A 71 19.46 -11.14 -20.59
N GLY A 72 18.64 -12.10 -21.00
CA GLY A 72 18.88 -13.49 -20.62
C GLY A 72 20.02 -14.10 -21.42
N PRO A 73 20.78 -15.01 -20.77
CA PRO A 73 21.91 -15.69 -21.41
C PRO A 73 21.46 -16.68 -22.47
N SER A 74 20.20 -17.07 -22.43
CA SER A 74 19.64 -18.02 -23.39
C SER A 74 18.11 -17.98 -23.37
N SER A 75 17.51 -18.60 -24.38
CA SER A 75 16.05 -18.64 -24.48
C SER A 75 15.48 -19.77 -23.64
N GLY A 76 15.89 -21.00 -23.95
CA GLY A 76 15.41 -22.14 -23.21
C GLY A 76 16.38 -22.62 -22.16
N GLY A 1 -29.46 7.58 15.27
CA GLY A 1 -28.98 6.85 14.10
C GLY A 1 -29.36 5.38 14.15
N SER A 2 -28.58 4.55 13.45
CA SER A 2 -28.84 3.11 13.42
C SER A 2 -27.55 2.35 13.12
N SER A 3 -27.26 1.35 13.94
CA SER A 3 -26.06 0.54 13.77
C SER A 3 -25.86 0.18 12.29
N GLY A 4 -24.62 -0.09 11.91
CA GLY A 4 -24.32 -0.45 10.54
C GLY A 4 -24.59 -1.91 10.25
N SER A 5 -23.76 -2.51 9.40
CA SER A 5 -23.92 -3.91 9.04
C SER A 5 -22.56 -4.54 8.72
N SER A 6 -22.54 -5.88 8.65
CA SER A 6 -21.31 -6.60 8.35
C SER A 6 -21.61 -7.86 7.56
N GLY A 7 -20.89 -8.04 6.44
CA GLY A 7 -21.10 -9.21 5.61
C GLY A 7 -19.91 -10.15 5.64
N ALA A 8 -20.10 -11.35 5.10
CA ALA A 8 -19.04 -12.36 5.08
C ALA A 8 -17.83 -11.85 4.30
N SER A 9 -16.68 -11.82 4.97
CA SER A 9 -15.45 -11.35 4.35
C SER A 9 -15.25 -11.99 2.98
N ILE A 10 -14.53 -11.30 2.11
CA ILE A 10 -14.27 -11.80 0.76
C ILE A 10 -12.80 -11.65 0.40
N TYR A 11 -12.40 -12.30 -0.69
CA TYR A 11 -11.01 -12.25 -1.15
C TYR A 11 -10.88 -11.37 -2.40
N LYS A 12 -11.80 -11.56 -3.34
CA LYS A 12 -11.80 -10.79 -4.57
C LYS A 12 -12.03 -9.31 -4.30
N ASN A 13 -10.95 -8.58 -4.03
CA ASN A 13 -11.03 -7.16 -3.75
C ASN A 13 -10.83 -6.34 -5.02
N LYS A 14 -11.43 -5.15 -5.06
CA LYS A 14 -11.32 -4.27 -6.21
C LYS A 14 -10.55 -3.00 -5.86
N LYS A 15 -9.24 -3.02 -6.07
CA LYS A 15 -8.40 -1.88 -5.77
C LYS A 15 -8.41 -0.87 -6.92
N SER A 16 -9.40 0.01 -6.91
CA SER A 16 -9.54 1.02 -7.95
C SER A 16 -8.61 2.20 -7.69
N HIS A 17 -8.08 2.78 -8.76
CA HIS A 17 -7.19 3.92 -8.65
C HIS A 17 -7.76 4.98 -7.70
N GLU A 18 -9.02 5.33 -7.91
CA GLU A 18 -9.69 6.32 -7.08
C GLU A 18 -9.24 6.20 -5.62
N GLN A 19 -9.16 4.97 -5.13
CA GLN A 19 -8.73 4.72 -3.76
C GLN A 19 -7.23 4.47 -3.68
N LEU A 20 -6.75 3.57 -4.53
CA LEU A 20 -5.32 3.24 -4.56
C LEU A 20 -4.47 4.50 -4.44
N SER A 21 -4.61 5.39 -5.41
CA SER A 21 -3.85 6.64 -5.42
C SER A 21 -3.68 7.18 -4.00
N ALA A 22 -4.80 7.45 -3.34
CA ALA A 22 -4.78 7.97 -1.98
C ALA A 22 -3.65 7.33 -1.16
N LEU A 23 -3.71 6.02 -0.99
CA LEU A 23 -2.71 5.29 -0.24
C LEU A 23 -1.30 5.65 -0.73
N LYS A 24 -1.09 5.56 -2.04
CA LYS A 24 0.20 5.87 -2.62
C LYS A 24 0.69 7.25 -2.17
N GLY A 25 -0.22 8.21 -2.14
CA GLY A 25 0.13 9.56 -1.73
C GLY A 25 0.79 9.58 -0.36
N SER A 26 -0.04 9.51 0.69
CA SER A 26 0.47 9.53 2.06
C SER A 26 1.66 8.59 2.21
N PHE A 27 1.52 7.37 1.71
CA PHE A 27 2.59 6.38 1.80
C PHE A 27 3.94 7.01 1.46
N CYS A 28 4.03 7.61 0.28
CA CYS A 28 5.26 8.24 -0.16
C CYS A 28 5.77 9.23 0.90
N ARG A 29 4.85 9.99 1.48
CA ARG A 29 5.20 10.97 2.50
C ARG A 29 5.68 10.29 3.77
N ASN A 30 4.81 9.52 4.40
CA ASN A 30 5.15 8.81 5.63
C ASN A 30 5.00 7.31 5.44
N GLN A 31 6.12 6.60 5.42
CA GLN A 31 6.12 5.16 5.26
C GLN A 31 5.50 4.47 6.48
N PHE A 32 5.78 5.03 7.66
CA PHE A 32 5.26 4.47 8.91
C PHE A 32 4.15 5.35 9.48
N PRO A 33 2.94 5.21 8.94
CA PRO A 33 1.78 5.98 9.39
C PRO A 33 1.31 5.59 10.78
N GLY A 34 1.37 6.55 11.71
CA GLY A 34 0.96 6.28 13.08
C GLY A 34 -0.54 6.04 13.19
N GLN A 35 -1.10 6.36 14.35
CA GLN A 35 -2.53 6.18 14.59
C GLN A 35 -3.34 7.14 13.73
N SER A 36 -2.98 8.42 13.75
CA SER A 36 -3.68 9.44 12.98
C SER A 36 -3.65 9.10 11.49
N GLU A 37 -2.44 9.01 10.94
CA GLU A 37 -2.26 8.69 9.53
C GLU A 37 -3.30 7.67 9.07
N VAL A 38 -3.28 6.49 9.69
CA VAL A 38 -4.22 5.43 9.35
C VAL A 38 -5.65 5.90 9.49
N GLU A 39 -6.02 6.34 10.68
CA GLU A 39 -7.37 6.83 10.95
C GLU A 39 -7.90 7.62 9.77
N HIS A 40 -7.04 8.43 9.17
CA HIS A 40 -7.41 9.25 8.02
C HIS A 40 -7.64 8.38 6.79
N LEU A 41 -6.61 7.67 6.37
CA LEU A 41 -6.69 6.81 5.20
C LEU A 41 -7.91 5.89 5.28
N THR A 42 -8.03 5.18 6.40
CA THR A 42 -9.14 4.27 6.61
C THR A 42 -10.45 4.87 6.11
N LYS A 43 -10.55 6.19 6.19
CA LYS A 43 -11.75 6.90 5.73
C LYS A 43 -11.59 7.37 4.29
N VAL A 44 -10.37 7.77 3.94
CA VAL A 44 -10.08 8.24 2.59
C VAL A 44 -10.44 7.18 1.55
N THR A 45 -10.20 5.92 1.88
CA THR A 45 -10.49 4.82 0.98
C THR A 45 -11.67 3.99 1.49
N GLY A 46 -11.73 3.81 2.80
CA GLY A 46 -12.82 3.04 3.39
C GLY A 46 -12.39 1.63 3.76
N LEU A 47 -11.27 1.19 3.18
CA LEU A 47 -10.76 -0.15 3.45
C LEU A 47 -10.49 -0.34 4.95
N SER A 48 -10.72 -1.55 5.43
CA SER A 48 -10.50 -1.87 6.84
C SER A 48 -9.12 -1.44 7.28
N THR A 49 -9.02 -0.98 8.52
CA THR A 49 -7.74 -0.54 9.08
C THR A 49 -6.63 -1.53 8.76
N ARG A 50 -6.95 -2.81 8.87
CA ARG A 50 -5.97 -3.86 8.60
C ARG A 50 -5.60 -3.90 7.12
N GLU A 51 -6.57 -3.59 6.26
CA GLU A 51 -6.34 -3.58 4.82
C GLU A 51 -5.46 -2.40 4.41
N VAL A 52 -5.63 -1.28 5.11
CA VAL A 52 -4.85 -0.08 4.82
C VAL A 52 -3.39 -0.27 5.20
N ARG A 53 -3.15 -0.89 6.35
CA ARG A 53 -1.80 -1.14 6.82
C ARG A 53 -1.17 -2.33 6.09
N LYS A 54 -2.03 -3.24 5.63
CA LYS A 54 -1.56 -4.43 4.91
C LYS A 54 -0.88 -4.04 3.61
N TRP A 55 -1.46 -3.07 2.91
CA TRP A 55 -0.90 -2.60 1.64
C TRP A 55 0.49 -2.01 1.84
N PHE A 56 0.59 -1.05 2.77
CA PHE A 56 1.86 -0.40 3.05
C PHE A 56 3.00 -1.40 3.02
N SER A 57 2.78 -2.56 3.63
CA SER A 57 3.80 -3.61 3.67
C SER A 57 4.17 -4.07 2.26
N ASP A 58 3.16 -4.24 1.42
CA ASP A 58 3.37 -4.67 0.04
C ASP A 58 4.40 -3.79 -0.65
N ARG A 59 4.03 -2.53 -0.89
CA ARG A 59 4.92 -1.59 -1.54
C ARG A 59 6.32 -1.65 -0.94
N ARG A 60 6.39 -1.65 0.38
CA ARG A 60 7.67 -1.70 1.09
C ARG A 60 8.50 -2.88 0.60
N TYR A 61 7.88 -4.04 0.51
CA TYR A 61 8.56 -5.25 0.06
C TYR A 61 9.02 -5.12 -1.39
N HIS A 62 8.19 -4.47 -2.20
CA HIS A 62 8.51 -4.26 -3.61
C HIS A 62 9.24 -2.93 -3.82
N CYS A 63 9.95 -2.49 -2.80
CA CYS A 63 10.69 -1.23 -2.86
C CYS A 63 12.19 -1.47 -2.72
N ARG A 64 12.56 -2.28 -1.73
CA ARG A 64 13.96 -2.59 -1.48
C ARG A 64 14.69 -2.88 -2.79
N ASN A 65 14.11 -3.76 -3.60
CA ASN A 65 14.71 -4.14 -4.88
C ASN A 65 13.74 -3.88 -6.03
N LEU A 66 14.15 -3.04 -6.97
CA LEU A 66 13.32 -2.70 -8.12
C LEU A 66 13.80 -3.44 -9.37
N LYS A 67 12.86 -3.91 -10.17
CA LYS A 67 13.19 -4.62 -11.40
C LYS A 67 13.64 -3.65 -12.49
N GLY A 68 14.90 -3.77 -12.90
CA GLY A 68 15.43 -2.90 -13.92
C GLY A 68 14.76 -3.11 -15.27
N SER A 69 13.82 -2.24 -15.60
CA SER A 69 13.10 -2.34 -16.87
C SER A 69 13.15 -1.02 -17.64
N ARG A 70 12.95 -1.10 -18.95
CA ARG A 70 12.99 0.08 -19.79
C ARG A 70 12.04 1.15 -19.27
N SER A 71 12.48 2.40 -19.31
CA SER A 71 11.67 3.52 -18.82
C SER A 71 12.00 4.79 -19.60
N GLY A 72 10.99 5.65 -19.76
CA GLY A 72 11.19 6.90 -20.49
C GLY A 72 10.57 8.08 -19.76
N PRO A 73 11.15 9.28 -19.98
CA PRO A 73 10.67 10.52 -19.36
C PRO A 73 9.32 10.95 -19.91
N SER A 74 8.90 10.34 -21.01
CA SER A 74 7.62 10.66 -21.63
C SER A 74 6.46 10.32 -20.72
N SER A 75 6.04 11.29 -19.90
CA SER A 75 4.95 11.09 -18.97
C SER A 75 3.62 11.51 -19.58
N GLY A 76 2.79 10.53 -19.93
CA GLY A 76 1.50 10.83 -20.53
C GLY A 76 1.19 9.92 -21.70
N GLY A 1 -3.71 -9.81 25.11
CA GLY A 1 -2.86 -10.46 24.12
C GLY A 1 -3.05 -9.87 22.74
N SER A 2 -2.33 -10.42 21.76
CA SER A 2 -2.41 -9.94 20.39
C SER A 2 -2.00 -11.04 19.41
N SER A 3 -2.58 -11.00 18.22
CA SER A 3 -2.29 -11.99 17.19
C SER A 3 -1.67 -11.33 15.95
N GLY A 4 -1.06 -12.14 15.10
CA GLY A 4 -0.45 -11.61 13.90
C GLY A 4 -0.95 -12.30 12.64
N SER A 5 -0.88 -11.59 11.52
CA SER A 5 -1.34 -12.13 10.25
C SER A 5 -0.65 -13.45 9.93
N SER A 6 -1.41 -14.42 9.43
CA SER A 6 -0.87 -15.73 9.09
C SER A 6 -0.43 -15.78 7.63
N GLY A 7 -1.27 -15.24 6.75
CA GLY A 7 -0.95 -15.23 5.34
C GLY A 7 -2.19 -15.17 4.47
N ALA A 8 -3.11 -14.28 4.81
CA ALA A 8 -4.35 -14.13 4.05
C ALA A 8 -4.35 -12.82 3.26
N SER A 9 -3.95 -12.91 1.99
CA SER A 9 -3.90 -11.74 1.12
C SER A 9 -4.58 -12.02 -0.22
N ILE A 10 -5.80 -12.54 -0.15
CA ILE A 10 -6.56 -12.85 -1.35
C ILE A 10 -7.44 -11.67 -1.76
N TYR A 11 -7.68 -11.55 -3.07
CA TYR A 11 -8.49 -10.47 -3.60
C TYR A 11 -9.95 -10.91 -3.76
N LYS A 12 -10.87 -10.01 -3.45
CA LYS A 12 -12.29 -10.29 -3.55
C LYS A 12 -12.90 -9.61 -4.77
N ASN A 13 -12.54 -8.35 -4.97
CA ASN A 13 -13.06 -7.58 -6.10
C ASN A 13 -11.93 -6.78 -6.77
N LYS A 14 -12.22 -6.24 -7.94
CA LYS A 14 -11.24 -5.44 -8.68
C LYS A 14 -10.88 -4.18 -7.92
N LYS A 15 -9.75 -3.57 -8.30
CA LYS A 15 -9.29 -2.35 -7.65
C LYS A 15 -9.12 -1.23 -8.67
N SER A 16 -8.53 -1.56 -9.81
CA SER A 16 -8.30 -0.58 -10.86
C SER A 16 -7.66 0.70 -10.30
N HIS A 17 -6.90 0.53 -9.22
CA HIS A 17 -6.24 1.66 -8.58
C HIS A 17 -7.24 2.73 -8.16
N GLU A 18 -8.33 2.29 -7.53
CA GLU A 18 -9.38 3.20 -7.09
C GLU A 18 -8.98 3.88 -5.77
N GLN A 19 -8.48 3.09 -4.83
CA GLN A 19 -8.07 3.60 -3.54
C GLN A 19 -6.56 3.66 -3.43
N LEU A 20 -5.88 2.90 -4.28
CA LEU A 20 -4.42 2.85 -4.28
C LEU A 20 -3.84 4.27 -4.39
N SER A 21 -4.41 5.06 -5.28
CA SER A 21 -3.95 6.43 -5.49
C SER A 21 -3.78 7.16 -4.15
N ALA A 22 -4.84 7.15 -3.36
CA ALA A 22 -4.83 7.81 -2.05
C ALA A 22 -3.65 7.32 -1.22
N LEU A 23 -3.54 6.00 -1.07
CA LEU A 23 -2.46 5.40 -0.29
C LEU A 23 -1.10 5.93 -0.75
N LYS A 24 -0.91 6.00 -2.07
CA LYS A 24 0.34 6.49 -2.63
C LYS A 24 0.68 7.87 -2.09
N GLY A 25 -0.25 8.81 -2.23
CA GLY A 25 -0.02 10.16 -1.74
C GLY A 25 0.75 10.18 -0.43
N SER A 26 0.21 9.49 0.57
CA SER A 26 0.86 9.44 1.88
C SER A 26 2.11 8.58 1.84
N PHE A 27 1.98 7.37 1.29
CA PHE A 27 3.10 6.45 1.19
C PHE A 27 4.39 7.19 0.87
N CYS A 28 4.31 8.14 -0.06
CA CYS A 28 5.47 8.92 -0.46
C CYS A 28 5.85 9.93 0.63
N ARG A 29 4.85 10.67 1.11
CA ARG A 29 5.08 11.67 2.15
C ARG A 29 5.81 11.05 3.34
N ASN A 30 5.09 10.26 4.13
CA ASN A 30 5.66 9.62 5.29
C ASN A 30 6.09 8.19 4.97
N GLN A 31 7.25 7.80 5.50
CA GLN A 31 7.77 6.46 5.26
C GLN A 31 6.74 5.40 5.61
N PHE A 32 6.22 5.47 6.84
CA PHE A 32 5.22 4.52 7.30
C PHE A 32 4.14 5.22 8.12
N PRO A 33 2.90 4.75 7.98
CA PRO A 33 1.75 5.31 8.71
C PRO A 33 1.80 5.01 10.20
N GLY A 34 1.17 5.87 10.99
CA GLY A 34 1.16 5.69 12.43
C GLY A 34 -0.24 5.45 12.96
N GLN A 35 -0.61 6.17 14.02
CA GLN A 35 -1.92 6.02 14.63
C GLN A 35 -2.91 7.01 14.02
N SER A 36 -2.56 8.28 14.01
CA SER A 36 -3.43 9.32 13.46
C SER A 36 -3.53 9.18 11.94
N GLU A 37 -2.44 8.76 11.32
CA GLU A 37 -2.41 8.59 9.87
C GLU A 37 -3.48 7.59 9.42
N VAL A 38 -3.26 6.31 9.73
CA VAL A 38 -4.18 5.26 9.36
C VAL A 38 -5.63 5.74 9.49
N GLU A 39 -5.98 6.24 10.67
CA GLU A 39 -7.34 6.72 10.93
C GLU A 39 -7.83 7.58 9.76
N HIS A 40 -6.94 8.42 9.24
CA HIS A 40 -7.28 9.30 8.13
C HIS A 40 -7.51 8.49 6.86
N LEU A 41 -6.59 7.59 6.55
CA LEU A 41 -6.69 6.75 5.36
C LEU A 41 -7.97 5.91 5.39
N THR A 42 -8.14 5.15 6.46
CA THR A 42 -9.32 4.31 6.62
C THR A 42 -10.56 5.00 6.08
N LYS A 43 -10.64 6.31 6.27
CA LYS A 43 -11.78 7.10 5.81
C LYS A 43 -11.62 7.46 4.33
N VAL A 44 -10.42 7.90 3.96
CA VAL A 44 -10.15 8.28 2.58
C VAL A 44 -10.52 7.15 1.62
N THR A 45 -10.17 5.92 1.99
CA THR A 45 -10.47 4.76 1.15
C THR A 45 -11.71 4.03 1.65
N GLY A 46 -11.74 3.71 2.93
CA GLY A 46 -12.88 3.03 3.51
C GLY A 46 -12.59 1.58 3.81
N LEU A 47 -11.37 1.12 3.49
CA LEU A 47 -10.97 -0.25 3.74
C LEU A 47 -10.68 -0.48 5.22
N SER A 48 -10.86 -1.71 5.67
CA SER A 48 -10.61 -2.06 7.06
C SER A 48 -9.24 -1.56 7.51
N THR A 49 -9.17 -1.10 8.76
CA THR A 49 -7.93 -0.59 9.31
C THR A 49 -6.76 -1.53 9.02
N ARG A 50 -7.03 -2.83 9.07
CA ARG A 50 -6.00 -3.83 8.80
C ARG A 50 -5.70 -3.90 7.31
N GLU A 51 -6.72 -3.66 6.48
CA GLU A 51 -6.55 -3.71 5.04
C GLU A 51 -5.69 -2.54 4.55
N VAL A 52 -5.81 -1.41 5.24
CA VAL A 52 -5.05 -0.21 4.87
C VAL A 52 -3.58 -0.38 5.22
N ARG A 53 -3.31 -0.70 6.48
CA ARG A 53 -1.93 -0.90 6.94
C ARG A 53 -1.23 -1.98 6.15
N LYS A 54 -1.94 -3.08 5.91
CA LYS A 54 -1.39 -4.20 5.15
C LYS A 54 -0.81 -3.74 3.82
N TRP A 55 -1.64 -3.10 3.01
CA TRP A 55 -1.21 -2.60 1.72
C TRP A 55 0.23 -2.07 1.79
N PHE A 56 0.45 -1.07 2.63
CA PHE A 56 1.77 -0.48 2.79
C PHE A 56 2.86 -1.55 2.73
N SER A 57 2.61 -2.69 3.37
CA SER A 57 3.56 -3.79 3.38
C SER A 57 3.90 -4.24 1.96
N ASP A 58 2.86 -4.36 1.13
CA ASP A 58 3.05 -4.78 -0.25
C ASP A 58 4.05 -3.87 -0.96
N ARG A 59 3.65 -2.62 -1.19
CA ARG A 59 4.52 -1.66 -1.86
C ARG A 59 5.95 -1.72 -1.32
N ARG A 60 6.06 -1.65 0.01
CA ARG A 60 7.36 -1.69 0.67
C ARG A 60 8.15 -2.92 0.22
N TYR A 61 7.57 -4.10 0.44
CA TYR A 61 8.21 -5.35 0.08
C TYR A 61 8.74 -5.29 -1.36
N HIS A 62 8.06 -4.51 -2.20
CA HIS A 62 8.46 -4.38 -3.59
C HIS A 62 9.64 -3.41 -3.72
N CYS A 63 9.59 -2.32 -2.96
CA CYS A 63 10.65 -1.32 -3.00
C CYS A 63 11.97 -1.90 -2.51
N ARG A 64 11.91 -2.62 -1.39
CA ARG A 64 13.10 -3.23 -0.81
C ARG A 64 13.66 -4.30 -1.73
N ASN A 65 14.93 -4.66 -1.52
CA ASN A 65 15.58 -5.68 -2.35
C ASN A 65 15.10 -5.61 -3.78
N LEU A 66 15.15 -4.41 -4.37
CA LEU A 66 14.72 -4.21 -5.75
C LEU A 66 15.72 -3.34 -6.51
N LYS A 67 16.01 -3.73 -7.75
CA LYS A 67 16.94 -2.99 -8.58
C LYS A 67 16.27 -1.76 -9.19
N GLY A 68 17.07 -0.73 -9.48
CA GLY A 68 16.53 0.48 -10.07
C GLY A 68 15.95 1.41 -9.03
N SER A 69 16.75 1.76 -8.01
CA SER A 69 16.30 2.63 -6.95
C SER A 69 17.44 3.51 -6.44
N ARG A 70 17.12 4.42 -5.54
CA ARG A 70 18.13 5.32 -4.97
C ARG A 70 18.24 5.12 -3.46
N SER A 71 19.45 5.30 -2.92
CA SER A 71 19.68 5.14 -1.50
C SER A 71 19.89 6.50 -0.84
N GLY A 72 19.09 6.78 0.19
CA GLY A 72 19.20 8.04 0.90
C GLY A 72 18.62 7.98 2.30
N PRO A 73 19.41 7.45 3.25
CA PRO A 73 18.98 7.32 4.64
C PRO A 73 18.88 8.67 5.34
N SER A 74 17.65 9.15 5.50
CA SER A 74 17.42 10.43 6.15
C SER A 74 17.06 10.24 7.62
N SER A 75 17.81 10.91 8.50
CA SER A 75 17.57 10.80 9.94
C SER A 75 17.29 12.17 10.54
N GLY A 76 16.62 12.18 11.68
CA GLY A 76 16.29 13.42 12.35
C GLY A 76 14.90 13.93 11.98
N GLY A 1 -4.94 -1.13 -17.79
CA GLY A 1 -5.87 -2.06 -17.18
C GLY A 1 -6.74 -2.76 -18.21
N SER A 2 -7.32 -1.99 -19.12
CA SER A 2 -8.18 -2.54 -20.16
C SER A 2 -7.36 -3.10 -21.31
N SER A 3 -6.28 -3.79 -20.97
CA SER A 3 -5.40 -4.38 -21.98
C SER A 3 -6.21 -4.97 -23.13
N GLY A 4 -7.28 -5.68 -22.79
CA GLY A 4 -8.12 -6.29 -23.80
C GLY A 4 -8.67 -7.64 -23.38
N SER A 5 -7.77 -8.55 -23.05
CA SER A 5 -8.16 -9.89 -22.63
C SER A 5 -8.26 -9.97 -21.11
N SER A 6 -9.42 -10.40 -20.62
CA SER A 6 -9.66 -10.52 -19.19
C SER A 6 -8.51 -11.27 -18.51
N GLY A 7 -8.22 -10.90 -17.27
CA GLY A 7 -7.15 -11.55 -16.53
C GLY A 7 -7.37 -13.04 -16.37
N ALA A 8 -6.63 -13.64 -15.45
CA ALA A 8 -6.75 -15.08 -15.20
C ALA A 8 -8.09 -15.41 -14.55
N SER A 9 -8.31 -16.70 -14.31
CA SER A 9 -9.56 -17.15 -13.70
C SER A 9 -9.85 -16.38 -12.42
N ILE A 10 -8.92 -16.42 -11.48
CA ILE A 10 -9.07 -15.72 -10.22
C ILE A 10 -8.14 -14.53 -10.13
N TYR A 11 -8.72 -13.35 -9.86
CA TYR A 11 -7.94 -12.12 -9.75
C TYR A 11 -8.70 -11.06 -8.96
N LYS A 12 -8.24 -10.80 -7.74
CA LYS A 12 -8.88 -9.81 -6.88
C LYS A 12 -8.21 -8.44 -7.04
N ASN A 13 -7.88 -8.10 -8.28
CA ASN A 13 -7.23 -6.82 -8.56
C ASN A 13 -8.27 -5.72 -8.79
N LYS A 14 -9.31 -5.73 -7.97
CA LYS A 14 -10.38 -4.74 -8.07
C LYS A 14 -10.10 -3.55 -7.14
N LYS A 15 -9.48 -2.51 -7.69
CA LYS A 15 -9.17 -1.31 -6.91
C LYS A 15 -9.19 -0.08 -7.79
N SER A 16 -9.55 1.06 -7.21
CA SER A 16 -9.61 2.32 -7.94
C SER A 16 -8.47 3.24 -7.53
N HIS A 17 -7.83 3.86 -8.51
CA HIS A 17 -6.72 4.77 -8.25
C HIS A 17 -7.06 5.74 -7.13
N GLU A 18 -8.25 6.34 -7.22
CA GLU A 18 -8.70 7.30 -6.21
C GLU A 18 -8.21 6.89 -4.83
N GLN A 19 -8.29 5.60 -4.52
CA GLN A 19 -7.86 5.08 -3.24
C GLN A 19 -6.34 4.94 -3.19
N LEU A 20 -5.77 4.36 -4.24
CA LEU A 20 -4.33 4.15 -4.33
C LEU A 20 -3.59 5.45 -4.06
N SER A 21 -4.02 6.52 -4.73
CA SER A 21 -3.39 7.82 -4.57
C SER A 21 -3.17 8.15 -3.09
N ALA A 22 -4.27 8.12 -2.32
CA ALA A 22 -4.20 8.41 -0.90
C ALA A 22 -3.08 7.63 -0.23
N LEU A 23 -3.17 6.31 -0.29
CA LEU A 23 -2.16 5.44 0.32
C LEU A 23 -0.76 5.82 -0.18
N LYS A 24 -0.57 5.75 -1.48
CA LYS A 24 0.73 6.08 -2.08
C LYS A 24 1.27 7.39 -1.51
N GLY A 25 0.42 8.40 -1.43
CA GLY A 25 0.83 9.69 -0.89
C GLY A 25 1.56 9.55 0.42
N SER A 26 0.91 8.94 1.41
CA SER A 26 1.50 8.76 2.73
C SER A 26 2.68 7.79 2.67
N PHE A 27 2.39 6.55 2.29
CA PHE A 27 3.42 5.52 2.20
C PHE A 27 4.74 6.11 1.71
N CYS A 28 4.65 7.01 0.73
CA CYS A 28 5.83 7.66 0.18
C CYS A 28 6.27 8.84 1.05
N ARG A 29 5.32 9.74 1.33
CA ARG A 29 5.61 10.91 2.15
C ARG A 29 6.53 10.55 3.31
N ASN A 30 6.11 9.57 4.10
CA ASN A 30 6.88 9.13 5.26
C ASN A 30 7.06 7.62 5.25
N GLN A 31 8.22 7.16 5.73
CA GLN A 31 8.51 5.74 5.77
C GLN A 31 7.29 4.94 6.25
N PHE A 32 6.71 5.39 7.35
CA PHE A 32 5.53 4.73 7.91
C PHE A 32 4.48 5.74 8.33
N PRO A 33 3.20 5.38 8.15
CA PRO A 33 2.07 6.25 8.52
C PRO A 33 1.92 6.40 10.02
N GLY A 34 0.85 7.07 10.44
CA GLY A 34 0.61 7.27 11.86
C GLY A 34 -0.77 6.83 12.28
N GLN A 35 -1.04 6.85 13.58
CA GLN A 35 -2.33 6.44 14.11
C GLN A 35 -3.44 7.30 13.55
N SER A 36 -3.22 8.62 13.54
CA SER A 36 -4.22 9.55 13.03
C SER A 36 -4.42 9.37 11.53
N GLU A 37 -3.33 9.38 10.78
CA GLU A 37 -3.39 9.22 9.33
C GLU A 37 -4.16 7.95 8.97
N VAL A 38 -3.65 6.81 9.42
CA VAL A 38 -4.30 5.53 9.15
C VAL A 38 -5.78 5.56 9.50
N GLU A 39 -6.09 6.00 10.71
CA GLU A 39 -7.47 6.08 11.17
C GLU A 39 -8.32 6.83 10.16
N HIS A 40 -7.72 7.79 9.47
CA HIS A 40 -8.43 8.59 8.48
C HIS A 40 -8.51 7.85 7.15
N LEU A 41 -7.37 7.37 6.67
CA LEU A 41 -7.31 6.64 5.41
C LEU A 41 -8.43 5.60 5.33
N THR A 42 -8.50 4.73 6.31
CA THR A 42 -9.52 3.69 6.36
C THR A 42 -10.90 4.27 6.03
N LYS A 43 -11.08 5.55 6.33
CA LYS A 43 -12.35 6.22 6.07
C LYS A 43 -12.43 6.68 4.62
N VAL A 44 -11.33 7.22 4.12
CA VAL A 44 -11.27 7.70 2.75
C VAL A 44 -11.39 6.56 1.75
N THR A 45 -10.66 5.48 1.99
CA THR A 45 -10.69 4.32 1.12
C THR A 45 -11.69 3.29 1.62
N GLY A 46 -12.15 3.46 2.85
CA GLY A 46 -13.13 2.54 3.41
C GLY A 46 -12.48 1.29 3.99
N LEU A 47 -11.33 0.92 3.43
CA LEU A 47 -10.60 -0.27 3.89
C LEU A 47 -10.34 -0.20 5.39
N SER A 48 -10.50 -1.33 6.07
CA SER A 48 -10.28 -1.41 7.50
C SER A 48 -8.87 -0.95 7.86
N THR A 49 -8.72 -0.40 9.05
CA THR A 49 -7.41 0.06 9.52
C THR A 49 -6.32 -0.93 9.17
N ARG A 50 -6.54 -2.20 9.51
CA ARG A 50 -5.56 -3.24 9.22
C ARG A 50 -5.26 -3.32 7.73
N GLU A 51 -6.31 -3.22 6.91
CA GLU A 51 -6.16 -3.29 5.46
C GLU A 51 -5.36 -2.09 4.95
N VAL A 52 -5.53 -0.95 5.61
CA VAL A 52 -4.82 0.28 5.22
C VAL A 52 -3.34 0.16 5.53
N ARG A 53 -3.01 -0.43 6.67
CA ARG A 53 -1.62 -0.59 7.07
C ARG A 53 -0.94 -1.69 6.25
N LYS A 54 -1.67 -2.77 6.00
CA LYS A 54 -1.14 -3.89 5.23
C LYS A 54 -0.72 -3.43 3.83
N TRP A 55 -1.62 -2.73 3.16
CA TRP A 55 -1.35 -2.24 1.81
C TRP A 55 0.04 -1.59 1.74
N PHE A 56 0.30 -0.65 2.64
CA PHE A 56 1.59 0.04 2.67
C PHE A 56 2.72 -0.93 2.39
N SER A 57 2.68 -2.10 3.02
CA SER A 57 3.71 -3.11 2.84
C SER A 57 3.72 -3.63 1.42
N ASP A 58 2.54 -3.73 0.82
CA ASP A 58 2.40 -4.21 -0.55
C ASP A 58 3.28 -3.40 -1.50
N ARG A 59 3.06 -2.09 -1.53
CA ARG A 59 3.83 -1.21 -2.40
C ARG A 59 5.33 -1.45 -2.23
N ARG A 60 5.83 -1.18 -1.03
CA ARG A 60 7.24 -1.37 -0.73
C ARG A 60 7.69 -2.79 -1.08
N TYR A 61 6.75 -3.73 -0.99
CA TYR A 61 7.05 -5.12 -1.29
C TYR A 61 7.17 -5.35 -2.79
N HIS A 62 6.33 -4.67 -3.56
CA HIS A 62 6.34 -4.80 -5.01
C HIS A 62 7.71 -4.41 -5.58
N CYS A 63 8.42 -3.56 -4.85
CA CYS A 63 9.74 -3.11 -5.28
C CYS A 63 10.66 -4.30 -5.57
N ARG A 64 10.94 -5.09 -4.52
CA ARG A 64 11.80 -6.25 -4.66
C ARG A 64 11.19 -7.27 -5.63
N ASN A 65 12.06 -7.98 -6.34
CA ASN A 65 11.60 -8.97 -7.30
C ASN A 65 10.74 -8.34 -8.39
N LEU A 66 11.17 -7.18 -8.88
CA LEU A 66 10.44 -6.46 -9.92
C LEU A 66 11.40 -5.92 -10.97
N LYS A 67 10.89 -5.76 -12.19
CA LYS A 67 11.70 -5.24 -13.29
C LYS A 67 11.41 -3.76 -13.52
N GLY A 68 10.15 -3.44 -13.83
CA GLY A 68 9.77 -2.07 -14.06
C GLY A 68 9.00 -1.90 -15.36
N SER A 69 8.03 -2.78 -15.60
CA SER A 69 7.23 -2.72 -16.81
C SER A 69 6.59 -1.35 -16.97
N ARG A 70 7.00 -0.63 -18.01
CA ARG A 70 6.47 0.70 -18.29
C ARG A 70 5.02 0.62 -18.78
N SER A 71 4.83 -0.10 -19.88
CA SER A 71 3.50 -0.26 -20.47
C SER A 71 3.01 1.06 -21.04
N GLY A 72 3.89 1.79 -21.70
CA GLY A 72 3.52 3.06 -22.29
C GLY A 72 3.82 3.13 -23.78
N PRO A 73 2.98 3.85 -24.52
CA PRO A 73 3.14 4.00 -25.98
C PRO A 73 4.35 4.86 -26.34
N SER A 74 5.35 4.23 -26.93
CA SER A 74 6.58 4.92 -27.33
C SER A 74 6.52 5.31 -28.80
N SER A 75 7.26 6.36 -29.16
CA SER A 75 7.30 6.84 -30.54
C SER A 75 7.93 5.80 -31.45
N GLY A 76 9.06 5.25 -31.02
CA GLY A 76 9.75 4.25 -31.81
C GLY A 76 10.10 3.01 -31.01
N GLY A 1 -0.17 -9.92 18.34
CA GLY A 1 -0.13 -8.48 18.45
C GLY A 1 0.68 -7.83 17.34
N SER A 2 1.94 -8.24 17.22
CA SER A 2 2.83 -7.69 16.19
C SER A 2 2.99 -8.67 15.04
N SER A 3 3.41 -9.89 15.35
CA SER A 3 3.62 -10.92 14.34
C SER A 3 2.33 -11.16 13.56
N GLY A 4 2.45 -11.13 12.23
CA GLY A 4 1.29 -11.34 11.38
C GLY A 4 0.92 -12.81 11.27
N SER A 5 0.08 -13.13 10.28
CA SER A 5 -0.35 -14.52 10.08
C SER A 5 -0.24 -14.91 8.61
N SER A 6 -0.30 -16.21 8.34
CA SER A 6 -0.21 -16.71 6.98
C SER A 6 -1.32 -16.13 6.11
N GLY A 7 -1.14 -16.23 4.79
CA GLY A 7 -2.13 -15.70 3.87
C GLY A 7 -3.37 -16.58 3.78
N ALA A 8 -4.22 -16.32 2.81
CA ALA A 8 -5.44 -17.10 2.62
C ALA A 8 -6.08 -16.80 1.27
N SER A 9 -6.66 -17.82 0.65
CA SER A 9 -7.30 -17.67 -0.65
C SER A 9 -8.69 -17.06 -0.50
N ILE A 10 -8.73 -15.73 -0.43
CA ILE A 10 -9.99 -15.01 -0.30
C ILE A 10 -10.48 -14.47 -1.63
N TYR A 11 -11.76 -14.15 -1.71
CA TYR A 11 -12.35 -13.63 -2.93
C TYR A 11 -11.90 -12.19 -3.19
N LYS A 12 -10.77 -12.05 -3.88
CA LYS A 12 -10.23 -10.73 -4.19
C LYS A 12 -11.17 -9.95 -5.10
N ASN A 13 -10.85 -8.69 -5.34
CA ASN A 13 -11.67 -7.84 -6.19
C ASN A 13 -10.86 -6.65 -6.73
N LYS A 14 -10.74 -6.57 -8.04
CA LYS A 14 -10.00 -5.48 -8.68
C LYS A 14 -10.16 -4.18 -7.90
N LYS A 15 -9.08 -3.73 -7.28
CA LYS A 15 -9.11 -2.50 -6.51
C LYS A 15 -9.22 -1.28 -7.43
N SER A 16 -9.45 -0.12 -6.83
CA SER A 16 -9.59 1.13 -7.59
C SER A 16 -8.41 2.04 -7.33
N HIS A 17 -7.89 2.64 -8.40
CA HIS A 17 -6.75 3.56 -8.28
C HIS A 17 -7.02 4.64 -7.25
N GLU A 18 -8.19 5.27 -7.35
CA GLU A 18 -8.58 6.33 -6.44
C GLU A 18 -8.07 6.04 -5.03
N GLN A 19 -8.11 4.76 -4.64
CA GLN A 19 -7.65 4.36 -3.32
C GLN A 19 -6.13 4.22 -3.29
N LEU A 20 -5.57 3.65 -4.36
CA LEU A 20 -4.13 3.46 -4.45
C LEU A 20 -3.39 4.78 -4.29
N SER A 21 -3.62 5.70 -5.23
CA SER A 21 -2.98 7.01 -5.19
C SER A 21 -3.04 7.60 -3.79
N ALA A 22 -4.21 7.53 -3.18
CA ALA A 22 -4.40 8.07 -1.83
C ALA A 22 -3.29 7.60 -0.90
N LEU A 23 -3.07 6.29 -0.85
CA LEU A 23 -2.03 5.72 0.00
C LEU A 23 -0.64 6.07 -0.50
N LYS A 24 -0.50 6.10 -1.83
CA LYS A 24 0.78 6.43 -2.44
C LYS A 24 1.25 7.82 -2.02
N GLY A 25 0.32 8.78 -2.01
CA GLY A 25 0.66 10.13 -1.62
C GLY A 25 1.29 10.20 -0.23
N SER A 26 0.73 9.45 0.71
CA SER A 26 1.23 9.44 2.07
C SER A 26 2.51 8.61 2.17
N PHE A 27 2.43 7.35 1.76
CA PHE A 27 3.57 6.45 1.80
C PHE A 27 4.86 7.21 1.51
N CYS A 28 4.78 8.16 0.58
CA CYS A 28 5.94 8.96 0.21
C CYS A 28 6.32 9.92 1.33
N ARG A 29 5.40 10.82 1.68
CA ARG A 29 5.65 11.79 2.73
C ARG A 29 6.20 11.12 3.98
N ASN A 30 5.34 10.42 4.70
CA ASN A 30 5.75 9.73 5.92
C ASN A 30 5.98 8.24 5.65
N GLN A 31 7.20 7.78 5.95
CA GLN A 31 7.55 6.38 5.74
C GLN A 31 6.47 5.46 6.30
N PHE A 32 6.17 5.63 7.59
CA PHE A 32 5.16 4.81 8.25
C PHE A 32 3.95 5.65 8.65
N PRO A 33 2.75 5.05 8.54
CA PRO A 33 1.49 5.73 8.89
C PRO A 33 1.36 5.97 10.40
N GLY A 34 0.77 7.11 10.76
CA GLY A 34 0.60 7.43 12.16
C GLY A 34 -0.81 7.15 12.64
N GLN A 35 -1.03 7.31 13.94
CA GLN A 35 -2.33 7.07 14.54
C GLN A 35 -3.43 7.77 13.74
N SER A 36 -3.22 9.04 13.44
CA SER A 36 -4.18 9.83 12.68
C SER A 36 -4.23 9.38 11.23
N GLU A 37 -3.06 9.12 10.65
CA GLU A 37 -2.97 8.68 9.27
C GLU A 37 -3.88 7.49 9.02
N VAL A 38 -3.61 6.39 9.70
CA VAL A 38 -4.40 5.18 9.55
C VAL A 38 -5.90 5.48 9.68
N GLU A 39 -6.26 6.17 10.75
CA GLU A 39 -7.65 6.52 10.99
C GLU A 39 -8.24 7.26 9.79
N HIS A 40 -7.40 8.04 9.12
CA HIS A 40 -7.84 8.82 7.96
C HIS A 40 -8.01 7.90 6.75
N LEU A 41 -6.95 7.22 6.37
CA LEU A 41 -6.99 6.32 5.22
C LEU A 41 -8.17 5.36 5.33
N THR A 42 -8.35 4.77 6.50
CA THR A 42 -9.44 3.83 6.73
C THR A 42 -10.77 4.43 6.32
N LYS A 43 -10.81 5.76 6.21
CA LYS A 43 -12.03 6.45 5.82
C LYS A 43 -12.09 6.65 4.31
N VAL A 44 -10.95 7.01 3.72
CA VAL A 44 -10.86 7.23 2.28
C VAL A 44 -11.17 5.95 1.51
N THR A 45 -10.44 4.89 1.81
CA THR A 45 -10.63 3.61 1.15
C THR A 45 -11.84 2.88 1.72
N GLY A 46 -11.97 2.89 3.05
CA GLY A 46 -13.10 2.22 3.68
C GLY A 46 -12.76 0.81 4.13
N LEU A 47 -11.47 0.48 4.09
CA LEU A 47 -11.01 -0.85 4.49
C LEU A 47 -10.81 -0.93 6.00
N SER A 48 -10.35 -2.08 6.47
CA SER A 48 -10.11 -2.29 7.89
C SER A 48 -8.73 -1.77 8.29
N THR A 49 -8.64 -1.26 9.52
CA THR A 49 -7.38 -0.72 10.02
C THR A 49 -6.21 -1.67 9.71
N ARG A 50 -6.51 -2.96 9.63
CA ARG A 50 -5.49 -3.96 9.33
C ARG A 50 -5.18 -3.99 7.83
N GLU A 51 -6.22 -3.93 7.02
CA GLU A 51 -6.06 -3.96 5.57
C GLU A 51 -5.19 -2.79 5.10
N VAL A 52 -5.39 -1.63 5.70
CA VAL A 52 -4.61 -0.44 5.35
C VAL A 52 -3.15 -0.60 5.73
N ARG A 53 -2.91 -1.03 6.96
CA ARG A 53 -1.55 -1.23 7.45
C ARG A 53 -0.84 -2.31 6.65
N LYS A 54 -1.61 -3.22 6.07
CA LYS A 54 -1.05 -4.30 5.28
C LYS A 54 -0.62 -3.80 3.90
N TRP A 55 -1.34 -2.82 3.38
CA TRP A 55 -1.05 -2.24 2.07
C TRP A 55 0.36 -1.63 2.06
N PHE A 56 0.65 -0.81 3.05
CA PHE A 56 1.95 -0.15 3.15
C PHE A 56 3.07 -1.14 2.83
N SER A 57 2.99 -2.33 3.42
CA SER A 57 4.00 -3.35 3.22
C SER A 57 4.11 -3.72 1.73
N ASP A 58 2.96 -3.86 1.09
CA ASP A 58 2.91 -4.20 -0.33
C ASP A 58 3.73 -3.22 -1.15
N ARG A 59 3.25 -1.99 -1.26
CA ARG A 59 3.94 -0.95 -2.01
C ARG A 59 5.44 -1.06 -1.84
N ARG A 60 5.90 -1.05 -0.59
CA ARG A 60 7.32 -1.15 -0.30
C ARG A 60 7.98 -2.22 -1.15
N TYR A 61 7.42 -3.43 -1.12
CA TYR A 61 7.95 -4.54 -1.89
C TYR A 61 8.18 -4.15 -3.34
N HIS A 62 7.14 -3.60 -3.96
CA HIS A 62 7.22 -3.17 -5.35
C HIS A 62 8.46 -2.30 -5.58
N CYS A 63 8.82 -1.52 -4.58
CA CYS A 63 9.98 -0.64 -4.67
C CYS A 63 11.08 -1.09 -3.70
N ARG A 64 11.53 -2.32 -3.86
CA ARG A 64 12.58 -2.87 -3.00
C ARG A 64 13.94 -2.77 -3.69
N ASN A 65 14.04 -3.33 -4.89
CA ASN A 65 15.30 -3.30 -5.64
C ASN A 65 15.08 -2.69 -7.02
N LEU A 66 15.14 -1.36 -7.09
CA LEU A 66 14.95 -0.66 -8.35
C LEU A 66 16.20 0.16 -8.71
N LYS A 67 16.87 -0.24 -9.78
CA LYS A 67 18.07 0.46 -10.21
C LYS A 67 17.71 1.77 -10.93
N GLY A 68 18.31 2.86 -10.46
CA GLY A 68 18.03 4.16 -11.06
C GLY A 68 19.16 4.63 -11.95
N SER A 69 19.35 5.95 -12.02
CA SER A 69 20.40 6.52 -12.85
C SER A 69 21.70 6.67 -12.06
N ARG A 70 22.74 5.97 -12.49
CA ARG A 70 24.03 6.03 -11.81
C ARG A 70 25.17 6.04 -12.83
N SER A 71 25.87 7.17 -12.92
CA SER A 71 26.98 7.30 -13.86
C SER A 71 28.13 6.39 -13.46
N GLY A 72 27.99 5.10 -13.74
CA GLY A 72 29.02 4.14 -13.42
C GLY A 72 28.53 3.06 -12.48
N PRO A 73 27.77 2.09 -13.01
CA PRO A 73 27.23 0.98 -12.23
C PRO A 73 28.31 0.01 -11.77
N SER A 74 29.20 -0.36 -12.69
CA SER A 74 30.27 -1.29 -12.39
C SER A 74 31.12 -0.78 -11.21
N SER A 75 30.78 -1.21 -10.01
CA SER A 75 31.50 -0.80 -8.82
C SER A 75 32.75 -1.65 -8.61
N GLY A 76 33.91 -1.04 -8.79
CA GLY A 76 35.16 -1.75 -8.61
C GLY A 76 35.68 -1.69 -7.19
N GLY A 1 -1.32 -36.76 1.44
CA GLY A 1 -0.40 -36.00 2.25
C GLY A 1 0.36 -34.95 1.45
N SER A 2 -0.01 -33.69 1.64
CA SER A 2 0.63 -32.59 0.92
C SER A 2 0.69 -31.33 1.80
N SER A 3 1.32 -30.29 1.27
CA SER A 3 1.45 -29.04 2.00
C SER A 3 0.81 -27.88 1.23
N GLY A 4 0.81 -26.70 1.83
CA GLY A 4 0.23 -25.54 1.18
C GLY A 4 0.67 -24.24 1.83
N SER A 5 0.36 -23.12 1.17
CA SER A 5 0.73 -21.81 1.69
C SER A 5 -0.49 -20.91 1.80
N SER A 6 -0.47 -20.01 2.78
CA SER A 6 -1.58 -19.09 3.01
C SER A 6 -1.38 -17.80 2.22
N GLY A 7 -2.49 -17.22 1.77
CA GLY A 7 -2.42 -15.98 1.00
C GLY A 7 -3.32 -16.00 -0.21
N ALA A 8 -4.37 -15.18 -0.16
CA ALA A 8 -5.33 -15.10 -1.26
C ALA A 8 -5.86 -13.67 -1.42
N SER A 9 -5.60 -13.07 -2.57
CA SER A 9 -6.05 -11.71 -2.84
C SER A 9 -7.35 -11.72 -3.66
N ILE A 10 -7.93 -10.54 -3.84
CA ILE A 10 -9.17 -10.41 -4.60
C ILE A 10 -8.89 -9.94 -6.03
N TYR A 11 -7.89 -10.55 -6.67
CA TYR A 11 -7.53 -10.18 -8.03
C TYR A 11 -8.74 -10.19 -8.95
N LYS A 12 -9.60 -11.20 -8.78
CA LYS A 12 -10.81 -11.31 -9.58
C LYS A 12 -11.52 -9.98 -9.71
N ASN A 13 -11.29 -9.10 -8.73
CA ASN A 13 -11.91 -7.78 -8.74
C ASN A 13 -10.85 -6.69 -8.68
N LYS A 14 -10.80 -5.85 -9.72
CA LYS A 14 -9.83 -4.76 -9.79
C LYS A 14 -10.00 -3.82 -8.60
N LYS A 15 -8.87 -3.32 -8.09
CA LYS A 15 -8.89 -2.41 -6.95
C LYS A 15 -9.10 -0.97 -7.41
N SER A 16 -9.90 -0.22 -6.66
CA SER A 16 -10.19 1.17 -6.99
C SER A 16 -8.90 1.99 -7.05
N HIS A 17 -8.78 2.83 -8.06
CA HIS A 17 -7.60 3.67 -8.23
C HIS A 17 -7.73 4.95 -7.40
N GLU A 18 -8.93 5.50 -7.37
CA GLU A 18 -9.19 6.73 -6.62
C GLU A 18 -8.53 6.68 -5.24
N GLN A 19 -8.92 5.69 -4.44
CA GLN A 19 -8.37 5.53 -3.10
C GLN A 19 -6.90 5.13 -3.17
N LEU A 20 -6.52 4.48 -4.25
CA LEU A 20 -5.14 4.03 -4.45
C LEU A 20 -4.18 5.22 -4.39
N SER A 21 -4.39 6.20 -5.26
CA SER A 21 -3.53 7.37 -5.31
C SER A 21 -3.29 7.92 -3.91
N ALA A 22 -4.34 7.97 -3.10
CA ALA A 22 -4.24 8.47 -1.74
C ALA A 22 -3.08 7.82 -1.00
N LEU A 23 -3.17 6.51 -0.80
CA LEU A 23 -2.13 5.76 -0.12
C LEU A 23 -0.75 6.07 -0.70
N LYS A 24 -0.60 5.85 -2.00
CA LYS A 24 0.66 6.11 -2.68
C LYS A 24 1.28 7.41 -2.19
N GLY A 25 0.48 8.47 -2.17
CA GLY A 25 0.97 9.76 -1.73
C GLY A 25 1.61 9.69 -0.35
N SER A 26 0.85 9.23 0.64
CA SER A 26 1.35 9.13 2.00
C SER A 26 2.56 8.21 2.06
N PHE A 27 2.39 6.99 1.57
CA PHE A 27 3.48 6.01 1.57
C PHE A 27 4.81 6.66 1.22
N CYS A 28 4.78 7.55 0.24
CA CYS A 28 5.99 8.25 -0.19
C CYS A 28 6.42 9.28 0.86
N ARG A 29 5.51 10.18 1.20
CA ARG A 29 5.80 11.22 2.19
C ARG A 29 6.38 10.61 3.46
N ASN A 30 5.58 9.76 4.11
CA ASN A 30 6.02 9.12 5.34
C ASN A 30 6.15 7.61 5.15
N GLN A 31 7.35 7.09 5.43
CA GLN A 31 7.61 5.66 5.29
C GLN A 31 6.43 4.84 5.79
N PHE A 32 5.96 5.15 6.99
CA PHE A 32 4.83 4.43 7.58
C PHE A 32 3.99 5.37 8.43
N PRO A 33 2.66 5.14 8.40
CA PRO A 33 1.71 5.96 9.17
C PRO A 33 1.82 5.74 10.67
N GLY A 34 0.95 6.39 11.43
CA GLY A 34 0.97 6.25 12.88
C GLY A 34 -0.40 5.94 13.44
N GLN A 35 -1.05 6.96 14.00
CA GLN A 35 -2.37 6.79 14.58
C GLN A 35 -3.41 7.62 13.82
N SER A 36 -3.17 8.93 13.73
CA SER A 36 -4.09 9.83 13.04
C SER A 36 -4.13 9.51 11.55
N GLU A 37 -2.96 9.21 10.98
CA GLU A 37 -2.87 8.89 9.56
C GLU A 37 -3.84 7.78 9.18
N VAL A 38 -3.73 6.64 9.86
CA VAL A 38 -4.60 5.51 9.59
C VAL A 38 -6.06 5.91 9.66
N GLU A 39 -6.47 6.45 10.80
CA GLU A 39 -7.86 6.89 11.00
C GLU A 39 -8.37 7.63 9.77
N HIS A 40 -7.52 8.46 9.19
CA HIS A 40 -7.89 9.24 8.01
C HIS A 40 -8.05 8.33 6.80
N LEU A 41 -6.96 7.65 6.42
CA LEU A 41 -6.98 6.76 5.28
C LEU A 41 -8.17 5.80 5.35
N THR A 42 -8.27 5.08 6.46
CA THR A 42 -9.35 4.13 6.66
C THR A 42 -10.66 4.66 6.07
N LYS A 43 -10.82 5.97 6.10
CA LYS A 43 -12.02 6.60 5.56
C LYS A 43 -11.87 6.88 4.07
N VAL A 44 -10.68 7.31 3.67
CA VAL A 44 -10.40 7.62 2.28
C VAL A 44 -10.48 6.36 1.41
N THR A 45 -10.17 5.21 2.01
CA THR A 45 -10.22 3.96 1.30
C THR A 45 -11.40 3.11 1.75
N GLY A 46 -11.70 3.16 3.04
CA GLY A 46 -12.81 2.39 3.57
C GLY A 46 -12.41 0.99 3.97
N LEU A 47 -11.15 0.64 3.72
CA LEU A 47 -10.64 -0.68 4.05
C LEU A 47 -10.36 -0.80 5.55
N SER A 48 -10.65 -1.97 6.11
CA SER A 48 -10.44 -2.22 7.52
C SER A 48 -9.07 -1.70 7.97
N THR A 49 -9.03 -1.10 9.16
CA THR A 49 -7.78 -0.55 9.69
C THR A 49 -6.61 -1.48 9.41
N ARG A 50 -6.84 -2.78 9.60
CA ARG A 50 -5.80 -3.78 9.37
C ARG A 50 -5.49 -3.90 7.88
N GLU A 51 -6.51 -3.79 7.05
CA GLU A 51 -6.33 -3.88 5.61
C GLU A 51 -5.53 -2.70 5.07
N VAL A 52 -5.71 -1.54 5.70
CA VAL A 52 -4.99 -0.34 5.29
C VAL A 52 -3.50 -0.44 5.60
N ARG A 53 -3.19 -0.77 6.85
CA ARG A 53 -1.79 -0.91 7.26
C ARG A 53 -1.12 -2.07 6.55
N LYS A 54 -1.88 -3.13 6.31
CA LYS A 54 -1.35 -4.31 5.64
C LYS A 54 -0.80 -3.95 4.26
N TRP A 55 -1.57 -3.20 3.50
CA TRP A 55 -1.15 -2.77 2.17
C TRP A 55 0.28 -2.26 2.18
N PHE A 56 0.55 -1.28 3.03
CA PHE A 56 1.88 -0.70 3.15
C PHE A 56 2.95 -1.78 3.04
N SER A 57 2.69 -2.92 3.69
CA SER A 57 3.64 -4.03 3.68
C SER A 57 3.90 -4.51 2.26
N ASP A 58 2.83 -4.71 1.50
CA ASP A 58 2.94 -5.16 0.11
C ASP A 58 3.95 -4.31 -0.66
N ARG A 59 3.62 -3.03 -0.83
CA ARG A 59 4.49 -2.10 -1.54
C ARG A 59 5.93 -2.23 -1.06
N ARG A 60 6.11 -2.23 0.26
CA ARG A 60 7.44 -2.33 0.85
C ARG A 60 8.16 -3.57 0.35
N TYR A 61 7.49 -4.72 0.42
CA TYR A 61 8.06 -5.98 -0.02
C TYR A 61 8.65 -5.85 -1.42
N HIS A 62 7.85 -5.32 -2.35
CA HIS A 62 8.29 -5.13 -3.72
C HIS A 62 9.74 -4.64 -3.77
N CYS A 63 10.05 -3.65 -2.93
CA CYS A 63 11.39 -3.11 -2.88
C CYS A 63 12.41 -4.17 -2.48
N ARG A 64 12.05 -4.99 -1.50
CA ARG A 64 12.93 -6.04 -1.02
C ARG A 64 13.64 -6.73 -2.18
N ASN A 65 12.90 -6.99 -3.25
CA ASN A 65 13.45 -7.64 -4.43
C ASN A 65 13.43 -6.69 -5.63
N LEU A 66 14.62 -6.35 -6.13
CA LEU A 66 14.73 -5.46 -7.28
C LEU A 66 15.96 -5.82 -8.12
N LYS A 67 15.72 -6.33 -9.32
CA LYS A 67 16.79 -6.71 -10.22
C LYS A 67 17.91 -5.67 -10.20
N GLY A 68 19.14 -6.12 -10.44
CA GLY A 68 20.27 -5.21 -10.44
C GLY A 68 20.53 -4.61 -11.81
N SER A 69 20.90 -5.45 -12.76
CA SER A 69 21.19 -5.00 -14.12
C SER A 69 22.29 -3.94 -14.13
N ARG A 70 23.37 -4.22 -13.42
CA ARG A 70 24.50 -3.29 -13.34
C ARG A 70 25.61 -3.70 -14.28
N SER A 71 25.92 -5.00 -14.31
CA SER A 71 26.97 -5.53 -15.17
C SER A 71 26.38 -6.41 -16.26
N GLY A 72 27.12 -6.55 -17.37
CA GLY A 72 26.65 -7.37 -18.46
C GLY A 72 26.35 -6.56 -19.71
N PRO A 73 25.08 -6.19 -19.88
CA PRO A 73 24.62 -5.40 -21.04
C PRO A 73 25.13 -3.96 -20.99
N SER A 74 25.45 -3.42 -22.16
CA SER A 74 25.94 -2.04 -22.25
C SER A 74 24.83 -1.04 -21.97
N SER A 75 24.82 -0.53 -20.74
CA SER A 75 23.81 0.44 -20.33
C SER A 75 24.40 1.84 -20.25
N GLY A 76 24.24 2.61 -21.32
CA GLY A 76 24.76 3.96 -21.35
C GLY A 76 24.33 4.79 -20.16
N GLY A 1 -16.15 1.78 21.75
CA GLY A 1 -16.20 0.37 22.11
C GLY A 1 -17.45 -0.32 21.60
N SER A 2 -17.64 -1.57 22.01
CA SER A 2 -18.80 -2.35 21.58
C SER A 2 -19.18 -2.01 20.15
N SER A 3 -18.18 -1.87 19.28
CA SER A 3 -18.40 -1.54 17.89
C SER A 3 -18.75 -2.79 17.08
N GLY A 4 -17.93 -3.82 17.22
CA GLY A 4 -18.16 -5.06 16.50
C GLY A 4 -18.05 -4.89 15.00
N SER A 5 -17.19 -5.70 14.38
CA SER A 5 -16.99 -5.64 12.94
C SER A 5 -17.67 -6.81 12.24
N SER A 6 -18.49 -6.50 11.25
CA SER A 6 -19.21 -7.52 10.49
C SER A 6 -18.96 -7.37 8.99
N GLY A 7 -17.71 -7.09 8.63
CA GLY A 7 -17.36 -6.93 7.23
C GLY A 7 -16.99 -8.24 6.56
N ALA A 8 -15.77 -8.33 6.06
CA ALA A 8 -15.29 -9.53 5.40
C ALA A 8 -13.77 -9.55 5.32
N SER A 9 -13.18 -10.72 5.52
CA SER A 9 -11.73 -10.87 5.48
C SER A 9 -11.26 -11.06 4.03
N ILE A 10 -11.94 -10.41 3.11
CA ILE A 10 -11.57 -10.51 1.69
C ILE A 10 -11.41 -9.13 1.06
N TYR A 11 -10.50 -9.03 0.11
CA TYR A 11 -10.23 -7.77 -0.57
C TYR A 11 -11.19 -7.58 -1.75
N LYS A 12 -12.44 -7.96 -1.56
CA LYS A 12 -13.46 -7.83 -2.60
C LYS A 12 -13.29 -6.52 -3.36
N ASN A 13 -13.33 -5.41 -2.63
CA ASN A 13 -13.18 -4.09 -3.24
C ASN A 13 -11.94 -4.04 -4.12
N LYS A 14 -12.02 -3.27 -5.20
CA LYS A 14 -10.90 -3.12 -6.12
C LYS A 14 -9.98 -1.98 -5.69
N LYS A 15 -8.68 -2.27 -5.64
CA LYS A 15 -7.69 -1.27 -5.25
C LYS A 15 -7.28 -0.42 -6.44
N SER A 16 -8.26 0.16 -7.12
CA SER A 16 -7.99 1.00 -8.28
C SER A 16 -7.21 2.25 -7.88
N HIS A 17 -6.72 2.98 -8.87
CA HIS A 17 -5.95 4.20 -8.62
C HIS A 17 -6.73 5.15 -7.73
N GLU A 18 -8.04 5.25 -7.97
CA GLU A 18 -8.89 6.14 -7.19
C GLU A 18 -8.47 6.14 -5.72
N GLN A 19 -8.18 4.95 -5.19
CA GLN A 19 -7.76 4.82 -3.81
C GLN A 19 -6.23 4.78 -3.69
N LEU A 20 -5.61 3.96 -4.53
CA LEU A 20 -4.16 3.83 -4.53
C LEU A 20 -3.49 5.20 -4.40
N SER A 21 -3.85 6.12 -5.28
CA SER A 21 -3.28 7.46 -5.26
C SER A 21 -3.06 7.93 -3.83
N ALA A 22 -4.13 7.91 -3.04
CA ALA A 22 -4.06 8.34 -1.65
C ALA A 22 -2.88 7.68 -0.93
N LEU A 23 -2.94 6.37 -0.79
CA LEU A 23 -1.87 5.62 -0.12
C LEU A 23 -0.51 6.04 -0.65
N LYS A 24 -0.39 6.12 -1.97
CA LYS A 24 0.87 6.52 -2.60
C LYS A 24 1.33 7.87 -2.09
N GLY A 25 0.43 8.85 -2.12
CA GLY A 25 0.76 10.19 -1.66
C GLY A 25 1.34 10.19 -0.25
N SER A 26 0.56 9.71 0.71
CA SER A 26 1.00 9.66 2.10
C SER A 26 2.26 8.81 2.24
N PHE A 27 2.38 7.81 1.38
CA PHE A 27 3.54 6.92 1.41
C PHE A 27 4.81 7.66 1.02
N CYS A 28 4.67 8.65 0.15
CA CYS A 28 5.80 9.44 -0.31
C CYS A 28 6.39 10.26 0.84
N ARG A 29 5.67 11.28 1.26
CA ARG A 29 6.13 12.14 2.35
C ARG A 29 6.40 11.32 3.62
N ASN A 30 5.44 10.48 3.98
CA ASN A 30 5.58 9.64 5.17
C ASN A 30 5.82 8.19 4.78
N GLN A 31 6.77 7.55 5.48
CA GLN A 31 7.10 6.16 5.20
C GLN A 31 6.04 5.22 5.76
N PHE A 32 5.84 5.27 7.08
CA PHE A 32 4.86 4.42 7.73
C PHE A 32 3.64 5.24 8.16
N PRO A 33 2.46 4.62 8.06
CA PRO A 33 1.19 5.26 8.42
C PRO A 33 1.06 5.48 9.93
N GLY A 34 0.84 6.73 10.32
CA GLY A 34 0.70 7.05 11.73
C GLY A 34 -0.72 6.88 12.23
N GLN A 35 -0.87 6.71 13.54
CA GLN A 35 -2.19 6.54 14.14
C GLN A 35 -3.23 7.39 13.41
N SER A 36 -3.01 8.69 13.38
CA SER A 36 -3.93 9.61 12.72
C SER A 36 -4.08 9.26 11.24
N GLU A 37 -2.99 8.83 10.63
CA GLU A 37 -3.00 8.46 9.21
C GLU A 37 -4.04 7.37 8.95
N VAL A 38 -3.76 6.17 9.45
CA VAL A 38 -4.67 5.04 9.26
C VAL A 38 -6.12 5.48 9.37
N GLU A 39 -6.47 6.09 10.50
CA GLU A 39 -7.83 6.55 10.73
C GLU A 39 -8.33 7.37 9.55
N HIS A 40 -7.47 8.23 9.02
CA HIS A 40 -7.83 9.06 7.87
C HIS A 40 -8.04 8.21 6.62
N LEU A 41 -7.14 7.26 6.40
CA LEU A 41 -7.24 6.38 5.24
C LEU A 41 -8.48 5.50 5.33
N THR A 42 -8.55 4.68 6.36
CA THR A 42 -9.69 3.79 6.55
C THR A 42 -10.98 4.43 6.07
N LYS A 43 -11.08 5.74 6.22
CA LYS A 43 -12.26 6.49 5.79
C LYS A 43 -12.21 6.79 4.30
N VAL A 44 -11.05 7.29 3.85
CA VAL A 44 -10.87 7.63 2.44
C VAL A 44 -11.08 6.41 1.55
N THR A 45 -10.50 5.28 1.96
CA THR A 45 -10.62 4.05 1.20
C THR A 45 -11.85 3.25 1.63
N GLY A 46 -12.06 3.17 2.94
CA GLY A 46 -13.20 2.43 3.46
C GLY A 46 -12.88 0.99 3.76
N LEU A 47 -11.59 0.67 3.81
CA LEU A 47 -11.14 -0.69 4.09
C LEU A 47 -10.85 -0.87 5.57
N SER A 48 -10.80 -2.12 6.01
CA SER A 48 -10.53 -2.43 7.41
C SER A 48 -9.17 -1.89 7.83
N THR A 49 -9.10 -1.30 9.02
CA THR A 49 -7.86 -0.75 9.54
C THR A 49 -6.67 -1.65 9.21
N ARG A 50 -6.89 -2.96 9.29
CA ARG A 50 -5.84 -3.93 9.00
C ARG A 50 -5.54 -3.96 7.51
N GLU A 51 -6.59 -3.90 6.69
CA GLU A 51 -6.43 -3.94 5.24
C GLU A 51 -5.50 -2.82 4.77
N VAL A 52 -5.62 -1.66 5.40
CA VAL A 52 -4.79 -0.51 5.05
C VAL A 52 -3.36 -0.68 5.57
N ARG A 53 -3.25 -1.13 6.82
CA ARG A 53 -1.95 -1.33 7.44
C ARG A 53 -1.17 -2.44 6.73
N LYS A 54 -1.90 -3.38 6.16
CA LYS A 54 -1.29 -4.50 5.44
C LYS A 54 -0.76 -4.04 4.08
N TRP A 55 -1.56 -3.25 3.38
CA TRP A 55 -1.17 -2.74 2.06
C TRP A 55 0.22 -2.13 2.10
N PHE A 56 0.41 -1.16 2.99
CA PHE A 56 1.70 -0.49 3.13
C PHE A 56 2.85 -1.50 3.04
N SER A 57 2.73 -2.59 3.78
CA SER A 57 3.76 -3.62 3.79
C SER A 57 4.02 -4.13 2.38
N ASP A 58 2.96 -4.29 1.60
CA ASP A 58 3.07 -4.77 0.23
C ASP A 58 3.99 -3.86 -0.59
N ARG A 59 3.53 -2.65 -0.85
CA ARG A 59 4.31 -1.68 -1.62
C ARG A 59 5.80 -1.83 -1.32
N ARG A 60 6.15 -1.82 -0.04
CA ARG A 60 7.53 -1.95 0.37
C ARG A 60 8.24 -3.06 -0.41
N TYR A 61 7.67 -4.26 -0.37
CA TYR A 61 8.24 -5.41 -1.06
C TYR A 61 8.61 -5.04 -2.50
N HIS A 62 7.82 -4.16 -3.10
CA HIS A 62 8.06 -3.72 -4.47
C HIS A 62 9.11 -2.62 -4.51
N CYS A 63 8.79 -1.48 -3.90
CA CYS A 63 9.71 -0.34 -3.87
C CYS A 63 11.15 -0.82 -3.78
N ARG A 64 11.49 -1.49 -2.67
CA ARG A 64 12.84 -1.99 -2.46
C ARG A 64 13.46 -2.43 -3.78
N ASN A 65 12.72 -3.21 -4.56
CA ASN A 65 13.20 -3.70 -5.85
C ASN A 65 12.26 -3.28 -6.97
N LEU A 66 12.64 -2.23 -7.68
CA LEU A 66 11.83 -1.73 -8.80
C LEU A 66 12.51 -2.00 -10.13
N LYS A 67 11.79 -1.77 -11.22
CA LYS A 67 12.32 -1.99 -12.56
C LYS A 67 13.68 -1.32 -12.71
N GLY A 68 14.52 -1.89 -13.58
CA GLY A 68 15.83 -1.32 -13.80
C GLY A 68 16.75 -1.48 -12.61
N SER A 69 17.36 -2.66 -12.47
CA SER A 69 18.26 -2.93 -11.35
C SER A 69 19.53 -2.10 -11.47
N ARG A 70 19.67 -1.12 -10.59
CA ARG A 70 20.84 -0.25 -10.60
C ARG A 70 21.94 -0.82 -9.70
N SER A 71 21.54 -1.37 -8.56
CA SER A 71 22.49 -1.94 -7.62
C SER A 71 22.28 -3.44 -7.48
N GLY A 72 23.31 -4.14 -7.00
CA GLY A 72 23.22 -5.58 -6.84
C GLY A 72 23.31 -6.01 -5.38
N PRO A 73 23.02 -7.28 -5.12
CA PRO A 73 23.06 -7.84 -3.77
C PRO A 73 24.48 -7.97 -3.24
N SER A 74 24.93 -6.95 -2.50
CA SER A 74 26.28 -6.95 -1.94
C SER A 74 27.33 -7.07 -3.04
N SER A 75 27.10 -6.36 -4.14
CA SER A 75 28.03 -6.38 -5.27
C SER A 75 29.40 -5.86 -4.86
N GLY A 76 29.45 -4.63 -4.37
CA GLY A 76 30.71 -4.05 -3.95
C GLY A 76 30.90 -2.65 -4.49
N GLY A 1 6.51 -29.07 8.05
CA GLY A 1 5.09 -29.12 8.37
C GLY A 1 4.25 -28.42 7.33
N SER A 2 2.98 -28.17 7.66
CA SER A 2 2.07 -27.51 6.75
C SER A 2 0.96 -26.78 7.52
N SER A 3 0.14 -26.03 6.79
CA SER A 3 -0.95 -25.27 7.41
C SER A 3 -2.03 -26.22 7.92
N GLY A 4 -2.41 -27.19 7.09
CA GLY A 4 -3.43 -28.14 7.47
C GLY A 4 -4.73 -27.92 6.72
N SER A 5 -5.75 -28.71 7.05
CA SER A 5 -7.05 -28.59 6.40
C SER A 5 -8.00 -27.72 7.22
N SER A 6 -8.41 -26.60 6.65
CA SER A 6 -9.32 -25.68 7.33
C SER A 6 -10.11 -24.86 6.32
N GLY A 7 -11.43 -25.00 6.36
CA GLY A 7 -12.29 -24.26 5.45
C GLY A 7 -12.20 -22.77 5.65
N ALA A 8 -11.77 -22.05 4.61
CA ALA A 8 -11.64 -20.60 4.68
C ALA A 8 -12.43 -19.93 3.55
N SER A 9 -13.64 -19.50 3.87
CA SER A 9 -14.49 -18.84 2.89
C SER A 9 -13.67 -17.97 1.95
N ILE A 10 -14.06 -17.97 0.68
CA ILE A 10 -13.35 -17.17 -0.32
C ILE A 10 -13.82 -15.73 -0.30
N TYR A 11 -12.87 -14.81 -0.06
CA TYR A 11 -13.20 -13.39 -0.01
C TYR A 11 -13.03 -12.74 -1.39
N LYS A 12 -13.71 -11.62 -1.59
CA LYS A 12 -13.65 -10.91 -2.86
C LYS A 12 -13.65 -9.40 -2.64
N ASN A 13 -12.61 -8.73 -3.11
CA ASN A 13 -12.50 -7.29 -2.96
C ASN A 13 -11.85 -6.66 -4.19
N LYS A 14 -12.37 -5.52 -4.61
CA LYS A 14 -11.85 -4.82 -5.78
C LYS A 14 -11.16 -3.52 -5.37
N LYS A 15 -10.00 -3.26 -5.95
CA LYS A 15 -9.24 -2.05 -5.64
C LYS A 15 -9.28 -1.08 -6.82
N SER A 16 -9.59 0.18 -6.53
CA SER A 16 -9.67 1.21 -7.55
C SER A 16 -8.65 2.32 -7.29
N HIS A 17 -8.22 2.98 -8.36
CA HIS A 17 -7.25 4.07 -8.25
C HIS A 17 -7.73 5.12 -7.25
N GLU A 18 -8.99 5.51 -7.36
CA GLU A 18 -9.56 6.51 -6.47
C GLU A 18 -9.00 6.37 -5.07
N GLN A 19 -8.83 5.13 -4.63
CA GLN A 19 -8.29 4.85 -3.29
C GLN A 19 -6.77 4.77 -3.32
N LEU A 20 -6.24 4.05 -4.30
CA LEU A 20 -4.80 3.89 -4.43
C LEU A 20 -4.11 5.25 -4.46
N SER A 21 -4.51 6.11 -5.40
CA SER A 21 -3.93 7.43 -5.53
C SER A 21 -3.56 8.00 -4.17
N ALA A 22 -4.45 7.82 -3.20
CA ALA A 22 -4.22 8.32 -1.85
C ALA A 22 -3.07 7.57 -1.17
N LEU A 23 -3.25 6.27 -0.97
CA LEU A 23 -2.23 5.44 -0.34
C LEU A 23 -0.85 5.74 -0.93
N LYS A 24 -0.76 5.67 -2.25
CA LYS A 24 0.51 5.93 -2.94
C LYS A 24 1.15 7.21 -2.42
N GLY A 25 0.32 8.22 -2.13
CA GLY A 25 0.82 9.48 -1.64
C GLY A 25 1.52 9.34 -0.30
N SER A 26 0.74 9.27 0.77
CA SER A 26 1.30 9.14 2.11
C SER A 26 2.49 8.18 2.12
N PHE A 27 2.33 7.06 1.43
CA PHE A 27 3.39 6.06 1.36
C PHE A 27 4.76 6.71 1.26
N CYS A 28 4.91 7.59 0.27
CA CYS A 28 6.17 8.29 0.06
C CYS A 28 6.33 9.45 1.05
N ARG A 29 5.35 10.35 1.04
CA ARG A 29 5.38 11.51 1.93
C ARG A 29 6.01 11.14 3.28
N ASN A 30 5.43 10.15 3.93
CA ASN A 30 5.93 9.70 5.23
C ASN A 30 6.50 8.29 5.14
N GLN A 31 7.34 7.93 6.10
CA GLN A 31 7.95 6.60 6.12
C GLN A 31 6.93 5.53 6.49
N PHE A 32 6.17 5.79 7.54
CA PHE A 32 5.15 4.84 7.99
C PHE A 32 3.97 5.57 8.62
N PRO A 33 2.76 5.05 8.40
CA PRO A 33 1.53 5.63 8.93
C PRO A 33 1.42 5.48 10.45
N GLY A 34 0.72 6.41 11.09
CA GLY A 34 0.56 6.35 12.54
C GLY A 34 -0.89 6.37 12.95
N GLN A 35 -1.14 6.07 14.22
CA GLN A 35 -2.51 6.05 14.75
C GLN A 35 -3.36 7.14 14.10
N SER A 36 -2.79 8.33 13.97
CA SER A 36 -3.50 9.46 13.37
C SER A 36 -3.66 9.25 11.87
N GLU A 37 -2.54 9.02 11.19
CA GLU A 37 -2.56 8.81 9.74
C GLU A 37 -3.62 7.79 9.35
N VAL A 38 -3.43 6.55 9.78
CA VAL A 38 -4.36 5.48 9.47
C VAL A 38 -5.81 5.97 9.60
N GLU A 39 -6.18 6.41 10.80
CA GLU A 39 -7.53 6.90 11.05
C GLU A 39 -8.06 7.67 9.85
N HIS A 40 -7.21 8.52 9.28
CA HIS A 40 -7.60 9.31 8.11
C HIS A 40 -7.81 8.43 6.89
N LEU A 41 -6.83 7.57 6.61
CA LEU A 41 -6.90 6.67 5.46
C LEU A 41 -8.14 5.79 5.55
N THR A 42 -8.28 5.08 6.67
CA THR A 42 -9.42 4.19 6.88
C THR A 42 -10.70 4.81 6.33
N LYS A 43 -10.79 6.14 6.41
CA LYS A 43 -11.97 6.86 5.93
C LYS A 43 -11.85 7.14 4.43
N VAL A 44 -10.64 7.49 4.00
CA VAL A 44 -10.39 7.79 2.60
C VAL A 44 -10.67 6.58 1.72
N THR A 45 -10.10 5.43 2.11
CA THR A 45 -10.28 4.20 1.35
C THR A 45 -11.53 3.46 1.81
N GLY A 46 -11.74 3.40 3.13
CA GLY A 46 -12.90 2.72 3.67
C GLY A 46 -12.63 1.25 3.93
N LEU A 47 -11.36 0.90 4.11
CA LEU A 47 -10.97 -0.48 4.37
C LEU A 47 -10.61 -0.67 5.84
N SER A 48 -10.63 -1.92 6.29
CA SER A 48 -10.30 -2.24 7.67
C SER A 48 -8.94 -1.65 8.06
N THR A 49 -8.88 -1.06 9.26
CA THR A 49 -7.64 -0.47 9.74
C THR A 49 -6.44 -1.33 9.40
N ARG A 50 -6.60 -2.64 9.55
CA ARG A 50 -5.52 -3.58 9.27
C ARG A 50 -5.27 -3.69 7.76
N GLU A 51 -6.36 -3.73 6.99
CA GLU A 51 -6.26 -3.82 5.54
C GLU A 51 -5.46 -2.65 4.97
N VAL A 52 -5.65 -1.47 5.54
CA VAL A 52 -4.95 -0.28 5.09
C VAL A 52 -3.45 -0.37 5.40
N ARG A 53 -3.14 -0.83 6.60
CA ARG A 53 -1.75 -0.98 7.01
C ARG A 53 -1.07 -2.12 6.27
N LYS A 54 -1.86 -3.12 5.89
CA LYS A 54 -1.34 -4.29 5.18
C LYS A 54 -0.87 -3.89 3.78
N TRP A 55 -1.62 -3.01 3.13
CA TRP A 55 -1.28 -2.56 1.79
C TRP A 55 0.15 -2.02 1.74
N PHE A 56 0.43 -1.04 2.61
CA PHE A 56 1.76 -0.44 2.66
C PHE A 56 2.84 -1.50 2.50
N SER A 57 2.65 -2.64 3.15
CA SER A 57 3.61 -3.73 3.08
C SER A 57 3.82 -4.19 1.64
N ASP A 58 2.72 -4.36 0.91
CA ASP A 58 2.78 -4.79 -0.48
C ASP A 58 3.71 -3.89 -1.28
N ARG A 59 3.33 -2.62 -1.41
CA ARG A 59 4.13 -1.65 -2.16
C ARG A 59 5.59 -1.69 -1.71
N ARG A 60 5.80 -1.56 -0.41
CA ARG A 60 7.15 -1.59 0.15
C ARG A 60 8.02 -2.61 -0.56
N TYR A 61 7.48 -3.81 -0.75
CA TYR A 61 8.20 -4.89 -1.41
C TYR A 61 8.73 -4.43 -2.77
N HIS A 62 7.83 -3.93 -3.61
CA HIS A 62 8.19 -3.47 -4.93
C HIS A 62 9.32 -2.43 -4.85
N CYS A 63 9.25 -1.58 -3.84
CA CYS A 63 10.26 -0.54 -3.65
C CYS A 63 11.66 -1.14 -3.64
N ARG A 64 11.93 -2.01 -2.68
CA ARG A 64 13.23 -2.65 -2.55
C ARG A 64 13.49 -3.57 -3.75
N ASN A 65 12.44 -4.23 -4.21
CA ASN A 65 12.56 -5.14 -5.35
C ASN A 65 12.11 -4.46 -6.64
N LEU A 66 13.06 -3.88 -7.36
CA LEU A 66 12.77 -3.20 -8.62
C LEU A 66 13.43 -3.91 -9.79
N LYS A 67 13.11 -3.45 -11.00
CA LYS A 67 13.67 -4.05 -12.21
C LYS A 67 15.19 -4.16 -12.10
N GLY A 68 15.73 -5.30 -12.51
CA GLY A 68 17.16 -5.51 -12.45
C GLY A 68 17.54 -6.97 -12.50
N SER A 69 18.34 -7.35 -13.49
CA SER A 69 18.77 -8.74 -13.64
C SER A 69 20.13 -8.82 -14.33
N ARG A 70 20.91 -9.84 -14.00
CA ARG A 70 22.22 -10.02 -14.59
C ARG A 70 22.12 -10.77 -15.92
N SER A 71 23.06 -10.49 -16.82
CA SER A 71 23.07 -11.13 -18.13
C SER A 71 23.04 -12.65 -17.99
N GLY A 72 22.50 -13.32 -19.00
CA GLY A 72 22.41 -14.77 -18.98
C GLY A 72 21.45 -15.32 -20.02
N PRO A 73 21.22 -16.64 -19.97
CA PRO A 73 20.31 -17.30 -20.90
C PRO A 73 18.85 -16.93 -20.67
N SER A 74 18.44 -16.92 -19.41
CA SER A 74 17.06 -16.57 -19.06
C SER A 74 16.83 -15.07 -19.17
N SER A 75 17.60 -14.30 -18.42
CA SER A 75 17.47 -12.84 -18.43
C SER A 75 17.23 -12.33 -19.85
N GLY A 76 16.17 -11.55 -20.02
CA GLY A 76 15.84 -11.01 -21.33
C GLY A 76 16.86 -10.00 -21.80
N GLY A 1 4.53 -20.07 12.66
CA GLY A 1 3.74 -21.15 12.11
C GLY A 1 4.24 -21.60 10.76
N SER A 2 3.44 -21.34 9.72
CA SER A 2 3.80 -21.73 8.37
C SER A 2 2.82 -21.14 7.35
N SER A 3 3.27 -21.04 6.11
CA SER A 3 2.43 -20.49 5.04
C SER A 3 2.86 -21.04 3.68
N GLY A 4 1.90 -21.11 2.75
CA GLY A 4 2.20 -21.62 1.42
C GLY A 4 0.96 -21.70 0.55
N SER A 5 0.84 -20.79 -0.40
CA SER A 5 -0.31 -20.77 -1.30
C SER A 5 0.10 -20.34 -2.70
N SER A 6 -0.69 -20.73 -3.70
CA SER A 6 -0.40 -20.39 -5.08
C SER A 6 -1.69 -20.24 -5.88
N GLY A 7 -1.83 -19.11 -6.57
CA GLY A 7 -3.02 -18.87 -7.37
C GLY A 7 -2.78 -17.83 -8.45
N ALA A 8 -3.86 -17.20 -8.92
CA ALA A 8 -3.77 -16.19 -9.96
C ALA A 8 -4.01 -14.80 -9.40
N SER A 9 -5.22 -14.58 -8.87
CA SER A 9 -5.58 -13.29 -8.31
C SER A 9 -5.78 -13.39 -6.79
N ILE A 10 -4.90 -12.74 -6.04
CA ILE A 10 -4.98 -12.76 -4.58
C ILE A 10 -6.07 -11.82 -4.08
N TYR A 11 -6.15 -10.64 -4.69
CA TYR A 11 -7.15 -9.65 -4.31
C TYR A 11 -8.40 -9.77 -5.17
N LYS A 12 -9.56 -9.76 -4.53
CA LYS A 12 -10.83 -9.85 -5.24
C LYS A 12 -11.65 -8.58 -5.08
N ASN A 13 -10.97 -7.43 -5.19
CA ASN A 13 -11.63 -6.14 -5.06
C ASN A 13 -11.27 -5.23 -6.23
N LYS A 14 -11.87 -4.05 -6.26
CA LYS A 14 -11.61 -3.08 -7.31
C LYS A 14 -11.05 -1.78 -6.75
N LYS A 15 -9.73 -1.73 -6.59
CA LYS A 15 -9.07 -0.54 -6.05
C LYS A 15 -8.84 0.49 -7.15
N SER A 16 -9.21 1.74 -6.87
CA SER A 16 -9.04 2.82 -7.83
C SER A 16 -8.05 3.86 -7.31
N HIS A 17 -7.59 4.73 -8.21
CA HIS A 17 -6.64 5.77 -7.85
C HIS A 17 -7.19 6.66 -6.75
N GLU A 18 -8.49 6.97 -6.84
CA GLU A 18 -9.15 7.82 -5.86
C GLU A 18 -8.64 7.51 -4.45
N GLN A 19 -8.52 6.22 -4.15
CA GLN A 19 -8.06 5.78 -2.84
C GLN A 19 -6.59 5.36 -2.90
N LEU A 20 -6.26 4.54 -3.89
CA LEU A 20 -4.89 4.06 -4.06
C LEU A 20 -3.89 5.22 -4.01
N SER A 21 -4.02 6.14 -4.97
CA SER A 21 -3.15 7.30 -5.04
C SER A 21 -2.78 7.80 -3.65
N ALA A 22 -3.80 8.16 -2.87
CA ALA A 22 -3.59 8.66 -1.51
C ALA A 22 -2.56 7.80 -0.77
N LEU A 23 -2.82 6.50 -0.70
CA LEU A 23 -1.92 5.57 -0.02
C LEU A 23 -0.51 5.69 -0.57
N LYS A 24 -0.39 5.70 -1.90
CA LYS A 24 0.91 5.81 -2.55
C LYS A 24 1.65 7.05 -2.09
N GLY A 25 0.96 8.19 -2.12
CA GLY A 25 1.56 9.44 -1.70
C GLY A 25 1.96 9.43 -0.24
N SER A 26 0.98 9.29 0.64
CA SER A 26 1.23 9.27 2.08
C SER A 26 2.33 8.28 2.41
N PHE A 27 2.41 7.20 1.65
CA PHE A 27 3.42 6.17 1.86
C PHE A 27 4.81 6.66 1.45
N CYS A 28 4.87 7.34 0.31
CA CYS A 28 6.13 7.86 -0.20
C CYS A 28 6.72 8.89 0.76
N ARG A 29 6.06 10.03 0.90
CA ARG A 29 6.52 11.09 1.78
C ARG A 29 6.79 10.54 3.18
N ASN A 30 5.79 9.91 3.78
CA ASN A 30 5.92 9.34 5.11
C ASN A 30 6.40 7.89 5.04
N GLN A 31 7.58 7.64 5.59
CA GLN A 31 8.15 6.30 5.59
C GLN A 31 7.12 5.26 6.03
N PHE A 32 6.48 5.52 7.17
CA PHE A 32 5.47 4.61 7.70
C PHE A 32 4.33 5.39 8.37
N PRO A 33 3.10 4.88 8.22
CA PRO A 33 1.91 5.51 8.80
C PRO A 33 1.88 5.41 10.32
N GLY A 34 0.78 5.85 10.92
CA GLY A 34 0.64 5.79 12.36
C GLY A 34 -0.80 5.76 12.81
N GLN A 35 -1.01 5.72 14.12
CA GLN A 35 -2.36 5.69 14.68
C GLN A 35 -3.23 6.78 14.07
N SER A 36 -2.60 7.88 13.69
CA SER A 36 -3.32 9.00 13.09
C SER A 36 -3.51 8.79 11.59
N GLU A 37 -2.40 8.61 10.88
CA GLU A 37 -2.44 8.40 9.43
C GLU A 37 -3.50 7.35 9.07
N VAL A 38 -3.35 6.15 9.62
CA VAL A 38 -4.28 5.06 9.36
C VAL A 38 -5.72 5.53 9.53
N GLU A 39 -6.05 6.02 10.72
CA GLU A 39 -7.39 6.50 11.00
C GLU A 39 -7.93 7.33 9.85
N HIS A 40 -7.06 8.14 9.26
CA HIS A 40 -7.45 9.00 8.14
C HIS A 40 -7.70 8.17 6.88
N LEU A 41 -6.71 7.36 6.51
CA LEU A 41 -6.82 6.52 5.33
C LEU A 41 -8.07 5.65 5.39
N THR A 42 -8.22 4.92 6.49
CA THR A 42 -9.38 4.05 6.68
C THR A 42 -10.65 4.71 6.18
N LYS A 43 -10.69 6.03 6.26
CA LYS A 43 -11.85 6.80 5.82
C LYS A 43 -11.72 7.20 4.35
N VAL A 44 -10.49 7.48 3.93
CA VAL A 44 -10.22 7.88 2.56
C VAL A 44 -10.46 6.71 1.59
N THR A 45 -9.88 5.56 1.91
CA THR A 45 -10.03 4.37 1.08
C THR A 45 -11.27 3.58 1.47
N GLY A 46 -11.51 3.46 2.77
CA GLY A 46 -12.66 2.71 3.26
C GLY A 46 -12.36 1.25 3.49
N LEU A 47 -11.08 0.92 3.60
CA LEU A 47 -10.66 -0.46 3.81
C LEU A 47 -10.41 -0.72 5.30
N SER A 48 -10.39 -2.00 5.67
CA SER A 48 -10.15 -2.39 7.06
C SER A 48 -8.85 -1.80 7.58
N THR A 49 -8.87 -1.33 8.82
CA THR A 49 -7.68 -0.74 9.44
C THR A 49 -6.43 -1.55 9.10
N ARG A 50 -6.57 -2.88 9.14
CA ARG A 50 -5.44 -3.76 8.84
C ARG A 50 -5.15 -3.78 7.34
N GLU A 51 -6.21 -3.63 6.54
CA GLU A 51 -6.06 -3.64 5.08
C GLU A 51 -5.20 -2.47 4.62
N VAL A 52 -5.35 -1.32 5.28
CA VAL A 52 -4.59 -0.13 4.95
C VAL A 52 -3.14 -0.26 5.39
N ARG A 53 -2.94 -0.79 6.58
CA ARG A 53 -1.59 -0.97 7.12
C ARG A 53 -0.82 -2.04 6.34
N LYS A 54 -1.54 -3.07 5.90
CA LYS A 54 -0.93 -4.16 5.15
C LYS A 54 -0.57 -3.70 3.74
N TRP A 55 -1.50 -3.02 3.07
CA TRP A 55 -1.27 -2.53 1.73
C TRP A 55 0.10 -1.86 1.61
N PHE A 56 0.42 -1.03 2.59
CA PHE A 56 1.70 -0.32 2.60
C PHE A 56 2.85 -1.29 2.31
N SER A 57 2.80 -2.47 2.92
CA SER A 57 3.83 -3.47 2.73
C SER A 57 3.97 -3.84 1.25
N ASP A 58 2.85 -4.15 0.62
CA ASP A 58 2.83 -4.52 -0.78
C ASP A 58 3.63 -3.51 -1.62
N ARG A 59 3.13 -2.29 -1.67
CA ARG A 59 3.79 -1.23 -2.44
C ARG A 59 5.31 -1.35 -2.33
N ARG A 60 5.81 -1.42 -1.11
CA ARG A 60 7.25 -1.53 -0.87
C ARG A 60 7.84 -2.68 -1.67
N TYR A 61 7.31 -3.88 -1.45
CA TYR A 61 7.78 -5.06 -2.15
C TYR A 61 8.14 -4.74 -3.60
N HIS A 62 7.24 -4.03 -4.27
CA HIS A 62 7.46 -3.65 -5.67
C HIS A 62 8.49 -2.53 -5.76
N CYS A 63 8.38 -1.55 -4.89
CA CYS A 63 9.30 -0.42 -4.88
C CYS A 63 10.75 -0.89 -4.89
N ARG A 64 11.09 -1.75 -3.94
CA ARG A 64 12.44 -2.28 -3.84
C ARG A 64 12.80 -3.09 -5.08
N ASN A 65 11.91 -3.99 -5.47
CA ASN A 65 12.14 -4.83 -6.64
C ASN A 65 12.72 -4.01 -7.79
N LEU A 66 12.06 -2.91 -8.12
CA LEU A 66 12.51 -2.04 -9.20
C LEU A 66 14.03 -1.85 -9.14
N LYS A 67 14.72 -2.35 -10.16
CA LYS A 67 16.17 -2.23 -10.24
C LYS A 67 16.59 -0.79 -10.53
N GLY A 68 17.09 -0.10 -9.51
CA GLY A 68 17.51 1.27 -9.69
C GLY A 68 17.01 2.18 -8.58
N SER A 69 17.79 2.28 -7.51
CA SER A 69 17.43 3.13 -6.38
C SER A 69 18.66 3.59 -5.61
N ARG A 70 18.85 4.89 -5.52
CA ARG A 70 20.00 5.46 -4.82
C ARG A 70 19.78 5.42 -3.31
N SER A 71 18.58 5.78 -2.88
CA SER A 71 18.25 5.78 -1.46
C SER A 71 17.08 4.85 -1.17
N GLY A 72 17.38 3.69 -0.59
CA GLY A 72 16.34 2.73 -0.27
C GLY A 72 16.74 1.78 0.83
N PRO A 73 15.90 0.77 1.10
CA PRO A 73 16.15 -0.23 2.13
C PRO A 73 17.30 -1.16 1.77
N SER A 74 17.39 -1.51 0.50
CA SER A 74 18.44 -2.40 0.01
C SER A 74 19.80 -1.73 0.09
N SER A 75 20.86 -2.51 -0.09
CA SER A 75 22.22 -1.99 -0.04
C SER A 75 22.87 -2.03 -1.41
N GLY A 76 23.87 -1.17 -1.62
CA GLY A 76 24.56 -1.13 -2.88
C GLY A 76 25.47 -2.31 -3.09
N GLY A 1 -1.26 -7.42 13.91
CA GLY A 1 -1.10 -8.44 14.92
C GLY A 1 -0.68 -9.77 14.33
N SER A 2 -0.84 -10.83 15.11
CA SER A 2 -0.47 -12.18 14.65
C SER A 2 -1.15 -12.50 13.33
N SER A 3 -0.38 -13.05 12.39
CA SER A 3 -0.91 -13.41 11.09
C SER A 3 -1.10 -14.92 10.97
N GLY A 4 -0.07 -15.68 11.33
CA GLY A 4 -0.14 -17.12 11.27
C GLY A 4 0.42 -17.67 9.97
N SER A 5 -0.43 -18.31 9.19
CA SER A 5 -0.02 -18.89 7.91
C SER A 5 0.23 -17.80 6.88
N SER A 6 1.24 -18.02 6.03
CA SER A 6 1.59 -17.05 5.00
C SER A 6 0.95 -17.43 3.66
N GLY A 7 1.06 -18.72 3.31
CA GLY A 7 0.50 -19.19 2.06
C GLY A 7 0.90 -18.33 0.88
N ALA A 8 0.09 -18.36 -0.18
CA ALA A 8 0.36 -17.57 -1.38
C ALA A 8 -0.90 -16.88 -1.88
N SER A 9 -0.73 -15.92 -2.77
CA SER A 9 -1.86 -15.18 -3.33
C SER A 9 -1.82 -15.21 -4.86
N ILE A 10 -3.00 -15.06 -5.47
CA ILE A 10 -3.10 -15.07 -6.92
C ILE A 10 -3.71 -13.77 -7.44
N TYR A 11 -3.31 -12.66 -6.82
CA TYR A 11 -3.82 -11.35 -7.23
C TYR A 11 -2.75 -10.55 -7.96
N LYS A 12 -3.15 -9.90 -9.05
CA LYS A 12 -2.22 -9.10 -9.85
C LYS A 12 -2.67 -7.64 -9.88
N ASN A 13 -2.14 -6.84 -8.97
CA ASN A 13 -2.48 -5.43 -8.89
C ASN A 13 -3.94 -5.20 -9.26
N LYS A 14 -4.81 -6.06 -8.74
CA LYS A 14 -6.24 -5.96 -9.01
C LYS A 14 -6.96 -5.25 -7.86
N LYS A 15 -7.17 -3.95 -8.03
CA LYS A 15 -7.85 -3.15 -7.01
C LYS A 15 -8.11 -1.73 -7.52
N SER A 16 -9.23 -1.15 -7.08
CA SER A 16 -9.59 0.20 -7.50
C SER A 16 -8.40 1.15 -7.38
N HIS A 17 -8.31 2.09 -8.31
CA HIS A 17 -7.22 3.06 -8.31
C HIS A 17 -7.57 4.27 -7.47
N GLU A 18 -8.82 4.72 -7.56
CA GLU A 18 -9.29 5.88 -6.80
C GLU A 18 -8.74 5.84 -5.37
N GLN A 19 -8.86 4.68 -4.73
CA GLN A 19 -8.38 4.52 -3.36
C GLN A 19 -6.86 4.41 -3.33
N LEU A 20 -6.31 3.62 -4.24
CA LEU A 20 -4.87 3.43 -4.32
C LEU A 20 -4.13 4.75 -4.11
N SER A 21 -4.47 5.73 -4.94
CA SER A 21 -3.83 7.04 -4.87
C SER A 21 -3.64 7.46 -3.41
N ALA A 22 -4.75 7.61 -2.70
CA ALA A 22 -4.71 8.01 -1.29
C ALA A 22 -3.53 7.37 -0.57
N LEU A 23 -3.48 6.04 -0.61
CA LEU A 23 -2.41 5.30 0.04
C LEU A 23 -1.05 5.69 -0.54
N LYS A 24 -0.93 5.61 -1.87
CA LYS A 24 0.31 5.95 -2.55
C LYS A 24 0.85 7.29 -2.06
N GLY A 25 -0.04 8.25 -1.87
CA GLY A 25 0.37 9.57 -1.40
C GLY A 25 1.12 9.49 -0.08
N SER A 26 0.37 9.42 1.01
CA SER A 26 0.96 9.37 2.35
C SER A 26 2.22 8.50 2.34
N PHE A 27 2.06 7.26 1.88
CA PHE A 27 3.18 6.33 1.82
C PHE A 27 4.49 7.06 1.50
N CYS A 28 4.43 7.94 0.50
CA CYS A 28 5.60 8.70 0.09
C CYS A 28 6.07 9.63 1.20
N ARG A 29 5.13 10.37 1.78
CA ARG A 29 5.43 11.30 2.85
C ARG A 29 5.78 10.55 4.14
N ASN A 30 4.82 9.80 4.66
CA ASN A 30 5.03 9.03 5.88
C ASN A 30 4.99 7.53 5.59
N GLN A 31 6.06 6.83 5.98
CA GLN A 31 6.14 5.39 5.78
C GLN A 31 5.56 4.63 6.96
N PHE A 32 5.73 5.19 8.16
CA PHE A 32 5.22 4.57 9.37
C PHE A 32 4.11 5.41 10.00
N PRO A 33 2.90 5.28 9.46
CA PRO A 33 1.73 6.02 9.95
C PRO A 33 1.28 5.55 11.34
N GLY A 34 1.01 6.50 12.22
CA GLY A 34 0.57 6.16 13.56
C GLY A 34 -0.89 5.81 13.63
N GLN A 35 -1.65 6.54 14.45
CA GLN A 35 -3.08 6.29 14.59
C GLN A 35 -3.89 7.23 13.71
N SER A 36 -3.62 8.52 13.84
CA SER A 36 -4.33 9.53 13.06
C SER A 36 -4.19 9.25 11.56
N GLU A 37 -2.96 8.99 11.12
CA GLU A 37 -2.70 8.71 9.72
C GLU A 37 -3.65 7.64 9.18
N VAL A 38 -3.67 6.50 9.86
CA VAL A 38 -4.53 5.39 9.45
C VAL A 38 -6.00 5.79 9.51
N GLU A 39 -6.44 6.23 10.69
CA GLU A 39 -7.82 6.64 10.89
C GLU A 39 -8.31 7.48 9.70
N HIS A 40 -7.43 8.34 9.19
CA HIS A 40 -7.78 9.19 8.06
C HIS A 40 -7.94 8.36 6.78
N LEU A 41 -6.90 7.63 6.44
CA LEU A 41 -6.92 6.80 5.23
C LEU A 41 -8.12 5.86 5.24
N THR A 42 -8.23 5.06 6.30
CA THR A 42 -9.33 4.12 6.43
C THR A 42 -10.63 4.71 5.88
N LYS A 43 -10.76 6.02 5.98
CA LYS A 43 -11.95 6.70 5.49
C LYS A 43 -11.80 7.05 4.02
N VAL A 44 -10.63 7.56 3.64
CA VAL A 44 -10.37 7.93 2.26
C VAL A 44 -10.58 6.74 1.32
N THR A 45 -10.03 5.60 1.70
CA THR A 45 -10.15 4.39 0.89
C THR A 45 -11.40 3.60 1.28
N GLY A 46 -11.64 3.47 2.58
CA GLY A 46 -12.79 2.74 3.06
C GLY A 46 -12.48 1.28 3.33
N LEU A 47 -11.20 0.97 3.54
CA LEU A 47 -10.77 -0.39 3.82
C LEU A 47 -10.50 -0.59 5.31
N SER A 48 -10.59 -1.83 5.76
CA SER A 48 -10.35 -2.16 7.17
C SER A 48 -9.00 -1.63 7.62
N THR A 49 -8.94 -1.13 8.84
CA THR A 49 -7.71 -0.59 9.40
C THR A 49 -6.54 -1.52 9.12
N ARG A 50 -6.80 -2.83 9.16
CA ARG A 50 -5.77 -3.83 8.91
C ARG A 50 -5.42 -3.89 7.43
N GLU A 51 -6.43 -3.79 6.58
CA GLU A 51 -6.23 -3.83 5.13
C GLU A 51 -5.37 -2.67 4.66
N VAL A 52 -5.43 -1.56 5.40
CA VAL A 52 -4.65 -0.37 5.06
C VAL A 52 -3.20 -0.52 5.52
N ARG A 53 -3.02 -1.03 6.73
CA ARG A 53 -1.69 -1.22 7.29
C ARG A 53 -0.93 -2.31 6.55
N LYS A 54 -1.67 -3.11 5.79
CA LYS A 54 -1.09 -4.21 5.02
C LYS A 54 -0.55 -3.70 3.68
N TRP A 55 -1.26 -2.75 3.09
CA TRP A 55 -0.85 -2.18 1.81
C TRP A 55 0.52 -1.54 1.91
N PHE A 56 0.70 -0.68 2.91
CA PHE A 56 1.96 0.01 3.11
C PHE A 56 3.14 -0.93 2.87
N SER A 57 3.02 -2.15 3.38
CA SER A 57 4.08 -3.15 3.23
C SER A 57 4.06 -3.75 1.83
N ASP A 58 2.87 -3.78 1.21
CA ASP A 58 2.71 -4.33 -0.12
C ASP A 58 3.50 -3.51 -1.14
N ARG A 59 3.19 -2.22 -1.21
CA ARG A 59 3.86 -1.32 -2.14
C ARG A 59 5.33 -1.71 -2.32
N ARG A 60 6.04 -1.84 -1.20
CA ARG A 60 7.45 -2.21 -1.23
C ARG A 60 7.68 -3.38 -2.18
N TYR A 61 7.12 -4.53 -1.85
CA TYR A 61 7.26 -5.72 -2.67
C TYR A 61 7.18 -5.38 -4.15
N HIS A 62 6.03 -4.86 -4.57
CA HIS A 62 5.82 -4.48 -5.96
C HIS A 62 7.10 -3.91 -6.57
N CYS A 63 7.65 -2.90 -5.92
CA CYS A 63 8.88 -2.26 -6.40
C CYS A 63 10.01 -3.28 -6.51
N ARG A 64 10.28 -3.98 -5.42
CA ARG A 64 11.33 -4.98 -5.39
C ARG A 64 11.36 -5.77 -6.69
N ASN A 65 10.18 -6.17 -7.17
CA ASN A 65 10.07 -6.93 -8.41
C ASN A 65 9.44 -6.09 -9.51
N LEU A 66 10.28 -5.49 -10.35
CA LEU A 66 9.80 -4.66 -11.45
C LEU A 66 10.92 -4.37 -12.44
N LYS A 67 10.55 -4.17 -13.70
CA LYS A 67 11.52 -3.89 -14.75
C LYS A 67 11.99 -2.44 -14.68
N GLY A 68 13.17 -2.24 -14.08
CA GLY A 68 13.71 -0.90 -13.96
C GLY A 68 14.71 -0.78 -12.81
N SER A 69 15.79 -1.56 -12.89
CA SER A 69 16.81 -1.53 -11.87
C SER A 69 17.99 -0.64 -12.27
N ARG A 70 18.17 0.45 -11.53
CA ARG A 70 19.25 1.39 -11.82
C ARG A 70 19.84 1.94 -10.53
N SER A 71 21.17 2.01 -10.48
CA SER A 71 21.86 2.52 -9.30
C SER A 71 21.89 4.05 -9.30
N GLY A 72 22.38 4.63 -10.39
CA GLY A 72 22.45 6.07 -10.49
C GLY A 72 22.43 6.55 -11.93
N PRO A 73 23.52 6.28 -12.66
CA PRO A 73 23.65 6.69 -14.07
C PRO A 73 22.73 5.89 -14.98
N SER A 74 22.36 6.49 -16.11
CA SER A 74 21.47 5.84 -17.06
C SER A 74 22.15 5.71 -18.44
N SER A 75 21.47 5.04 -19.36
CA SER A 75 22.01 4.84 -20.70
C SER A 75 20.92 4.34 -21.65
N GLY A 76 20.91 4.88 -22.86
CA GLY A 76 19.92 4.48 -23.84
C GLY A 76 19.03 5.64 -24.27
N GLY A 1 -6.14 -6.53 -32.39
CA GLY A 1 -6.23 -7.67 -33.28
C GLY A 1 -5.72 -8.95 -32.65
N SER A 2 -4.88 -9.68 -33.38
CA SER A 2 -4.31 -10.93 -32.89
C SER A 2 -3.12 -10.66 -31.98
N SER A 3 -2.23 -9.78 -32.43
CA SER A 3 -1.04 -9.44 -31.66
C SER A 3 -1.39 -8.52 -30.50
N GLY A 4 -0.65 -8.66 -29.40
CA GLY A 4 -0.89 -7.84 -28.23
C GLY A 4 0.33 -7.71 -27.34
N SER A 5 0.20 -8.12 -26.08
CA SER A 5 1.30 -8.04 -25.14
C SER A 5 1.63 -6.59 -24.80
N SER A 6 0.58 -5.79 -24.59
CA SER A 6 0.76 -4.38 -24.26
C SER A 6 1.37 -4.22 -22.88
N GLY A 7 2.06 -3.10 -22.67
CA GLY A 7 2.69 -2.85 -21.39
C GLY A 7 3.71 -3.90 -21.01
N ALA A 8 4.11 -3.92 -19.74
CA ALA A 8 5.09 -4.89 -19.27
C ALA A 8 4.42 -6.20 -18.86
N SER A 9 3.47 -6.65 -19.68
CA SER A 9 2.76 -7.89 -19.39
C SER A 9 2.38 -7.98 -17.92
N ILE A 10 2.04 -6.84 -17.33
CA ILE A 10 1.67 -6.79 -15.92
C ILE A 10 0.75 -5.60 -15.65
N TYR A 11 0.01 -5.68 -14.55
CA TYR A 11 -0.91 -4.61 -14.16
C TYR A 11 -1.15 -4.60 -12.66
N LYS A 12 -1.74 -3.52 -12.16
CA LYS A 12 -2.02 -3.39 -10.75
C LYS A 12 -3.47 -2.99 -10.51
N ASN A 13 -4.39 -3.80 -11.04
CA ASN A 13 -5.82 -3.53 -10.89
C ASN A 13 -6.38 -4.25 -9.67
N LYS A 14 -5.72 -4.07 -8.53
CA LYS A 14 -6.16 -4.71 -7.29
C LYS A 14 -7.13 -3.81 -6.53
N LYS A 15 -6.84 -2.51 -6.52
CA LYS A 15 -7.68 -1.54 -5.83
C LYS A 15 -8.09 -0.42 -6.78
N SER A 16 -9.20 0.24 -6.46
CA SER A 16 -9.71 1.33 -7.28
C SER A 16 -8.82 2.57 -7.13
N HIS A 17 -8.24 3.00 -8.24
CA HIS A 17 -7.37 4.17 -8.24
C HIS A 17 -7.98 5.29 -7.39
N GLU A 18 -9.30 5.40 -7.42
CA GLU A 18 -9.99 6.44 -6.66
C GLU A 18 -9.43 6.55 -5.26
N GLN A 19 -9.13 5.41 -4.64
CA GLN A 19 -8.59 5.37 -3.30
C GLN A 19 -7.12 4.98 -3.31
N LEU A 20 -6.80 3.95 -4.09
CA LEU A 20 -5.43 3.47 -4.19
C LEU A 20 -4.46 4.63 -4.39
N SER A 21 -4.87 5.61 -5.18
CA SER A 21 -4.04 6.78 -5.45
C SER A 21 -3.61 7.46 -4.15
N ALA A 22 -4.57 7.67 -3.26
CA ALA A 22 -4.29 8.30 -1.97
C ALA A 22 -3.12 7.62 -1.27
N LEU A 23 -3.25 6.32 -1.05
CA LEU A 23 -2.20 5.55 -0.37
C LEU A 23 -0.86 5.78 -1.05
N LYS A 24 -0.80 5.51 -2.35
CA LYS A 24 0.43 5.69 -3.11
C LYS A 24 1.15 6.97 -2.71
N GLY A 25 0.41 8.07 -2.66
CA GLY A 25 0.99 9.35 -2.28
C GLY A 25 1.49 9.36 -0.85
N SER A 26 0.60 9.01 0.08
CA SER A 26 0.96 8.99 1.50
C SER A 26 2.23 8.18 1.73
N PHE A 27 2.24 6.95 1.20
CA PHE A 27 3.39 6.07 1.36
C PHE A 27 4.69 6.87 1.31
N CYS A 28 4.80 7.77 0.34
CA CYS A 28 5.99 8.59 0.17
C CYS A 28 6.08 9.64 1.29
N ARG A 29 5.12 10.56 1.30
CA ARG A 29 5.09 11.61 2.31
C ARG A 29 5.60 11.09 3.65
N ASN A 30 4.90 10.11 4.20
CA ASN A 30 5.27 9.53 5.48
C ASN A 30 5.69 8.06 5.32
N GLN A 31 6.96 7.79 5.56
CA GLN A 31 7.48 6.43 5.44
C GLN A 31 6.46 5.41 5.94
N PHE A 32 6.02 5.58 7.18
CA PHE A 32 5.05 4.67 7.78
C PHE A 32 4.08 5.43 8.68
N PRO A 33 2.81 4.99 8.68
CA PRO A 33 1.76 5.62 9.48
C PRO A 33 1.95 5.38 10.98
N GLY A 34 1.15 6.06 11.79
CA GLY A 34 1.25 5.91 13.23
C GLY A 34 -0.08 5.54 13.86
N GLN A 35 -0.85 6.56 14.24
CA GLN A 35 -2.15 6.34 14.87
C GLN A 35 -3.23 7.20 14.21
N SER A 36 -2.91 8.47 14.00
CA SER A 36 -3.85 9.40 13.38
C SER A 36 -3.89 9.21 11.87
N GLU A 37 -2.72 8.97 11.28
CA GLU A 37 -2.61 8.77 9.84
C GLU A 37 -3.56 7.65 9.38
N VAL A 38 -3.43 6.49 10.02
CA VAL A 38 -4.27 5.34 9.66
C VAL A 38 -5.74 5.68 9.82
N GLU A 39 -6.09 6.27 10.95
CA GLU A 39 -7.48 6.64 11.23
C GLU A 39 -8.03 7.53 10.11
N HIS A 40 -7.14 8.30 9.48
CA HIS A 40 -7.54 9.19 8.39
C HIS A 40 -7.65 8.44 7.08
N LEU A 41 -6.55 7.77 6.69
CA LEU A 41 -6.52 7.01 5.45
C LEU A 41 -7.66 6.01 5.39
N THR A 42 -8.06 5.50 6.56
CA THR A 42 -9.15 4.53 6.64
C THR A 42 -10.45 5.12 6.13
N LYS A 43 -10.58 6.45 6.21
CA LYS A 43 -11.78 7.13 5.74
C LYS A 43 -11.70 7.40 4.24
N VAL A 44 -10.51 7.77 3.77
CA VAL A 44 -10.31 8.05 2.36
C VAL A 44 -10.59 6.83 1.50
N THR A 45 -9.96 5.72 1.85
CA THR A 45 -10.15 4.47 1.11
C THR A 45 -11.38 3.72 1.60
N GLY A 46 -11.52 3.62 2.92
CA GLY A 46 -12.66 2.93 3.48
C GLY A 46 -12.37 1.47 3.77
N LEU A 47 -11.10 1.14 3.92
CA LEU A 47 -10.68 -0.23 4.20
C LEU A 47 -10.40 -0.42 5.69
N SER A 48 -10.27 -1.68 6.10
CA SER A 48 -10.01 -2.00 7.50
C SER A 48 -8.62 -1.52 7.92
N THR A 49 -8.52 -1.01 9.15
CA THR A 49 -7.25 -0.52 9.66
C THR A 49 -6.09 -1.41 9.24
N ARG A 50 -6.33 -2.72 9.28
CA ARG A 50 -5.30 -3.69 8.89
C ARG A 50 -5.04 -3.64 7.39
N GLU A 51 -6.12 -3.60 6.61
CA GLU A 51 -6.01 -3.55 5.16
C GLU A 51 -5.16 -2.35 4.72
N VAL A 52 -5.38 -1.21 5.36
CA VAL A 52 -4.64 0.00 5.05
C VAL A 52 -3.15 -0.16 5.36
N ARG A 53 -2.86 -0.75 6.52
CA ARG A 53 -1.49 -0.95 6.94
C ARG A 53 -0.86 -2.13 6.19
N LYS A 54 -1.70 -2.95 5.58
CA LYS A 54 -1.24 -4.12 4.84
C LYS A 54 -0.67 -3.70 3.49
N TRP A 55 -1.21 -2.63 2.91
CA TRP A 55 -0.75 -2.14 1.62
C TRP A 55 0.66 -1.56 1.74
N PHE A 56 0.90 -0.83 2.82
CA PHE A 56 2.21 -0.22 3.04
C PHE A 56 3.33 -1.23 2.83
N SER A 57 3.11 -2.45 3.29
CA SER A 57 4.10 -3.52 3.16
C SER A 57 4.26 -3.91 1.69
N ASP A 58 3.15 -4.02 0.99
CA ASP A 58 3.16 -4.40 -0.43
C ASP A 58 4.18 -3.56 -1.20
N ARG A 59 3.96 -2.25 -1.23
CA ARG A 59 4.86 -1.35 -1.94
C ARG A 59 6.31 -1.62 -1.56
N ARG A 60 6.57 -1.71 -0.27
CA ARG A 60 7.92 -1.96 0.22
C ARG A 60 8.53 -3.18 -0.46
N TYR A 61 7.79 -4.29 -0.45
CA TYR A 61 8.26 -5.52 -1.07
C TYR A 61 8.95 -5.23 -2.41
N HIS A 62 8.38 -4.30 -3.17
CA HIS A 62 8.95 -3.93 -4.46
C HIS A 62 10.29 -3.22 -4.30
N CYS A 63 10.31 -2.22 -3.41
CA CYS A 63 11.52 -1.46 -3.16
C CYS A 63 12.68 -2.38 -2.79
N ARG A 64 12.40 -3.34 -1.92
CA ARG A 64 13.42 -4.29 -1.48
C ARG A 64 13.80 -5.24 -2.60
N ASN A 65 12.84 -5.52 -3.49
CA ASN A 65 13.07 -6.42 -4.61
C ASN A 65 14.13 -5.85 -5.56
N LEU A 66 13.96 -4.59 -5.92
CA LEU A 66 14.91 -3.92 -6.81
C LEU A 66 16.35 -4.20 -6.39
N LYS A 67 16.58 -4.32 -5.09
CA LYS A 67 17.90 -4.58 -4.56
C LYS A 67 18.94 -3.68 -5.22
N GLY A 68 18.56 -2.42 -5.43
CA GLY A 68 19.48 -1.47 -6.05
C GLY A 68 18.79 -0.19 -6.47
N SER A 69 19.46 0.94 -6.23
CA SER A 69 18.90 2.24 -6.59
C SER A 69 19.03 2.50 -8.09
N ARG A 70 17.98 3.05 -8.69
CA ARG A 70 17.98 3.34 -10.11
C ARG A 70 18.62 2.21 -10.90
N SER A 71 18.18 0.99 -10.62
CA SER A 71 18.71 -0.19 -11.31
C SER A 71 17.63 -0.84 -12.17
N GLY A 72 17.66 -0.54 -13.46
CA GLY A 72 16.69 -1.10 -14.38
C GLY A 72 16.12 -0.07 -15.33
N PRO A 73 16.94 0.39 -16.28
CA PRO A 73 16.54 1.39 -17.28
C PRO A 73 15.53 0.83 -18.28
N SER A 74 14.51 1.62 -18.57
CA SER A 74 13.47 1.20 -19.51
C SER A 74 12.93 2.41 -20.29
N SER A 75 12.67 2.20 -21.57
CA SER A 75 12.15 3.27 -22.42
C SER A 75 11.21 2.71 -23.48
N GLY A 76 10.08 3.39 -23.66
CA GLY A 76 9.10 2.94 -24.64
C GLY A 76 8.34 4.10 -25.26
N GLY A 1 -19.26 10.76 -6.77
CA GLY A 1 -19.14 9.39 -7.25
C GLY A 1 -19.60 8.38 -6.22
N SER A 2 -18.75 7.40 -5.92
CA SER A 2 -19.08 6.37 -4.95
C SER A 2 -20.40 5.68 -5.31
N SER A 3 -20.58 5.41 -6.60
CA SER A 3 -21.79 4.76 -7.08
C SER A 3 -21.53 3.98 -8.36
N GLY A 4 -21.99 2.73 -8.39
CA GLY A 4 -21.79 1.90 -9.57
C GLY A 4 -23.09 1.35 -10.13
N SER A 5 -23.22 1.36 -11.45
CA SER A 5 -24.42 0.87 -12.11
C SER A 5 -24.11 -0.33 -12.99
N SER A 6 -24.02 -1.50 -12.37
CA SER A 6 -23.72 -2.73 -13.09
C SER A 6 -22.35 -2.65 -13.78
N GLY A 7 -21.40 -2.04 -13.09
CA GLY A 7 -20.06 -1.91 -13.64
C GLY A 7 -19.29 -3.20 -13.62
N ALA A 8 -18.92 -3.64 -12.42
CA ALA A 8 -18.17 -4.89 -12.26
C ALA A 8 -19.03 -5.97 -11.61
N SER A 9 -19.61 -6.83 -12.45
CA SER A 9 -20.45 -7.91 -11.95
C SER A 9 -19.66 -8.86 -11.05
N ILE A 10 -18.47 -9.23 -11.50
CA ILE A 10 -17.61 -10.13 -10.74
C ILE A 10 -16.74 -9.37 -9.75
N TYR A 11 -16.41 -10.00 -8.64
CA TYR A 11 -15.60 -9.38 -7.61
C TYR A 11 -14.38 -10.25 -7.28
N LYS A 12 -13.27 -9.97 -7.93
CA LYS A 12 -12.04 -10.72 -7.71
C LYS A 12 -10.86 -10.08 -8.45
N ASN A 13 -9.68 -10.15 -7.85
CA ASN A 13 -8.48 -9.59 -8.46
C ASN A 13 -8.76 -8.19 -9.01
N LYS A 14 -9.48 -7.38 -8.24
CA LYS A 14 -9.80 -6.02 -8.64
C LYS A 14 -9.85 -5.10 -7.43
N LYS A 15 -9.52 -3.83 -7.65
CA LYS A 15 -9.53 -2.84 -6.58
C LYS A 15 -9.93 -1.46 -7.11
N SER A 16 -10.09 -0.50 -6.21
CA SER A 16 -10.48 0.85 -6.60
C SER A 16 -9.25 1.74 -6.76
N HIS A 17 -9.14 2.36 -7.93
CA HIS A 17 -8.01 3.24 -8.22
C HIS A 17 -8.20 4.60 -7.54
N GLU A 18 -9.43 5.09 -7.53
CA GLU A 18 -9.73 6.37 -6.91
C GLU A 18 -9.07 6.49 -5.54
N GLN A 19 -9.28 5.47 -4.70
CA GLN A 19 -8.70 5.46 -3.36
C GLN A 19 -7.22 5.12 -3.41
N LEU A 20 -6.87 4.11 -4.21
CA LEU A 20 -5.49 3.68 -4.34
C LEU A 20 -4.55 4.89 -4.38
N SER A 21 -4.83 5.83 -5.28
CA SER A 21 -4.02 7.03 -5.41
C SER A 21 -3.64 7.60 -4.04
N ALA A 22 -4.66 7.95 -3.26
CA ALA A 22 -4.43 8.50 -1.94
C ALA A 22 -3.32 7.76 -1.21
N LEU A 23 -3.49 6.45 -1.06
CA LEU A 23 -2.50 5.63 -0.37
C LEU A 23 -1.10 5.93 -0.89
N LYS A 24 -0.89 5.74 -2.19
CA LYS A 24 0.41 6.00 -2.80
C LYS A 24 1.00 7.31 -2.30
N GLY A 25 0.19 8.37 -2.34
CA GLY A 25 0.65 9.67 -1.88
C GLY A 25 1.22 9.62 -0.48
N SER A 26 0.38 9.28 0.50
CA SER A 26 0.81 9.21 1.89
C SER A 26 2.19 8.57 2.00
N PHE A 27 2.32 7.38 1.43
CA PHE A 27 3.60 6.66 1.46
C PHE A 27 4.77 7.61 1.26
N CYS A 28 4.66 8.46 0.24
CA CYS A 28 5.72 9.43 -0.07
C CYS A 28 5.98 10.34 1.13
N ARG A 29 4.91 10.88 1.69
CA ARG A 29 5.02 11.77 2.84
C ARG A 29 5.65 11.05 4.03
N ASN A 30 4.96 10.03 4.53
CA ASN A 30 5.44 9.26 5.67
C ASN A 30 5.67 7.80 5.28
N GLN A 31 6.84 7.28 5.63
CA GLN A 31 7.18 5.89 5.32
C GLN A 31 6.07 4.94 5.78
N PHE A 32 5.70 5.05 7.06
CA PHE A 32 4.66 4.20 7.62
C PHE A 32 3.73 5.01 8.51
N PRO A 33 2.43 4.65 8.48
CA PRO A 33 1.41 5.34 9.27
C PRO A 33 1.55 5.06 10.77
N GLY A 34 0.70 5.69 11.57
CA GLY A 34 0.75 5.50 13.01
C GLY A 34 -0.63 5.26 13.61
N GLN A 35 -1.27 6.33 14.06
CA GLN A 35 -2.60 6.22 14.66
C GLN A 35 -3.56 7.21 14.01
N SER A 36 -3.06 8.39 13.67
CA SER A 36 -3.88 9.42 13.06
C SER A 36 -4.04 9.17 11.55
N GLU A 37 -2.92 9.11 10.84
CA GLU A 37 -2.93 8.87 9.41
C GLU A 37 -3.92 7.77 9.05
N VAL A 38 -3.78 6.62 9.71
CA VAL A 38 -4.66 5.49 9.46
C VAL A 38 -6.13 5.89 9.58
N GLU A 39 -6.52 6.36 10.76
CA GLU A 39 -7.90 6.77 10.99
C GLU A 39 -8.45 7.53 9.79
N HIS A 40 -7.59 8.33 9.15
CA HIS A 40 -8.00 9.09 7.97
C HIS A 40 -8.17 8.18 6.76
N LEU A 41 -7.13 7.43 6.44
CA LEU A 41 -7.17 6.52 5.30
C LEU A 41 -8.37 5.60 5.38
N THR A 42 -8.62 5.05 6.56
CA THR A 42 -9.74 4.15 6.77
C THR A 42 -11.04 4.76 6.24
N LYS A 43 -11.05 6.08 6.08
CA LYS A 43 -12.22 6.78 5.57
C LYS A 43 -11.99 7.26 4.14
N VAL A 44 -10.73 7.50 3.80
CA VAL A 44 -10.38 7.96 2.46
C VAL A 44 -10.52 6.84 1.44
N THR A 45 -10.23 5.61 1.87
CA THR A 45 -10.31 4.45 0.99
C THR A 45 -11.49 3.57 1.37
N GLY A 46 -11.75 3.45 2.67
CA GLY A 46 -12.85 2.63 3.14
C GLY A 46 -12.39 1.25 3.57
N LEU A 47 -11.15 0.91 3.25
CA LEU A 47 -10.60 -0.40 3.61
C LEU A 47 -10.44 -0.53 5.12
N SER A 48 -10.52 -1.77 5.61
CA SER A 48 -10.40 -2.03 7.03
C SER A 48 -9.06 -1.52 7.57
N THR A 49 -9.07 -1.07 8.82
CA THR A 49 -7.86 -0.54 9.44
C THR A 49 -6.67 -1.46 9.20
N ARG A 50 -6.93 -2.76 9.13
CA ARG A 50 -5.89 -3.75 8.90
C ARG A 50 -5.45 -3.73 7.44
N GLU A 51 -6.42 -3.70 6.53
CA GLU A 51 -6.14 -3.68 5.10
C GLU A 51 -5.30 -2.47 4.72
N VAL A 52 -5.66 -1.32 5.27
CA VAL A 52 -4.94 -0.07 5.00
C VAL A 52 -3.46 -0.22 5.35
N ARG A 53 -3.18 -0.70 6.54
CA ARG A 53 -1.81 -0.89 7.00
C ARG A 53 -1.12 -2.00 6.21
N LYS A 54 -1.86 -3.07 5.94
CA LYS A 54 -1.33 -4.20 5.20
C LYS A 54 -0.76 -3.76 3.85
N TRP A 55 -1.56 -3.02 3.09
CA TRP A 55 -1.12 -2.54 1.79
C TRP A 55 0.30 -2.00 1.85
N PHE A 56 0.52 -1.01 2.70
CA PHE A 56 1.84 -0.41 2.86
C PHE A 56 2.93 -1.45 2.70
N SER A 57 2.84 -2.53 3.47
CA SER A 57 3.82 -3.60 3.42
C SER A 57 4.03 -4.08 1.98
N ASP A 58 2.93 -4.36 1.29
CA ASP A 58 2.99 -4.82 -0.08
C ASP A 58 3.80 -3.86 -0.95
N ARG A 59 3.28 -2.65 -1.13
CA ARG A 59 3.95 -1.64 -1.93
C ARG A 59 5.47 -1.73 -1.76
N ARG A 60 5.91 -1.80 -0.51
CA ARG A 60 7.34 -1.88 -0.20
C ARG A 60 7.98 -3.06 -0.94
N TYR A 61 7.51 -4.26 -0.64
CA TYR A 61 8.03 -5.47 -1.26
C TYR A 61 8.42 -5.19 -2.73
N HIS A 62 7.52 -4.55 -3.45
CA HIS A 62 7.75 -4.24 -4.86
C HIS A 62 9.21 -3.82 -5.08
N CYS A 63 9.68 -2.87 -4.27
CA CYS A 63 11.05 -2.38 -4.39
C CYS A 63 12.04 -3.54 -4.35
N ARG A 64 12.07 -4.27 -3.24
CA ARG A 64 12.97 -5.40 -3.07
C ARG A 64 13.17 -6.13 -4.40
N ASN A 65 12.08 -6.26 -5.16
CA ASN A 65 12.13 -6.95 -6.45
C ASN A 65 13.06 -6.22 -7.41
N LEU A 66 12.83 -4.92 -7.56
CA LEU A 66 13.65 -4.10 -8.45
C LEU A 66 15.12 -4.17 -8.08
N LYS A 67 15.96 -4.54 -9.04
CA LYS A 67 17.40 -4.65 -8.82
C LYS A 67 17.89 -3.51 -7.93
N GLY A 68 17.69 -2.29 -8.39
CA GLY A 68 18.13 -1.12 -7.64
C GLY A 68 17.75 0.18 -8.30
N SER A 69 18.35 0.45 -9.45
CA SER A 69 18.07 1.68 -10.18
C SER A 69 16.60 1.78 -10.54
N ARG A 70 15.95 2.83 -10.03
CA ARG A 70 14.53 3.04 -10.29
C ARG A 70 14.24 4.52 -10.56
N SER A 71 13.69 4.80 -11.74
CA SER A 71 13.38 6.17 -12.13
C SER A 71 12.27 6.74 -11.24
N GLY A 72 11.14 6.04 -11.18
CA GLY A 72 10.03 6.50 -10.36
C GLY A 72 8.98 7.24 -11.17
N PRO A 73 7.82 7.48 -10.55
CA PRO A 73 6.71 8.19 -11.20
C PRO A 73 7.02 9.66 -11.43
N SER A 74 7.63 10.30 -10.44
CA SER A 74 7.98 11.71 -10.53
C SER A 74 8.92 12.12 -9.41
N SER A 75 9.60 13.24 -9.59
CA SER A 75 10.54 13.75 -8.60
C SER A 75 9.92 13.73 -7.20
N GLY A 76 10.76 13.80 -6.18
CA GLY A 76 10.27 13.80 -4.81
C GLY A 76 11.13 12.95 -3.89
N GLY A 1 -24.67 14.24 -1.34
CA GLY A 1 -23.31 13.72 -1.47
C GLY A 1 -22.98 12.70 -0.41
N SER A 2 -23.29 13.01 0.85
CA SER A 2 -23.03 12.11 1.96
C SER A 2 -24.31 11.78 2.72
N SER A 3 -24.86 10.60 2.45
CA SER A 3 -26.09 10.17 3.11
C SER A 3 -25.92 8.78 3.72
N GLY A 4 -26.90 8.37 4.51
CA GLY A 4 -26.85 7.06 5.14
C GLY A 4 -27.42 5.97 4.26
N SER A 5 -26.58 5.00 3.91
CA SER A 5 -27.00 3.89 3.06
C SER A 5 -26.45 2.58 3.56
N SER A 6 -27.34 1.67 3.96
CA SER A 6 -26.93 0.37 4.47
C SER A 6 -27.14 -0.71 3.41
N GLY A 7 -26.18 -1.63 3.32
CA GLY A 7 -26.27 -2.70 2.36
C GLY A 7 -25.13 -3.70 2.49
N ALA A 8 -25.14 -4.72 1.64
CA ALA A 8 -24.09 -5.74 1.66
C ALA A 8 -23.13 -5.58 0.48
N SER A 9 -21.86 -5.37 0.79
CA SER A 9 -20.85 -5.19 -0.24
C SER A 9 -20.38 -6.54 -0.79
N ILE A 10 -19.80 -6.52 -1.98
CA ILE A 10 -19.32 -7.74 -2.61
C ILE A 10 -17.99 -8.18 -2.01
N TYR A 11 -17.76 -9.49 -1.99
CA TYR A 11 -16.52 -10.04 -1.45
C TYR A 11 -15.31 -9.26 -1.94
N LYS A 12 -15.17 -9.18 -3.27
CA LYS A 12 -14.07 -8.46 -3.88
C LYS A 12 -14.57 -7.29 -4.72
N ASN A 13 -14.50 -6.09 -4.15
CA ASN A 13 -14.95 -4.89 -4.84
C ASN A 13 -13.85 -4.33 -5.73
N LYS A 14 -14.23 -3.93 -6.95
CA LYS A 14 -13.27 -3.37 -7.90
C LYS A 14 -12.34 -2.37 -7.22
N LYS A 15 -11.19 -2.14 -7.82
CA LYS A 15 -10.21 -1.20 -7.29
C LYS A 15 -10.15 0.08 -8.13
N SER A 16 -9.94 -0.09 -9.43
CA SER A 16 -9.87 1.04 -10.34
C SER A 16 -9.00 2.15 -9.76
N HIS A 17 -7.93 1.76 -9.06
CA HIS A 17 -7.03 2.72 -8.46
C HIS A 17 -7.79 3.91 -7.89
N GLU A 18 -9.03 3.68 -7.50
CA GLU A 18 -9.87 4.73 -6.95
C GLU A 18 -9.40 5.13 -5.55
N GLN A 19 -8.97 4.13 -4.78
CA GLN A 19 -8.50 4.37 -3.43
C GLN A 19 -6.98 4.19 -3.34
N LEU A 20 -6.46 3.24 -4.12
CA LEU A 20 -5.03 2.97 -4.12
C LEU A 20 -4.23 4.26 -4.23
N SER A 21 -4.68 5.16 -5.10
CA SER A 21 -4.00 6.44 -5.31
C SER A 21 -3.68 7.09 -3.97
N ALA A 22 -4.69 7.22 -3.12
CA ALA A 22 -4.51 7.83 -1.81
C ALA A 22 -3.37 7.18 -1.05
N LEU A 23 -3.48 5.88 -0.80
CA LEU A 23 -2.45 5.14 -0.08
C LEU A 23 -1.05 5.52 -0.58
N LYS A 24 -0.88 5.49 -1.90
CA LYS A 24 0.39 5.83 -2.52
C LYS A 24 0.93 7.14 -1.96
N GLY A 25 0.09 8.17 -1.95
CA GLY A 25 0.50 9.47 -1.44
C GLY A 25 1.06 9.37 -0.03
N SER A 26 0.33 8.70 0.85
CA SER A 26 0.75 8.55 2.24
C SER A 26 2.18 7.99 2.32
N PHE A 27 2.34 6.76 1.84
CA PHE A 27 3.65 6.11 1.86
C PHE A 27 4.76 7.11 1.60
N CYS A 28 4.65 7.82 0.47
CA CYS A 28 5.65 8.81 0.09
C CYS A 28 5.79 9.88 1.17
N ARG A 29 4.69 10.55 1.49
CA ARG A 29 4.69 11.59 2.51
C ARG A 29 5.39 11.11 3.78
N ASN A 30 4.84 10.07 4.39
CA ASN A 30 5.41 9.51 5.62
C ASN A 30 5.80 8.06 5.42
N GLN A 31 7.06 7.74 5.72
CA GLN A 31 7.56 6.39 5.58
C GLN A 31 6.49 5.36 5.97
N PHE A 32 6.08 5.40 7.24
CA PHE A 32 5.06 4.48 7.73
C PHE A 32 3.99 5.22 8.52
N PRO A 33 2.74 4.77 8.41
CA PRO A 33 1.60 5.38 9.10
C PRO A 33 1.65 5.14 10.61
N GLY A 34 1.41 6.19 11.38
CA GLY A 34 1.44 6.06 12.82
C GLY A 34 0.05 5.83 13.41
N GLN A 35 -0.58 6.90 13.86
CA GLN A 35 -1.92 6.81 14.45
C GLN A 35 -2.92 7.64 13.65
N SER A 36 -2.56 8.89 13.36
CA SER A 36 -3.43 9.78 12.61
C SER A 36 -3.54 9.33 11.15
N GLU A 37 -2.40 9.07 10.53
CA GLU A 37 -2.37 8.62 9.14
C GLU A 37 -3.41 7.53 8.90
N VAL A 38 -3.32 6.46 9.66
CA VAL A 38 -4.25 5.34 9.53
C VAL A 38 -5.70 5.82 9.65
N GLU A 39 -6.04 6.32 10.83
CA GLU A 39 -7.40 6.81 11.07
C GLU A 39 -7.91 7.61 9.89
N HIS A 40 -7.04 8.41 9.30
CA HIS A 40 -7.40 9.23 8.15
C HIS A 40 -7.63 8.36 6.91
N LEU A 41 -6.61 7.62 6.51
CA LEU A 41 -6.70 6.75 5.35
C LEU A 41 -7.94 5.86 5.43
N THR A 42 -8.07 5.14 6.54
CA THR A 42 -9.22 4.25 6.74
C THR A 42 -10.49 4.87 6.20
N LYS A 43 -10.57 6.20 6.23
CA LYS A 43 -11.73 6.91 5.75
C LYS A 43 -11.56 7.32 4.29
N VAL A 44 -10.36 7.78 3.95
CA VAL A 44 -10.06 8.20 2.58
C VAL A 44 -10.24 7.04 1.60
N THR A 45 -10.03 5.83 2.09
CA THR A 45 -10.17 4.64 1.25
C THR A 45 -11.35 3.78 1.71
N GLY A 46 -11.47 3.60 3.02
CA GLY A 46 -12.54 2.81 3.56
C GLY A 46 -12.10 1.40 3.96
N LEU A 47 -10.94 0.99 3.45
CA LEU A 47 -10.40 -0.33 3.76
C LEU A 47 -10.18 -0.49 5.25
N SER A 48 -10.38 -1.72 5.74
CA SER A 48 -10.20 -2.01 7.15
C SER A 48 -8.88 -1.45 7.67
N THR A 49 -8.86 -1.04 8.93
CA THR A 49 -7.66 -0.49 9.54
C THR A 49 -6.44 -1.36 9.25
N ARG A 50 -6.61 -2.66 9.41
CA ARG A 50 -5.53 -3.61 9.17
C ARG A 50 -5.17 -3.67 7.69
N GLU A 51 -6.18 -3.49 6.83
CA GLU A 51 -5.98 -3.52 5.39
C GLU A 51 -5.13 -2.33 4.94
N VAL A 52 -5.38 -1.17 5.53
CA VAL A 52 -4.64 0.03 5.18
C VAL A 52 -3.15 -0.12 5.50
N ARG A 53 -2.86 -0.71 6.66
CA ARG A 53 -1.49 -0.93 7.08
C ARG A 53 -0.86 -2.08 6.31
N LYS A 54 -1.64 -3.14 6.10
CA LYS A 54 -1.16 -4.31 5.38
C LYS A 54 -0.77 -3.95 3.96
N TRP A 55 -1.61 -3.18 3.29
CA TRP A 55 -1.35 -2.76 1.92
C TRP A 55 0.05 -2.17 1.79
N PHE A 56 0.36 -1.19 2.64
CA PHE A 56 1.67 -0.54 2.61
C PHE A 56 2.78 -1.57 2.35
N SER A 57 2.80 -2.62 3.16
CA SER A 57 3.81 -3.67 3.02
C SER A 57 3.84 -4.21 1.59
N ASP A 58 2.67 -4.35 0.98
CA ASP A 58 2.57 -4.84 -0.37
C ASP A 58 3.30 -3.92 -1.35
N ARG A 59 2.93 -2.65 -1.33
CA ARG A 59 3.55 -1.66 -2.21
C ARG A 59 5.08 -1.77 -2.16
N ARG A 60 5.64 -1.61 -0.97
CA ARG A 60 7.08 -1.68 -0.80
C ARG A 60 7.60 -3.07 -1.19
N TYR A 61 6.90 -4.10 -0.76
CA TYR A 61 7.28 -5.47 -1.06
C TYR A 61 7.34 -5.71 -2.57
N HIS A 62 6.45 -5.04 -3.30
CA HIS A 62 6.39 -5.18 -4.75
C HIS A 62 7.40 -4.25 -5.42
N CYS A 63 8.41 -3.84 -4.66
CA CYS A 63 9.44 -2.94 -5.18
C CYS A 63 10.83 -3.57 -5.05
N ARG A 64 11.04 -4.29 -3.94
CA ARG A 64 12.32 -4.94 -3.71
C ARG A 64 12.46 -6.20 -4.56
N ASN A 65 11.33 -6.72 -5.03
CA ASN A 65 11.32 -7.92 -5.85
C ASN A 65 12.51 -7.93 -6.82
N LEU A 66 12.80 -6.77 -7.39
CA LEU A 66 13.91 -6.64 -8.33
C LEU A 66 15.19 -7.20 -7.73
N LYS A 67 16.24 -7.27 -8.56
CA LYS A 67 17.52 -7.80 -8.11
C LYS A 67 18.52 -6.66 -7.89
N GLY A 68 18.61 -5.76 -8.86
CA GLY A 68 19.53 -4.64 -8.75
C GLY A 68 20.87 -4.91 -9.41
N SER A 69 21.04 -4.39 -10.62
CA SER A 69 22.29 -4.59 -11.36
C SER A 69 23.27 -3.47 -11.07
N ARG A 70 24.55 -3.83 -10.96
CA ARG A 70 25.59 -2.84 -10.68
C ARG A 70 25.20 -1.93 -9.52
N SER A 71 24.61 -2.53 -8.49
CA SER A 71 24.18 -1.77 -7.31
C SER A 71 24.96 -2.21 -6.08
N GLY A 72 26.27 -2.39 -6.24
CA GLY A 72 27.11 -2.80 -5.13
C GLY A 72 27.68 -4.19 -5.32
N PRO A 73 28.72 -4.51 -4.53
CA PRO A 73 29.39 -5.82 -4.60
C PRO A 73 28.51 -6.95 -4.07
N SER A 74 27.98 -7.75 -4.99
CA SER A 74 27.12 -8.87 -4.62
C SER A 74 27.72 -10.20 -5.08
N SER A 75 28.47 -10.84 -4.20
CA SER A 75 29.10 -12.11 -4.52
C SER A 75 28.54 -13.24 -3.65
N GLY A 76 28.33 -14.40 -4.26
CA GLY A 76 27.79 -15.53 -3.52
C GLY A 76 28.69 -15.94 -2.36
N GLY A 1 -26.04 7.40 14.36
CA GLY A 1 -24.60 7.48 14.25
C GLY A 1 -24.04 6.53 13.19
N SER A 2 -23.71 5.32 13.61
CA SER A 2 -23.17 4.31 12.70
C SER A 2 -24.25 3.37 12.23
N SER A 3 -24.29 3.13 10.92
CA SER A 3 -25.29 2.23 10.34
C SER A 3 -24.84 1.74 8.97
N GLY A 4 -25.13 0.47 8.67
CA GLY A 4 -24.75 -0.10 7.39
C GLY A 4 -23.56 -1.04 7.51
N SER A 5 -22.56 -0.83 6.67
CA SER A 5 -21.36 -1.66 6.68
C SER A 5 -21.72 -3.12 6.47
N SER A 6 -22.64 -3.38 5.56
CA SER A 6 -23.07 -4.75 5.26
C SER A 6 -23.09 -5.01 3.77
N GLY A 7 -23.00 -6.28 3.38
CA GLY A 7 -23.00 -6.64 1.98
C GLY A 7 -21.77 -6.14 1.25
N ALA A 8 -21.99 -5.39 0.19
CA ALA A 8 -20.89 -4.84 -0.60
C ALA A 8 -19.87 -5.91 -0.93
N SER A 9 -20.36 -7.10 -1.28
CA SER A 9 -19.49 -8.23 -1.62
C SER A 9 -18.54 -7.86 -2.75
N ILE A 10 -17.28 -8.25 -2.61
CA ILE A 10 -16.27 -7.95 -3.61
C ILE A 10 -16.31 -8.97 -4.74
N TYR A 11 -16.57 -8.51 -5.95
CA TYR A 11 -16.62 -9.39 -7.11
C TYR A 11 -15.62 -8.96 -8.18
N LYS A 12 -14.42 -8.59 -7.74
CA LYS A 12 -13.36 -8.16 -8.64
C LYS A 12 -11.99 -8.52 -8.09
N ASN A 13 -10.95 -8.24 -8.87
CA ASN A 13 -9.59 -8.54 -8.46
C ASN A 13 -8.78 -7.25 -8.30
N LYS A 14 -8.84 -6.39 -9.31
CA LYS A 14 -8.12 -5.13 -9.29
C LYS A 14 -8.83 -4.10 -8.41
N LYS A 15 -8.05 -3.29 -7.71
CA LYS A 15 -8.61 -2.27 -6.83
C LYS A 15 -8.92 -0.99 -7.60
N SER A 16 -9.75 -0.14 -7.02
CA SER A 16 -10.13 1.12 -7.66
C SER A 16 -9.00 2.15 -7.52
N HIS A 17 -8.50 2.62 -8.66
CA HIS A 17 -7.43 3.61 -8.66
C HIS A 17 -7.70 4.71 -7.63
N GLU A 18 -8.92 5.23 -7.64
CA GLU A 18 -9.29 6.29 -6.70
C GLU A 18 -8.72 6.02 -5.31
N GLN A 19 -8.81 4.78 -4.88
CA GLN A 19 -8.28 4.40 -3.57
C GLN A 19 -6.78 4.16 -3.62
N LEU A 20 -6.33 3.48 -4.67
CA LEU A 20 -4.90 3.19 -4.84
C LEU A 20 -4.06 4.44 -4.60
N SER A 21 -4.27 5.45 -5.43
CA SER A 21 -3.52 6.71 -5.32
C SER A 21 -3.56 7.22 -3.89
N ALA A 22 -4.77 7.46 -3.38
CA ALA A 22 -4.95 7.95 -2.02
C ALA A 22 -3.88 7.39 -1.09
N LEU A 23 -3.81 6.06 -1.01
CA LEU A 23 -2.84 5.40 -0.15
C LEU A 23 -1.42 5.81 -0.52
N LYS A 24 -1.09 5.69 -1.80
CA LYS A 24 0.23 6.05 -2.29
C LYS A 24 0.63 7.44 -1.80
N GLY A 25 -0.30 8.37 -1.87
CA GLY A 25 -0.03 9.73 -1.43
C GLY A 25 0.66 9.77 -0.08
N SER A 26 0.16 8.98 0.86
CA SER A 26 0.73 8.94 2.21
C SER A 26 2.14 8.36 2.18
N PHE A 27 2.24 7.08 1.86
CA PHE A 27 3.54 6.41 1.80
C PHE A 27 4.60 7.31 1.18
N CYS A 28 4.28 7.85 0.01
CA CYS A 28 5.21 8.74 -0.70
C CYS A 28 5.94 9.64 0.29
N ARG A 29 5.17 10.41 1.06
CA ARG A 29 5.75 11.32 2.04
C ARG A 29 5.99 10.62 3.37
N ASN A 30 4.91 10.14 3.98
CA ASN A 30 5.00 9.44 5.25
C ASN A 30 4.83 7.94 5.07
N GLN A 31 5.95 7.21 5.10
CA GLN A 31 5.92 5.76 4.94
C GLN A 31 5.40 5.08 6.19
N PHE A 32 5.68 5.69 7.35
CA PHE A 32 5.24 5.14 8.63
C PHE A 32 4.09 5.97 9.21
N PRO A 33 2.87 5.71 8.73
CA PRO A 33 1.68 6.42 9.18
C PRO A 33 1.29 6.04 10.60
N GLY A 34 1.31 7.02 11.51
CA GLY A 34 0.96 6.77 12.89
C GLY A 34 -0.48 6.38 13.06
N GLN A 35 -1.02 6.59 14.26
CA GLN A 35 -2.40 6.25 14.55
C GLN A 35 -3.36 7.13 13.75
N SER A 36 -3.31 8.43 14.01
CA SER A 36 -4.18 9.39 13.31
C SER A 36 -4.12 9.17 11.80
N GLU A 37 -2.90 8.99 11.28
CA GLU A 37 -2.73 8.78 9.85
C GLU A 37 -3.63 7.66 9.35
N VAL A 38 -3.47 6.47 9.91
CA VAL A 38 -4.28 5.32 9.52
C VAL A 38 -5.76 5.60 9.71
N GLU A 39 -6.12 6.03 10.92
CA GLU A 39 -7.51 6.32 11.23
C GLU A 39 -8.13 7.24 10.17
N HIS A 40 -7.28 8.03 9.52
CA HIS A 40 -7.74 8.95 8.48
C HIS A 40 -7.89 8.23 7.15
N LEU A 41 -6.79 7.63 6.69
CA LEU A 41 -6.79 6.91 5.41
C LEU A 41 -7.91 5.86 5.39
N THR A 42 -8.23 5.32 6.55
CA THR A 42 -9.28 4.31 6.66
C THR A 42 -10.63 4.88 6.25
N LYS A 43 -10.80 6.18 6.46
CA LYS A 43 -12.06 6.85 6.11
C LYS A 43 -12.11 7.16 4.61
N VAL A 44 -10.95 7.48 4.04
CA VAL A 44 -10.87 7.79 2.61
C VAL A 44 -11.20 6.58 1.76
N THR A 45 -10.50 5.47 2.01
CA THR A 45 -10.72 4.25 1.26
C THR A 45 -11.89 3.45 1.83
N GLY A 46 -12.16 3.66 3.12
CA GLY A 46 -13.26 2.96 3.77
C GLY A 46 -12.94 1.50 4.03
N LEU A 47 -11.66 1.16 3.94
CA LEU A 47 -11.23 -0.23 4.16
C LEU A 47 -10.97 -0.48 5.65
N SER A 48 -10.57 -1.70 5.98
CA SER A 48 -10.29 -2.07 7.36
C SER A 48 -8.89 -1.64 7.77
N THR A 49 -8.76 -1.16 8.99
CA THR A 49 -7.48 -0.71 9.51
C THR A 49 -6.37 -1.69 9.16
N ARG A 50 -6.73 -2.96 9.05
CA ARG A 50 -5.76 -4.00 8.71
C ARG A 50 -5.41 -3.96 7.22
N GLU A 51 -6.44 -3.84 6.39
CA GLU A 51 -6.25 -3.79 4.94
C GLU A 51 -5.44 -2.56 4.53
N VAL A 52 -5.57 -1.50 5.33
CA VAL A 52 -4.85 -0.26 5.05
C VAL A 52 -3.39 -0.35 5.50
N ARG A 53 -3.18 -0.93 6.68
CA ARG A 53 -1.83 -1.07 7.22
C ARG A 53 -1.09 -2.22 6.54
N LYS A 54 -1.85 -3.13 5.94
CA LYS A 54 -1.28 -4.28 5.24
C LYS A 54 -0.75 -3.88 3.88
N TRP A 55 -1.41 -2.91 3.25
CA TRP A 55 -1.01 -2.43 1.93
C TRP A 55 0.38 -1.80 1.99
N PHE A 56 0.55 -0.86 2.91
CA PHE A 56 1.84 -0.17 3.07
C PHE A 56 3.00 -1.16 2.97
N SER A 57 2.81 -2.33 3.56
CA SER A 57 3.84 -3.35 3.55
C SER A 57 4.13 -3.84 2.13
N ASP A 58 3.07 -3.94 1.33
CA ASP A 58 3.20 -4.38 -0.06
C ASP A 58 3.95 -3.34 -0.89
N ARG A 59 3.46 -2.11 -0.88
CA ARG A 59 4.09 -1.03 -1.64
C ARG A 59 5.60 -1.04 -1.45
N ARG A 60 6.03 -0.96 -0.19
CA ARG A 60 7.45 -0.96 0.12
C ARG A 60 8.08 -2.33 -0.16
N TYR A 61 7.37 -3.38 0.22
CA TYR A 61 7.85 -4.74 0.00
C TYR A 61 8.45 -4.89 -1.38
N HIS A 62 7.71 -4.47 -2.39
CA HIS A 62 8.17 -4.55 -3.78
C HIS A 62 9.52 -3.86 -3.94
N CYS A 63 9.64 -2.67 -3.39
CA CYS A 63 10.88 -1.89 -3.48
C CYS A 63 12.07 -2.75 -3.09
N ARG A 64 11.92 -3.54 -2.02
CA ARG A 64 12.99 -4.39 -1.55
C ARG A 64 13.76 -5.00 -2.71
N ASN A 65 13.04 -5.55 -3.68
CA ASN A 65 13.66 -6.16 -4.86
C ASN A 65 12.94 -5.74 -6.13
N LEU A 66 13.71 -5.29 -7.11
CA LEU A 66 13.14 -4.85 -8.39
C LEU A 66 13.66 -5.71 -9.54
N LYS A 67 13.07 -5.54 -10.71
CA LYS A 67 13.47 -6.31 -11.89
C LYS A 67 14.87 -5.90 -12.33
N GLY A 68 15.40 -6.62 -13.32
CA GLY A 68 16.73 -6.32 -13.83
C GLY A 68 17.73 -7.42 -13.51
N SER A 69 18.12 -8.18 -14.52
CA SER A 69 19.08 -9.26 -14.34
C SER A 69 20.47 -8.84 -14.77
N ARG A 70 20.58 -8.31 -15.99
CA ARG A 70 21.86 -7.87 -16.52
C ARG A 70 22.42 -6.73 -15.68
N SER A 71 21.58 -5.75 -15.39
CA SER A 71 22.00 -4.59 -14.60
C SER A 71 22.11 -4.96 -13.12
N GLY A 72 23.26 -4.64 -12.53
CA GLY A 72 23.48 -4.95 -11.13
C GLY A 72 23.34 -3.72 -10.24
N PRO A 73 24.46 -3.02 -10.00
CA PRO A 73 24.49 -1.82 -9.16
C PRO A 73 23.78 -0.65 -9.82
N SER A 74 22.54 -0.40 -9.43
CA SER A 74 21.75 0.69 -9.99
C SER A 74 22.39 2.04 -9.65
N SER A 75 22.98 2.67 -10.67
CA SER A 75 23.62 3.97 -10.48
C SER A 75 22.75 4.90 -9.65
N GLY A 76 23.40 5.80 -8.91
CA GLY A 76 22.67 6.74 -8.08
C GLY A 76 23.38 7.06 -6.79
N GLY A 1 -3.33 -22.75 1.94
CA GLY A 1 -3.74 -21.73 1.00
C GLY A 1 -4.93 -22.16 0.17
N SER A 2 -6.01 -21.39 0.25
CA SER A 2 -7.24 -21.70 -0.50
C SER A 2 -7.39 -20.76 -1.68
N SER A 3 -7.96 -21.29 -2.77
CA SER A 3 -8.17 -20.49 -3.98
C SER A 3 -9.66 -20.37 -4.30
N GLY A 4 -9.98 -19.59 -5.31
CA GLY A 4 -11.37 -19.39 -5.70
C GLY A 4 -11.81 -17.95 -5.59
N SER A 5 -11.49 -17.16 -6.61
CA SER A 5 -11.86 -15.75 -6.62
C SER A 5 -12.89 -15.46 -7.70
N SER A 6 -14.16 -15.60 -7.35
CA SER A 6 -15.26 -15.36 -8.29
C SER A 6 -15.65 -13.89 -8.29
N GLY A 7 -15.20 -13.17 -9.32
CA GLY A 7 -15.52 -11.76 -9.43
C GLY A 7 -14.71 -10.90 -8.48
N ALA A 8 -13.39 -11.09 -8.51
CA ALA A 8 -12.50 -10.32 -7.64
C ALA A 8 -13.08 -10.18 -6.24
N SER A 9 -13.70 -11.25 -5.75
CA SER A 9 -14.30 -11.24 -4.42
C SER A 9 -13.23 -11.31 -3.34
N ILE A 10 -12.39 -12.34 -3.41
CA ILE A 10 -11.33 -12.53 -2.43
C ILE A 10 -9.99 -12.05 -2.98
N TYR A 11 -9.17 -11.46 -2.13
CA TYR A 11 -7.87 -10.96 -2.53
C TYR A 11 -7.93 -10.32 -3.91
N LYS A 12 -8.94 -9.49 -4.13
CA LYS A 12 -9.12 -8.82 -5.41
C LYS A 12 -7.79 -8.26 -5.92
N ASN A 13 -7.60 -8.31 -7.23
CA ASN A 13 -6.38 -7.81 -7.86
C ASN A 13 -6.54 -6.37 -8.31
N LYS A 14 -7.68 -6.08 -8.93
CA LYS A 14 -7.97 -4.73 -9.42
C LYS A 14 -8.38 -3.82 -8.26
N LYS A 15 -8.04 -2.55 -8.38
CA LYS A 15 -8.39 -1.57 -7.36
C LYS A 15 -8.53 -0.17 -7.95
N SER A 16 -9.55 0.57 -7.50
CA SER A 16 -9.81 1.91 -8.00
C SER A 16 -8.62 2.83 -7.72
N HIS A 17 -7.92 3.23 -8.77
CA HIS A 17 -6.76 4.10 -8.64
C HIS A 17 -7.04 5.20 -7.62
N GLU A 18 -8.21 5.82 -7.72
CA GLU A 18 -8.60 6.89 -6.80
C GLU A 18 -8.08 6.61 -5.40
N GLN A 19 -8.23 5.36 -4.96
CA GLN A 19 -7.78 4.97 -3.63
C GLN A 19 -6.26 4.81 -3.58
N LEU A 20 -5.72 4.12 -4.57
CA LEU A 20 -4.28 3.89 -4.65
C LEU A 20 -3.51 5.18 -4.38
N SER A 21 -3.71 6.17 -5.24
CA SER A 21 -3.03 7.46 -5.10
C SER A 21 -3.09 7.94 -3.66
N ALA A 22 -4.29 7.96 -3.09
CA ALA A 22 -4.49 8.40 -1.71
C ALA A 22 -3.49 7.73 -0.78
N LEU A 23 -3.50 6.40 -0.78
CA LEU A 23 -2.59 5.63 0.08
C LEU A 23 -1.14 6.07 -0.14
N LYS A 24 -0.71 6.06 -1.39
CA LYS A 24 0.65 6.46 -1.73
C LYS A 24 1.00 7.80 -1.10
N GLY A 25 0.14 8.80 -1.33
CA GLY A 25 0.38 10.12 -0.78
C GLY A 25 1.04 10.07 0.59
N SER A 26 0.61 9.11 1.41
CA SER A 26 1.16 8.97 2.75
C SER A 26 2.52 8.28 2.71
N PHE A 27 2.60 7.17 1.99
CA PHE A 27 3.84 6.42 1.87
C PHE A 27 4.93 7.28 1.24
N CYS A 28 4.67 7.79 0.04
CA CYS A 28 5.64 8.63 -0.66
C CYS A 28 6.28 9.63 0.29
N ARG A 29 5.48 10.15 1.22
CA ARG A 29 5.96 11.13 2.19
C ARG A 29 6.72 10.44 3.33
N ASN A 30 6.00 9.65 4.11
CA ASN A 30 6.60 8.94 5.23
C ASN A 30 6.63 7.44 4.97
N GLN A 31 7.56 6.74 5.62
CA GLN A 31 7.69 5.30 5.45
C GLN A 31 6.42 4.59 5.88
N PHE A 32 5.93 4.93 7.07
CA PHE A 32 4.71 4.31 7.60
C PHE A 32 3.87 5.34 8.34
N PRO A 33 2.54 5.20 8.23
CA PRO A 33 1.59 6.11 8.89
C PRO A 33 1.59 5.94 10.41
N GLY A 34 0.87 6.83 11.10
CA GLY A 34 0.80 6.76 12.54
C GLY A 34 -0.60 6.46 13.04
N GLN A 35 -1.09 7.29 13.96
CA GLN A 35 -2.43 7.10 14.52
C GLN A 35 -3.46 7.91 13.73
N SER A 36 -3.20 9.21 13.58
CA SER A 36 -4.11 10.09 12.86
C SER A 36 -4.13 9.73 11.37
N GLU A 37 -2.94 9.60 10.79
CA GLU A 37 -2.82 9.27 9.38
C GLU A 37 -3.79 8.15 9.00
N VAL A 38 -3.65 7.00 9.65
CA VAL A 38 -4.51 5.85 9.39
C VAL A 38 -5.98 6.24 9.48
N GLU A 39 -6.39 6.69 10.66
CA GLU A 39 -7.78 7.09 10.88
C GLU A 39 -8.36 7.76 9.63
N HIS A 40 -7.53 8.54 8.94
CA HIS A 40 -7.94 9.23 7.73
C HIS A 40 -8.08 8.27 6.56
N LEU A 41 -6.99 7.56 6.26
CA LEU A 41 -6.98 6.60 5.16
C LEU A 41 -8.15 5.62 5.29
N THR A 42 -8.30 5.05 6.48
CA THR A 42 -9.38 4.10 6.73
C THR A 42 -10.69 4.58 6.14
N LYS A 43 -10.88 5.89 6.13
CA LYS A 43 -12.10 6.48 5.59
C LYS A 43 -11.93 6.83 4.11
N VAL A 44 -10.71 7.22 3.74
CA VAL A 44 -10.42 7.59 2.36
C VAL A 44 -10.44 6.36 1.45
N THR A 45 -10.37 5.18 2.06
CA THR A 45 -10.39 3.93 1.32
C THR A 45 -11.47 2.99 1.84
N GLY A 46 -11.79 3.13 3.12
CA GLY A 46 -12.81 2.28 3.72
C GLY A 46 -12.24 0.96 4.21
N LEU A 47 -11.14 0.54 3.62
CA LEU A 47 -10.50 -0.72 4.01
C LEU A 47 -10.21 -0.75 5.51
N SER A 48 -10.27 -1.94 6.09
CA SER A 48 -10.02 -2.10 7.52
C SER A 48 -8.65 -1.53 7.90
N THR A 49 -8.56 -0.99 9.11
CA THR A 49 -7.31 -0.41 9.59
C THR A 49 -6.13 -1.32 9.28
N ARG A 50 -6.32 -2.62 9.51
CA ARG A 50 -5.26 -3.60 9.26
C ARG A 50 -4.92 -3.66 7.77
N GLU A 51 -5.96 -3.57 6.93
CA GLU A 51 -5.76 -3.62 5.49
C GLU A 51 -5.00 -2.39 4.99
N VAL A 52 -5.33 -1.24 5.55
CA VAL A 52 -4.67 0.02 5.17
C VAL A 52 -3.19 -0.01 5.55
N ARG A 53 -2.91 -0.49 6.76
CA ARG A 53 -1.54 -0.56 7.25
C ARG A 53 -0.76 -1.66 6.53
N LYS A 54 -1.46 -2.75 6.20
CA LYS A 54 -0.84 -3.88 5.52
C LYS A 54 -0.46 -3.50 4.09
N TRP A 55 -1.44 -3.05 3.32
CA TRP A 55 -1.21 -2.66 1.94
C TRP A 55 0.15 -1.98 1.78
N PHE A 56 0.45 -1.05 2.68
CA PHE A 56 1.71 -0.33 2.64
C PHE A 56 2.88 -1.29 2.42
N SER A 57 2.87 -2.40 3.16
CA SER A 57 3.92 -3.40 3.06
C SER A 57 3.97 -3.99 1.65
N ASP A 58 2.79 -4.26 1.08
CA ASP A 58 2.69 -4.82 -0.25
C ASP A 58 3.18 -3.83 -1.31
N ARG A 59 2.59 -2.64 -1.30
CA ARG A 59 2.95 -1.60 -2.24
C ARG A 59 4.47 -1.51 -2.39
N ARG A 60 5.15 -1.21 -1.30
CA ARG A 60 6.60 -1.10 -1.30
C ARG A 60 7.26 -2.43 -1.62
N TYR A 61 6.75 -3.49 -1.01
CA TYR A 61 7.28 -4.84 -1.22
C TYR A 61 7.58 -5.08 -2.70
N HIS A 62 6.62 -4.74 -3.55
CA HIS A 62 6.78 -4.91 -4.99
C HIS A 62 7.93 -4.06 -5.52
N CYS A 63 7.92 -2.78 -5.16
CA CYS A 63 8.96 -1.85 -5.60
C CYS A 63 9.91 -1.52 -4.45
N ARG A 64 10.90 -2.38 -4.25
CA ARG A 64 11.87 -2.19 -3.19
C ARG A 64 13.21 -1.71 -3.75
N ASN A 65 13.74 -2.48 -4.70
CA ASN A 65 15.02 -2.14 -5.33
C ASN A 65 14.82 -1.75 -6.78
N LEU A 66 13.78 -0.97 -7.05
CA LEU A 66 13.48 -0.52 -8.40
C LEU A 66 14.36 0.66 -8.80
N LYS A 67 14.49 0.89 -10.09
CA LYS A 67 15.30 1.99 -10.61
C LYS A 67 14.77 3.33 -10.09
N GLY A 68 15.59 4.37 -10.24
CA GLY A 68 15.19 5.69 -9.79
C GLY A 68 16.37 6.60 -9.52
N SER A 69 16.30 7.37 -8.44
CA SER A 69 17.36 8.29 -8.08
C SER A 69 18.65 7.53 -7.74
N ARG A 70 19.78 8.21 -7.86
CA ARG A 70 21.07 7.59 -7.56
C ARG A 70 21.05 6.91 -6.19
N SER A 71 20.81 7.69 -5.15
CA SER A 71 20.77 7.17 -3.79
C SER A 71 19.71 6.07 -3.67
N GLY A 72 20.14 4.83 -3.82
CA GLY A 72 19.22 3.71 -3.72
C GLY A 72 19.72 2.63 -2.79
N PRO A 73 20.45 1.64 -3.35
CA PRO A 73 21.00 0.53 -2.58
C PRO A 73 22.14 0.97 -1.66
N SER A 74 22.10 0.49 -0.42
CA SER A 74 23.11 0.83 0.57
C SER A 74 23.99 -0.38 0.88
N SER A 75 23.35 -1.45 1.36
CA SER A 75 24.07 -2.67 1.71
C SER A 75 23.48 -3.87 0.99
N GLY A 76 24.33 -4.62 0.30
CA GLY A 76 23.88 -5.80 -0.43
C GLY A 76 23.75 -7.02 0.47
N GLY A 1 -9.53 -9.71 4.90
CA GLY A 1 -9.48 -10.26 6.24
C GLY A 1 -8.47 -11.38 6.37
N SER A 2 -8.94 -12.54 6.82
CA SER A 2 -8.07 -13.71 6.99
C SER A 2 -7.47 -14.13 5.66
N SER A 3 -6.61 -15.15 5.70
CA SER A 3 -5.96 -15.66 4.50
C SER A 3 -6.96 -16.33 3.58
N GLY A 4 -6.90 -16.01 2.30
CA GLY A 4 -7.81 -16.60 1.33
C GLY A 4 -7.27 -17.89 0.74
N SER A 5 -6.32 -17.76 -0.19
CA SER A 5 -5.73 -18.93 -0.83
C SER A 5 -4.50 -19.40 -0.06
N SER A 6 -4.01 -20.58 -0.44
CA SER A 6 -2.84 -21.16 0.22
C SER A 6 -1.75 -20.10 0.42
N GLY A 7 -1.09 -20.14 1.57
CA GLY A 7 -0.04 -19.19 1.87
C GLY A 7 0.87 -18.95 0.68
N ALA A 8 1.50 -20.00 0.19
CA ALA A 8 2.41 -19.90 -0.95
C ALA A 8 1.63 -19.91 -2.26
N SER A 9 1.20 -18.73 -2.70
CA SER A 9 0.45 -18.61 -3.94
C SER A 9 0.94 -17.43 -4.77
N ILE A 10 0.77 -17.53 -6.08
CA ILE A 10 1.20 -16.47 -6.98
C ILE A 10 0.02 -15.65 -7.50
N TYR A 11 -1.18 -16.04 -7.07
CA TYR A 11 -2.40 -15.34 -7.47
C TYR A 11 -2.49 -13.97 -6.80
N LYS A 12 -2.43 -12.92 -7.62
CA LYS A 12 -2.52 -11.56 -7.10
C LYS A 12 -3.97 -11.16 -6.84
N ASN A 13 -4.15 -10.11 -6.04
CA ASN A 13 -5.49 -9.63 -5.71
C ASN A 13 -5.96 -8.58 -6.72
N LYS A 14 -6.84 -9.00 -7.62
CA LYS A 14 -7.37 -8.10 -8.64
C LYS A 14 -8.00 -6.86 -8.00
N LYS A 15 -7.22 -5.80 -7.90
CA LYS A 15 -7.71 -4.55 -7.31
C LYS A 15 -7.00 -3.35 -7.92
N SER A 16 -7.72 -2.62 -8.76
CA SER A 16 -7.16 -1.45 -9.42
C SER A 16 -6.75 -0.38 -8.39
N HIS A 17 -6.09 0.67 -8.86
CA HIS A 17 -5.66 1.75 -7.99
C HIS A 17 -6.82 2.66 -7.62
N GLU A 18 -7.94 2.04 -7.22
CA GLU A 18 -9.13 2.81 -6.84
C GLU A 18 -8.91 3.52 -5.51
N GLN A 19 -8.18 2.88 -4.61
CA GLN A 19 -7.90 3.46 -3.30
C GLN A 19 -6.42 3.80 -3.15
N LEU A 20 -5.58 3.17 -3.98
CA LEU A 20 -4.15 3.40 -3.94
C LEU A 20 -3.83 4.87 -4.24
N SER A 21 -4.34 5.37 -5.35
CA SER A 21 -4.10 6.76 -5.74
C SER A 21 -4.09 7.67 -4.52
N ALA A 22 -4.86 7.31 -3.50
CA ALA A 22 -4.94 8.08 -2.27
C ALA A 22 -3.74 7.80 -1.37
N LEU A 23 -3.56 6.54 -1.02
CA LEU A 23 -2.45 6.14 -0.16
C LEU A 23 -1.11 6.61 -0.74
N LYS A 24 -0.93 6.37 -2.03
CA LYS A 24 0.30 6.76 -2.71
C LYS A 24 0.79 8.12 -2.21
N GLY A 25 -0.13 9.06 -2.04
CA GLY A 25 0.23 10.37 -1.57
C GLY A 25 0.95 10.33 -0.23
N SER A 26 0.32 9.71 0.76
CA SER A 26 0.92 9.60 2.09
C SER A 26 2.17 8.74 2.07
N PHE A 27 2.05 7.55 1.49
CA PHE A 27 3.18 6.63 1.40
C PHE A 27 4.38 7.30 0.75
N CYS A 28 4.13 8.04 -0.32
CA CYS A 28 5.20 8.74 -1.04
C CYS A 28 6.24 9.27 -0.06
N ARG A 29 5.80 10.10 0.88
CA ARG A 29 6.68 10.69 1.87
C ARG A 29 6.65 9.89 3.17
N ASN A 30 5.51 9.95 3.86
CA ASN A 30 5.35 9.24 5.12
C ASN A 30 5.89 7.82 5.02
N GLN A 31 6.54 7.36 6.09
CA GLN A 31 7.10 6.01 6.12
C GLN A 31 6.04 4.99 6.49
N PHE A 32 5.43 5.15 7.65
CA PHE A 32 4.40 4.23 8.12
C PHE A 32 3.17 4.99 8.59
N PRO A 33 1.98 4.42 8.34
CA PRO A 33 0.71 5.04 8.73
C PRO A 33 0.50 5.02 10.25
N GLY A 34 0.66 6.18 10.88
CA GLY A 34 0.50 6.28 12.31
C GLY A 34 -0.96 6.14 12.73
N GLN A 35 -1.20 6.10 14.04
CA GLN A 35 -2.54 5.97 14.57
C GLN A 35 -3.49 6.95 13.89
N SER A 36 -3.05 8.19 13.75
CA SER A 36 -3.86 9.22 13.11
C SER A 36 -3.97 8.99 11.61
N GLU A 37 -2.84 8.70 10.98
CA GLU A 37 -2.81 8.45 9.54
C GLU A 37 -3.88 7.45 9.14
N VAL A 38 -3.77 6.22 9.66
CA VAL A 38 -4.74 5.18 9.35
C VAL A 38 -6.16 5.71 9.41
N GLU A 39 -6.54 6.25 10.56
CA GLU A 39 -7.88 6.81 10.74
C GLU A 39 -8.33 7.57 9.50
N HIS A 40 -7.43 8.38 8.95
CA HIS A 40 -7.73 9.17 7.76
C HIS A 40 -7.97 8.26 6.55
N LEU A 41 -7.00 7.39 6.27
CA LEU A 41 -7.11 6.47 5.15
C LEU A 41 -8.38 5.64 5.24
N THR A 42 -8.53 4.92 6.34
CA THR A 42 -9.71 4.07 6.55
C THR A 42 -10.96 4.75 6.01
N LYS A 43 -10.96 6.07 6.00
CA LYS A 43 -12.10 6.83 5.51
C LYS A 43 -11.97 7.11 4.01
N VAL A 44 -10.77 7.48 3.60
CA VAL A 44 -10.50 7.77 2.19
C VAL A 44 -10.74 6.54 1.32
N THR A 45 -10.25 5.40 1.78
CA THR A 45 -10.40 4.15 1.05
C THR A 45 -11.65 3.40 1.50
N GLY A 46 -11.75 3.16 2.80
CA GLY A 46 -12.91 2.45 3.33
C GLY A 46 -12.60 1.00 3.65
N LEU A 47 -11.31 0.65 3.61
CA LEU A 47 -10.89 -0.72 3.91
C LEU A 47 -10.66 -0.91 5.40
N SER A 48 -10.49 -2.16 5.81
CA SER A 48 -10.26 -2.48 7.21
C SER A 48 -8.94 -1.86 7.70
N THR A 49 -8.94 -1.40 8.94
CA THR A 49 -7.75 -0.79 9.52
C THR A 49 -6.51 -1.64 9.26
N ARG A 50 -6.69 -2.95 9.26
CA ARG A 50 -5.58 -3.87 9.02
C ARG A 50 -5.26 -3.95 7.53
N GLU A 51 -6.28 -3.75 6.69
CA GLU A 51 -6.10 -3.79 5.25
C GLU A 51 -5.27 -2.62 4.75
N VAL A 52 -5.47 -1.45 5.38
CA VAL A 52 -4.73 -0.25 5.01
C VAL A 52 -3.28 -0.35 5.43
N ARG A 53 -3.05 -0.77 6.67
CA ARG A 53 -1.69 -0.90 7.20
C ARG A 53 -0.93 -2.00 6.46
N LYS A 54 -1.67 -2.99 5.97
CA LYS A 54 -1.06 -4.11 5.25
C LYS A 54 -0.64 -3.68 3.85
N TRP A 55 -1.48 -2.89 3.20
CA TRP A 55 -1.20 -2.41 1.85
C TRP A 55 0.19 -1.77 1.78
N PHE A 56 0.46 -0.86 2.71
CA PHE A 56 1.75 -0.18 2.75
C PHE A 56 2.90 -1.17 2.54
N SER A 57 2.75 -2.36 3.09
CA SER A 57 3.77 -3.39 2.98
C SER A 57 3.88 -3.88 1.53
N ASP A 58 2.74 -4.05 0.88
CA ASP A 58 2.71 -4.51 -0.50
C ASP A 58 3.52 -3.59 -1.40
N ARG A 59 3.14 -2.32 -1.43
CA ARG A 59 3.84 -1.33 -2.26
C ARG A 59 5.34 -1.37 -1.99
N ARG A 60 5.71 -1.51 -0.73
CA ARG A 60 7.12 -1.56 -0.34
C ARG A 60 7.80 -2.79 -0.94
N TYR A 61 7.16 -3.94 -0.79
CA TYR A 61 7.70 -5.19 -1.31
C TYR A 61 8.29 -4.99 -2.70
N HIS A 62 7.50 -4.38 -3.59
CA HIS A 62 7.95 -4.12 -4.95
C HIS A 62 9.36 -3.56 -4.97
N CYS A 63 9.61 -2.57 -4.12
CA CYS A 63 10.92 -1.94 -4.04
C CYS A 63 12.01 -2.97 -3.79
N ARG A 64 11.89 -3.70 -2.68
CA ARG A 64 12.87 -4.71 -2.33
C ARG A 64 13.37 -5.45 -3.56
N ASN A 65 12.44 -5.99 -4.34
CA ASN A 65 12.78 -6.72 -5.55
C ASN A 65 12.79 -5.78 -6.76
N LEU A 66 13.97 -5.28 -7.11
CA LEU A 66 14.10 -4.38 -8.25
C LEU A 66 15.40 -4.64 -9.00
N LYS A 67 15.28 -5.14 -10.22
CA LYS A 67 16.44 -5.45 -11.05
C LYS A 67 17.15 -4.16 -11.47
N GLY A 68 16.38 -3.20 -11.98
CA GLY A 68 16.95 -1.94 -12.40
C GLY A 68 18.12 -1.50 -11.54
N SER A 69 19.33 -1.80 -11.99
CA SER A 69 20.53 -1.45 -11.24
C SER A 69 20.81 0.06 -11.34
N ARG A 70 20.44 0.79 -10.31
CA ARG A 70 20.65 2.23 -10.27
C ARG A 70 21.94 2.58 -9.55
N SER A 71 23.03 1.90 -9.90
CA SER A 71 24.32 2.14 -9.27
C SER A 71 24.19 2.15 -7.75
N GLY A 72 23.50 1.14 -7.21
CA GLY A 72 23.32 1.07 -5.78
C GLY A 72 23.63 -0.31 -5.23
N PRO A 73 23.87 -0.39 -3.91
CA PRO A 73 24.19 -1.66 -3.23
C PRO A 73 23.00 -2.60 -3.18
N SER A 74 21.88 -2.19 -3.78
CA SER A 74 20.67 -3.00 -3.80
C SER A 74 20.99 -4.45 -4.15
N SER A 75 21.75 -4.63 -5.22
CA SER A 75 22.12 -5.96 -5.67
C SER A 75 23.09 -6.62 -4.69
N GLY A 76 22.56 -7.51 -3.86
CA GLY A 76 23.39 -8.19 -2.88
C GLY A 76 22.75 -8.22 -1.50
N GLY A 1 -25.55 -7.36 1.83
CA GLY A 1 -24.38 -7.81 2.57
C GLY A 1 -23.46 -8.67 1.72
N SER A 2 -22.22 -8.81 2.16
CA SER A 2 -21.23 -9.60 1.43
C SER A 2 -20.33 -10.37 2.38
N SER A 3 -20.13 -11.65 2.09
CA SER A 3 -19.29 -12.50 2.93
C SER A 3 -18.84 -13.74 2.17
N GLY A 4 -17.72 -14.33 2.61
CA GLY A 4 -17.21 -15.52 1.96
C GLY A 4 -17.24 -16.73 2.87
N SER A 5 -16.37 -17.69 2.59
CA SER A 5 -16.30 -18.91 3.38
C SER A 5 -15.01 -18.97 4.18
N SER A 6 -13.89 -18.68 3.52
CA SER A 6 -12.58 -18.71 4.16
C SER A 6 -12.21 -17.33 4.70
N GLY A 7 -12.34 -16.31 3.85
CA GLY A 7 -12.02 -14.95 4.26
C GLY A 7 -10.58 -14.58 3.93
N ALA A 8 -10.28 -14.51 2.64
CA ALA A 8 -8.93 -14.16 2.20
C ALA A 8 -8.92 -12.80 1.50
N SER A 9 -9.54 -11.81 2.14
CA SER A 9 -9.60 -10.47 1.56
C SER A 9 -10.10 -10.51 0.12
N ILE A 10 -11.25 -11.14 -0.08
CA ILE A 10 -11.84 -11.25 -1.41
C ILE A 10 -12.92 -10.19 -1.62
N TYR A 11 -12.51 -9.03 -2.13
CA TYR A 11 -13.44 -7.94 -2.38
C TYR A 11 -12.75 -6.79 -3.12
N LYS A 12 -13.45 -6.22 -4.09
CA LYS A 12 -12.91 -5.12 -4.88
C LYS A 12 -11.47 -5.39 -5.29
N ASN A 13 -11.21 -6.64 -5.70
CA ASN A 13 -9.88 -7.03 -6.13
C ASN A 13 -9.17 -5.89 -6.84
N LYS A 14 -9.73 -5.47 -7.97
CA LYS A 14 -9.17 -4.37 -8.74
C LYS A 14 -9.30 -3.04 -8.00
N LYS A 15 -8.16 -2.47 -7.61
CA LYS A 15 -8.16 -1.20 -6.89
C LYS A 15 -7.84 -0.05 -7.84
N SER A 16 -8.78 0.88 -7.97
CA SER A 16 -8.60 2.04 -8.84
C SER A 16 -7.84 3.15 -8.13
N HIS A 17 -7.03 3.89 -8.88
CA HIS A 17 -6.25 4.98 -8.33
C HIS A 17 -7.06 5.76 -7.30
N GLU A 18 -8.34 5.97 -7.59
CA GLU A 18 -9.21 6.70 -6.69
C GLU A 18 -8.85 6.43 -5.23
N GLN A 19 -8.57 5.16 -4.92
CA GLN A 19 -8.22 4.76 -3.58
C GLN A 19 -6.70 4.69 -3.41
N LEU A 20 -6.06 3.93 -4.29
CA LEU A 20 -4.61 3.77 -4.25
C LEU A 20 -3.91 5.12 -4.16
N SER A 21 -4.19 5.99 -5.13
CA SER A 21 -3.59 7.32 -5.16
C SER A 21 -3.48 7.90 -3.76
N ALA A 22 -4.49 7.63 -2.93
CA ALA A 22 -4.50 8.12 -1.56
C ALA A 22 -3.41 7.47 -0.72
N LEU A 23 -3.50 6.15 -0.58
CA LEU A 23 -2.51 5.40 0.18
C LEU A 23 -1.10 5.73 -0.26
N LYS A 24 -0.90 5.82 -1.57
CA LYS A 24 0.40 6.13 -2.14
C LYS A 24 0.87 7.52 -1.68
N GLY A 25 -0.04 8.48 -1.68
CA GLY A 25 0.29 9.82 -1.26
C GLY A 25 0.77 9.89 0.18
N SER A 26 0.21 9.02 1.02
CA SER A 26 0.58 8.99 2.43
C SER A 26 1.83 8.14 2.65
N PHE A 27 1.94 7.05 1.89
CA PHE A 27 3.09 6.16 1.99
C PHE A 27 4.36 6.84 1.48
N CYS A 28 4.27 7.43 0.30
CA CYS A 28 5.41 8.12 -0.29
C CYS A 28 5.99 9.16 0.67
N ARG A 29 5.11 9.82 1.41
CA ARG A 29 5.53 10.83 2.37
C ARG A 29 5.96 10.20 3.69
N ASN A 30 5.02 9.55 4.36
CA ASN A 30 5.30 8.90 5.64
C ASN A 30 5.24 7.38 5.49
N GLN A 31 6.26 6.70 6.02
CA GLN A 31 6.33 5.24 5.94
C GLN A 31 5.65 4.61 7.15
N PHE A 32 5.83 5.22 8.32
CA PHE A 32 5.23 4.72 9.55
C PHE A 32 4.10 5.63 10.03
N PRO A 33 2.92 5.47 9.41
CA PRO A 33 1.74 6.29 9.76
C PRO A 33 1.19 5.94 11.14
N GLY A 34 0.93 6.97 11.93
CA GLY A 34 0.40 6.76 13.27
C GLY A 34 -1.07 6.38 13.26
N GLN A 35 -1.71 6.48 14.42
CA GLN A 35 -3.12 6.15 14.54
C GLN A 35 -3.98 7.08 13.68
N SER A 36 -3.68 8.38 13.76
CA SER A 36 -4.43 9.38 12.99
C SER A 36 -4.32 9.11 11.51
N GLU A 37 -3.09 9.06 11.01
CA GLU A 37 -2.84 8.81 9.59
C GLU A 37 -3.73 7.68 9.07
N VAL A 38 -3.61 6.51 9.69
CA VAL A 38 -4.40 5.35 9.29
C VAL A 38 -5.90 5.63 9.44
N GLU A 39 -6.26 6.24 10.57
CA GLU A 39 -7.66 6.55 10.84
C GLU A 39 -8.25 7.42 9.72
N HIS A 40 -7.43 8.34 9.20
CA HIS A 40 -7.88 9.23 8.14
C HIS A 40 -8.06 8.46 6.83
N LEU A 41 -7.03 7.70 6.46
CA LEU A 41 -7.07 6.91 5.22
C LEU A 41 -8.23 5.92 5.25
N THR A 42 -8.28 5.12 6.32
CA THR A 42 -9.33 4.12 6.46
C THR A 42 -10.68 4.69 6.04
N LYS A 43 -10.88 5.98 6.25
CA LYS A 43 -12.13 6.64 5.89
C LYS A 43 -12.14 7.00 4.41
N VAL A 44 -10.99 7.44 3.89
CA VAL A 44 -10.87 7.82 2.49
C VAL A 44 -11.04 6.60 1.59
N THR A 45 -10.25 5.57 1.82
CA THR A 45 -10.32 4.35 1.02
C THR A 45 -11.46 3.45 1.49
N GLY A 46 -11.76 3.49 2.78
CA GLY A 46 -12.82 2.69 3.32
C GLY A 46 -12.40 1.25 3.56
N LEU A 47 -11.12 1.05 3.78
CA LEU A 47 -10.57 -0.29 4.02
C LEU A 47 -10.25 -0.49 5.50
N SER A 48 -10.36 -1.74 5.95
CA SER A 48 -10.09 -2.06 7.34
C SER A 48 -8.73 -1.51 7.78
N THR A 49 -8.66 -1.01 9.00
CA THR A 49 -7.42 -0.45 9.54
C THR A 49 -6.24 -1.34 9.21
N ARG A 50 -6.44 -2.66 9.30
CA ARG A 50 -5.38 -3.62 9.02
C ARG A 50 -5.08 -3.66 7.52
N GLU A 51 -6.12 -3.55 6.70
CA GLU A 51 -5.97 -3.59 5.26
C GLU A 51 -5.09 -2.42 4.78
N VAL A 52 -5.31 -1.25 5.36
CA VAL A 52 -4.54 -0.06 5.00
C VAL A 52 -3.06 -0.24 5.35
N ARG A 53 -2.80 -0.73 6.54
CA ARG A 53 -1.43 -0.95 7.01
C ARG A 53 -0.76 -2.06 6.20
N LYS A 54 -1.51 -3.13 5.94
CA LYS A 54 -0.99 -4.26 5.18
C LYS A 54 -0.49 -3.81 3.80
N TRP A 55 -1.28 -2.99 3.14
CA TRP A 55 -0.91 -2.49 1.81
C TRP A 55 0.49 -1.88 1.84
N PHE A 56 0.74 -1.01 2.81
CA PHE A 56 2.04 -0.35 2.94
C PHE A 56 3.17 -1.35 2.71
N SER A 57 3.07 -2.51 3.35
CA SER A 57 4.08 -3.55 3.22
C SER A 57 4.22 -4.01 1.76
N ASP A 58 3.07 -4.21 1.11
CA ASP A 58 3.06 -4.65 -0.28
C ASP A 58 3.94 -3.75 -1.15
N ARG A 59 3.58 -2.47 -1.19
CA ARG A 59 4.34 -1.50 -1.99
C ARG A 59 5.85 -1.68 -1.77
N ARG A 60 6.26 -1.69 -0.51
CA ARG A 60 7.67 -1.85 -0.17
C ARG A 60 8.30 -2.98 -0.98
N TYR A 61 7.72 -4.17 -0.89
CA TYR A 61 8.22 -5.32 -1.61
C TYR A 61 8.55 -4.97 -3.06
N HIS A 62 7.60 -4.32 -3.73
CA HIS A 62 7.79 -3.91 -5.12
C HIS A 62 9.04 -3.04 -5.26
N CYS A 63 9.23 -2.13 -4.31
CA CYS A 63 10.39 -1.23 -4.33
C CYS A 63 11.39 -1.62 -3.25
N ARG A 64 12.28 -2.54 -3.58
CA ARG A 64 13.31 -3.00 -2.64
C ARG A 64 14.71 -2.79 -3.21
N ASN A 65 15.48 -1.93 -2.58
CA ASN A 65 16.84 -1.64 -3.02
C ASN A 65 16.84 -1.16 -4.48
N LEU A 66 15.89 -0.29 -4.81
CA LEU A 66 15.78 0.25 -6.16
C LEU A 66 17.05 1.00 -6.54
N LYS A 67 17.57 0.72 -7.74
CA LYS A 67 18.77 1.38 -8.23
C LYS A 67 18.42 2.64 -9.02
N GLY A 68 18.34 3.76 -8.33
CA GLY A 68 18.01 5.02 -8.98
C GLY A 68 18.01 6.19 -8.02
N SER A 69 18.18 7.40 -8.56
CA SER A 69 18.20 8.60 -7.75
C SER A 69 16.95 9.44 -7.99
N ARG A 70 15.90 9.14 -7.23
CA ARG A 70 14.63 9.87 -7.37
C ARG A 70 14.84 11.36 -7.10
N SER A 71 14.74 12.16 -8.16
CA SER A 71 14.92 13.60 -8.05
C SER A 71 13.69 14.25 -7.43
N GLY A 72 13.86 15.48 -6.94
CA GLY A 72 12.76 16.19 -6.33
C GLY A 72 12.77 17.67 -6.65
N PRO A 73 13.39 18.47 -5.77
CA PRO A 73 13.49 19.92 -5.95
C PRO A 73 14.42 20.31 -7.09
N SER A 74 13.82 20.55 -8.26
CA SER A 74 14.59 20.93 -9.45
C SER A 74 14.81 22.44 -9.49
N SER A 75 16.08 22.84 -9.63
CA SER A 75 16.42 24.26 -9.69
C SER A 75 16.55 24.73 -11.13
N GLY A 76 15.61 25.56 -11.57
CA GLY A 76 15.64 26.06 -12.93
C GLY A 76 15.70 27.58 -12.98
N GLY A 1 -3.82 -14.64 19.41
CA GLY A 1 -4.00 -16.09 19.31
C GLY A 1 -2.68 -16.83 19.18
N SER A 2 -2.77 -18.15 19.09
CA SER A 2 -1.57 -18.98 18.96
C SER A 2 -1.68 -19.91 17.76
N SER A 3 -2.82 -20.56 17.61
CA SER A 3 -3.06 -21.48 16.50
C SER A 3 -3.72 -20.77 15.34
N GLY A 4 -3.00 -20.68 14.22
CA GLY A 4 -3.54 -20.02 13.04
C GLY A 4 -3.20 -18.54 13.00
N SER A 5 -2.11 -18.20 12.32
CA SER A 5 -1.68 -16.81 12.21
C SER A 5 -1.82 -16.31 10.78
N SER A 6 -2.72 -15.37 10.58
CA SER A 6 -2.96 -14.80 9.25
C SER A 6 -1.76 -13.98 8.80
N GLY A 7 -0.97 -14.56 7.89
CA GLY A 7 0.20 -13.86 7.39
C GLY A 7 0.68 -14.42 6.06
N ALA A 8 -0.19 -14.35 5.05
CA ALA A 8 0.14 -14.85 3.73
C ALA A 8 0.18 -13.72 2.71
N SER A 9 0.88 -13.94 1.60
CA SER A 9 0.98 -12.94 0.55
C SER A 9 0.18 -13.34 -0.68
N ILE A 10 -0.97 -12.69 -0.87
CA ILE A 10 -1.83 -13.00 -2.01
C ILE A 10 -1.75 -11.89 -3.06
N TYR A 11 -2.08 -10.67 -2.65
CA TYR A 11 -2.04 -9.53 -3.57
C TYR A 11 -2.67 -9.88 -4.91
N LYS A 12 -3.90 -10.37 -4.86
CA LYS A 12 -4.62 -10.75 -6.07
C LYS A 12 -5.97 -10.05 -6.15
N ASN A 13 -5.97 -8.80 -6.60
CA ASN A 13 -7.20 -8.02 -6.72
C ASN A 13 -6.99 -6.80 -7.62
N LYS A 14 -8.07 -6.08 -7.88
CA LYS A 14 -8.00 -4.89 -8.72
C LYS A 14 -8.63 -3.69 -8.01
N LYS A 15 -7.86 -3.05 -7.14
CA LYS A 15 -8.35 -1.89 -6.40
C LYS A 15 -8.44 -0.67 -7.31
N SER A 16 -9.37 0.23 -7.00
CA SER A 16 -9.56 1.44 -7.80
C SER A 16 -8.48 2.46 -7.50
N HIS A 17 -7.93 3.06 -8.55
CA HIS A 17 -6.88 4.06 -8.40
C HIS A 17 -7.36 5.22 -7.54
N GLU A 18 -8.64 5.52 -7.62
CA GLU A 18 -9.22 6.61 -6.85
C GLU A 18 -8.63 6.67 -5.45
N GLN A 19 -8.76 5.57 -4.72
CA GLN A 19 -8.24 5.49 -3.35
C GLN A 19 -6.74 5.19 -3.36
N LEU A 20 -6.33 4.26 -4.22
CA LEU A 20 -4.93 3.88 -4.33
C LEU A 20 -4.02 5.11 -4.21
N SER A 21 -4.26 6.10 -5.06
CA SER A 21 -3.46 7.32 -5.04
C SER A 21 -3.08 7.70 -3.62
N ALA A 22 -4.08 7.87 -2.77
CA ALA A 22 -3.85 8.24 -1.38
C ALA A 22 -2.77 7.35 -0.75
N LEU A 23 -3.00 6.05 -0.79
CA LEU A 23 -2.06 5.09 -0.23
C LEU A 23 -0.67 5.26 -0.84
N LYS A 24 -0.62 5.31 -2.16
CA LYS A 24 0.64 5.48 -2.88
C LYS A 24 1.43 6.67 -2.32
N GLY A 25 0.76 7.81 -2.21
CA GLY A 25 1.41 9.00 -1.70
C GLY A 25 1.79 8.87 -0.24
N SER A 26 0.80 8.56 0.60
CA SER A 26 1.04 8.41 2.03
C SER A 26 2.38 7.71 2.29
N PHE A 27 2.78 6.84 1.37
CA PHE A 27 4.03 6.10 1.49
C PHE A 27 5.22 7.05 1.36
N CYS A 28 5.26 7.80 0.27
CA CYS A 28 6.35 8.73 0.02
C CYS A 28 6.30 9.91 1.01
N ARG A 29 5.10 10.45 1.20
CA ARG A 29 4.92 11.56 2.12
C ARG A 29 5.55 11.27 3.48
N ASN A 30 5.20 10.12 4.04
CA ASN A 30 5.73 9.71 5.34
C ASN A 30 6.20 8.26 5.31
N GLN A 31 7.47 8.06 5.65
CA GLN A 31 8.04 6.71 5.65
C GLN A 31 7.02 5.69 6.13
N PHE A 32 6.47 5.93 7.31
CA PHE A 32 5.48 5.02 7.89
C PHE A 32 4.23 5.79 8.35
N PRO A 33 3.06 5.17 8.18
CA PRO A 33 1.78 5.78 8.58
C PRO A 33 1.64 5.88 10.09
N GLY A 34 1.22 7.05 10.57
CA GLY A 34 1.05 7.26 11.99
C GLY A 34 -0.34 6.88 12.46
N GLN A 35 -0.74 7.42 13.61
CA GLN A 35 -2.06 7.14 14.17
C GLN A 35 -3.15 7.83 13.35
N SER A 36 -2.90 9.07 12.97
CA SER A 36 -3.86 9.84 12.18
C SER A 36 -3.91 9.35 10.75
N GLU A 37 -2.74 9.05 10.19
CA GLU A 37 -2.65 8.57 8.81
C GLU A 37 -3.60 7.39 8.59
N VAL A 38 -3.34 6.29 9.28
CA VAL A 38 -4.16 5.09 9.16
C VAL A 38 -5.64 5.43 9.24
N GLU A 39 -6.06 5.94 10.39
CA GLU A 39 -7.46 6.31 10.60
C GLU A 39 -7.99 7.13 9.42
N HIS A 40 -7.13 7.99 8.88
CA HIS A 40 -7.51 8.84 7.75
C HIS A 40 -7.69 8.00 6.49
N LEU A 41 -6.75 7.09 6.25
CA LEU A 41 -6.81 6.23 5.06
C LEU A 41 -8.07 5.37 5.08
N THR A 42 -8.14 4.44 6.02
CA THR A 42 -9.29 3.56 6.15
C THR A 42 -10.59 4.30 5.88
N LYS A 43 -10.59 5.60 6.20
CA LYS A 43 -11.77 6.42 6.00
C LYS A 43 -11.90 6.85 4.54
N VAL A 44 -10.79 7.34 3.98
CA VAL A 44 -10.78 7.78 2.59
C VAL A 44 -10.95 6.60 1.63
N THR A 45 -10.12 5.58 1.81
CA THR A 45 -10.19 4.38 0.97
C THR A 45 -11.37 3.51 1.35
N GLY A 46 -11.74 3.54 2.63
CA GLY A 46 -12.86 2.74 3.09
C GLY A 46 -12.42 1.40 3.64
N LEU A 47 -11.19 1.00 3.31
CA LEU A 47 -10.66 -0.28 3.78
C LEU A 47 -10.42 -0.25 5.29
N SER A 48 -10.73 -1.36 5.95
CA SER A 48 -10.55 -1.47 7.39
C SER A 48 -9.09 -1.23 7.78
N THR A 49 -8.88 -0.71 8.99
CA THR A 49 -7.53 -0.43 9.48
C THR A 49 -6.56 -1.55 9.08
N ARG A 50 -6.92 -2.78 9.39
CA ARG A 50 -6.08 -3.93 9.07
C ARG A 50 -5.82 -4.01 7.57
N GLU A 51 -6.84 -3.69 6.78
CA GLU A 51 -6.73 -3.72 5.33
C GLU A 51 -5.80 -2.62 4.84
N VAL A 52 -5.85 -1.47 5.51
CA VAL A 52 -5.01 -0.33 5.14
C VAL A 52 -3.55 -0.59 5.46
N ARG A 53 -3.30 -1.13 6.65
CA ARG A 53 -1.94 -1.43 7.09
C ARG A 53 -1.34 -2.55 6.25
N LYS A 54 -2.20 -3.45 5.78
CA LYS A 54 -1.74 -4.58 4.97
C LYS A 54 -1.12 -4.09 3.65
N TRP A 55 -1.87 -3.28 2.92
CA TRP A 55 -1.39 -2.73 1.66
C TRP A 55 0.07 -2.28 1.77
N PHE A 56 0.32 -1.36 2.70
CA PHE A 56 1.67 -0.84 2.90
C PHE A 56 2.71 -1.95 2.77
N SER A 57 2.39 -3.11 3.32
CA SER A 57 3.31 -4.25 3.27
C SER A 57 3.63 -4.61 1.82
N ASP A 58 2.60 -4.71 0.99
CA ASP A 58 2.78 -5.04 -0.42
C ASP A 58 3.79 -4.11 -1.07
N ARG A 59 3.47 -2.82 -1.13
CA ARG A 59 4.35 -1.83 -1.73
C ARG A 59 5.82 -2.17 -1.45
N ARG A 60 6.16 -2.25 -0.17
CA ARG A 60 7.53 -2.56 0.24
C ARG A 60 8.01 -3.84 -0.42
N TYR A 61 7.26 -4.93 -0.22
CA TYR A 61 7.62 -6.21 -0.81
C TYR A 61 7.97 -6.07 -2.28
N HIS A 62 7.12 -5.37 -3.02
CA HIS A 62 7.34 -5.16 -4.45
C HIS A 62 8.62 -4.35 -4.69
N CYS A 63 8.77 -3.27 -3.94
CA CYS A 63 9.95 -2.41 -4.06
C CYS A 63 11.09 -2.91 -3.18
N ARG A 64 11.35 -4.22 -3.22
CA ARG A 64 12.40 -4.81 -2.42
C ARG A 64 13.76 -4.63 -3.09
N ASN A 65 13.83 -4.98 -4.36
CA ASN A 65 15.08 -4.86 -5.12
C ASN A 65 14.86 -4.08 -6.41
N LEU A 66 15.09 -2.77 -6.36
CA LEU A 66 14.93 -1.91 -7.52
C LEU A 66 15.88 -0.73 -7.46
N LYS A 67 16.64 -0.53 -8.53
CA LYS A 67 17.59 0.56 -8.61
C LYS A 67 16.97 1.87 -8.12
N GLY A 68 17.79 2.72 -7.52
CA GLY A 68 17.29 3.99 -7.00
C GLY A 68 18.31 4.69 -6.12
N SER A 69 18.65 5.92 -6.47
CA SER A 69 19.61 6.70 -5.70
C SER A 69 18.92 7.85 -4.97
N ARG A 70 19.47 8.21 -3.81
CA ARG A 70 18.91 9.30 -3.02
C ARG A 70 19.26 10.66 -3.62
N SER A 71 18.26 11.52 -3.75
CA SER A 71 18.47 12.85 -4.31
C SER A 71 17.84 13.92 -3.43
N GLY A 72 18.13 15.17 -3.74
CA GLY A 72 17.59 16.27 -2.96
C GLY A 72 17.17 17.45 -3.83
N PRO A 73 16.01 17.32 -4.50
CA PRO A 73 15.48 18.36 -5.38
C PRO A 73 15.00 19.58 -4.60
N SER A 74 15.01 20.74 -5.26
CA SER A 74 14.58 21.98 -4.63
C SER A 74 13.87 22.88 -5.62
N SER A 75 12.74 23.45 -5.20
CA SER A 75 11.96 24.33 -6.07
C SER A 75 11.52 25.58 -5.32
N GLY A 76 11.45 26.69 -6.03
CA GLY A 76 11.05 27.94 -5.42
C GLY A 76 12.03 29.06 -5.69
N GLY A 1 17.95 -25.78 14.05
CA GLY A 1 17.32 -25.80 12.75
C GLY A 1 16.72 -24.46 12.38
N SER A 2 15.92 -24.44 11.32
CA SER A 2 15.29 -23.22 10.85
C SER A 2 14.26 -23.52 9.76
N SER A 3 13.56 -22.48 9.33
CA SER A 3 12.53 -22.63 8.30
C SER A 3 12.24 -21.29 7.62
N GLY A 4 11.59 -21.35 6.46
CA GLY A 4 11.26 -20.13 5.74
C GLY A 4 9.91 -20.20 5.07
N SER A 5 9.65 -19.29 4.16
CA SER A 5 8.37 -19.24 3.45
C SER A 5 8.58 -19.04 1.95
N SER A 6 7.59 -19.46 1.16
CA SER A 6 7.68 -19.34 -0.29
C SER A 6 7.51 -17.88 -0.72
N GLY A 7 8.20 -17.50 -1.79
CA GLY A 7 8.12 -16.14 -2.28
C GLY A 7 6.91 -15.92 -3.17
N ALA A 8 7.14 -15.32 -4.34
CA ALA A 8 6.07 -15.05 -5.29
C ALA A 8 6.46 -15.49 -6.70
N SER A 9 5.51 -15.39 -7.62
CA SER A 9 5.75 -15.77 -9.01
C SER A 9 5.00 -14.85 -9.97
N ILE A 10 5.41 -14.87 -11.23
CA ILE A 10 4.78 -14.03 -12.25
C ILE A 10 3.25 -14.10 -12.15
N TYR A 11 2.66 -13.05 -11.60
CA TYR A 11 1.21 -12.98 -11.45
C TYR A 11 0.71 -11.55 -11.58
N LYS A 12 -0.60 -11.37 -11.52
CA LYS A 12 -1.21 -10.06 -11.62
C LYS A 12 -2.31 -9.87 -10.58
N ASN A 13 -2.79 -8.64 -10.44
CA ASN A 13 -3.84 -8.34 -9.47
C ASN A 13 -4.43 -6.95 -9.73
N LYS A 14 -5.75 -6.85 -9.60
CA LYS A 14 -6.44 -5.57 -9.82
C LYS A 14 -7.04 -5.05 -8.52
N LYS A 15 -7.41 -3.78 -8.51
CA LYS A 15 -8.01 -3.16 -7.33
C LYS A 15 -8.53 -1.77 -7.66
N SER A 16 -9.26 -1.18 -6.70
CA SER A 16 -9.81 0.16 -6.90
C SER A 16 -8.72 1.22 -6.83
N HIS A 17 -8.26 1.65 -8.00
CA HIS A 17 -7.22 2.67 -8.08
C HIS A 17 -7.68 3.98 -7.44
N GLU A 18 -8.98 4.25 -7.55
CA GLU A 18 -9.55 5.47 -6.99
C GLU A 18 -8.98 5.75 -5.60
N GLN A 19 -9.01 4.73 -4.75
CA GLN A 19 -8.50 4.86 -3.39
C GLN A 19 -6.98 4.71 -3.36
N LEU A 20 -6.47 3.75 -4.10
CA LEU A 20 -5.03 3.49 -4.16
C LEU A 20 -4.25 4.81 -4.15
N SER A 21 -4.68 5.74 -4.99
CA SER A 21 -4.01 7.04 -5.09
C SER A 21 -3.81 7.65 -3.71
N ALA A 22 -4.91 7.92 -3.02
CA ALA A 22 -4.86 8.50 -1.68
C ALA A 22 -3.75 7.86 -0.86
N LEU A 23 -3.69 6.53 -0.89
CA LEU A 23 -2.67 5.80 -0.13
C LEU A 23 -1.26 6.14 -0.63
N LYS A 24 -1.10 6.12 -1.95
CA LYS A 24 0.19 6.45 -2.56
C LYS A 24 0.71 7.79 -2.08
N GLY A 25 -0.18 8.78 -2.02
CA GLY A 25 0.21 10.10 -1.57
C GLY A 25 0.80 10.09 -0.17
N SER A 26 0.16 9.36 0.75
CA SER A 26 0.63 9.28 2.12
C SER A 26 1.91 8.46 2.21
N PHE A 27 1.85 7.23 1.71
CA PHE A 27 3.00 6.34 1.72
C PHE A 27 4.28 7.09 1.35
N CYS A 28 4.20 7.87 0.27
CA CYS A 28 5.34 8.64 -0.20
C CYS A 28 5.88 9.55 0.91
N ARG A 29 5.00 10.36 1.48
CA ARG A 29 5.38 11.28 2.54
C ARG A 29 6.00 10.53 3.71
N ASN A 30 5.23 9.62 4.31
CA ASN A 30 5.69 8.83 5.44
C ASN A 30 5.42 7.35 5.22
N GLN A 31 6.30 6.50 5.75
CA GLN A 31 6.15 5.06 5.61
C GLN A 31 5.58 4.45 6.88
N PHE A 32 5.99 4.98 8.02
CA PHE A 32 5.51 4.49 9.31
C PHE A 32 4.60 5.52 9.99
N PRO A 33 3.33 5.55 9.57
CA PRO A 33 2.35 6.47 10.11
C PRO A 33 1.96 6.13 11.55
N GLY A 34 1.03 6.90 12.11
CA GLY A 34 0.60 6.66 13.48
C GLY A 34 -0.81 6.12 13.54
N GLN A 35 -1.71 6.87 14.17
CA GLN A 35 -3.10 6.46 14.32
C GLN A 35 -4.01 7.33 13.45
N SER A 36 -3.88 8.65 13.61
CA SER A 36 -4.70 9.59 12.84
C SER A 36 -4.54 9.35 11.35
N GLU A 37 -3.30 9.29 10.89
CA GLU A 37 -3.01 9.07 9.48
C GLU A 37 -3.84 7.90 8.93
N VAL A 38 -3.65 6.73 9.52
CA VAL A 38 -4.36 5.53 9.10
C VAL A 38 -5.87 5.74 9.19
N GLU A 39 -6.34 6.10 10.38
CA GLU A 39 -7.76 6.33 10.61
C GLU A 39 -8.35 7.20 9.52
N HIS A 40 -7.56 8.16 9.03
CA HIS A 40 -8.02 9.07 7.98
C HIS A 40 -7.94 8.39 6.61
N LEU A 41 -6.82 7.75 6.34
CA LEU A 41 -6.62 7.06 5.07
C LEU A 41 -7.65 5.95 4.89
N THR A 42 -7.61 4.97 5.78
CA THR A 42 -8.53 3.84 5.73
C THR A 42 -9.97 4.33 5.55
N LYS A 43 -10.24 5.55 5.98
CA LYS A 43 -11.58 6.13 5.86
C LYS A 43 -11.85 6.56 4.43
N VAL A 44 -10.83 7.08 3.76
CA VAL A 44 -10.96 7.53 2.38
C VAL A 44 -11.03 6.34 1.41
N THR A 45 -10.18 5.35 1.66
CA THR A 45 -10.14 4.15 0.82
C THR A 45 -11.29 3.21 1.15
N GLY A 46 -11.84 3.36 2.35
CA GLY A 46 -12.94 2.50 2.76
C GLY A 46 -12.48 1.20 3.36
N LEU A 47 -11.21 0.86 3.14
CA LEU A 47 -10.63 -0.37 3.67
C LEU A 47 -10.66 -0.37 5.19
N SER A 48 -10.15 -1.44 5.79
CA SER A 48 -10.12 -1.58 7.24
C SER A 48 -8.71 -1.31 7.77
N THR A 49 -8.64 -0.62 8.91
CA THR A 49 -7.36 -0.30 9.52
C THR A 49 -6.36 -1.42 9.32
N ARG A 50 -6.85 -2.65 9.26
CA ARG A 50 -6.00 -3.82 9.08
C ARG A 50 -5.50 -3.90 7.64
N GLU A 51 -6.45 -3.98 6.71
CA GLU A 51 -6.11 -4.08 5.29
C GLU A 51 -5.26 -2.88 4.85
N VAL A 52 -5.42 -1.77 5.55
CA VAL A 52 -4.67 -0.56 5.23
C VAL A 52 -3.20 -0.71 5.61
N ARG A 53 -2.96 -1.04 6.88
CA ARG A 53 -1.59 -1.21 7.37
C ARG A 53 -0.88 -2.32 6.61
N LYS A 54 -1.62 -3.38 6.29
CA LYS A 54 -1.06 -4.51 5.56
C LYS A 54 -0.60 -4.09 4.17
N TRP A 55 -1.46 -3.38 3.46
CA TRP A 55 -1.14 -2.91 2.11
C TRP A 55 0.23 -2.26 2.07
N PHE A 56 0.49 -1.37 3.02
CA PHE A 56 1.77 -0.67 3.10
C PHE A 56 2.92 -1.63 2.80
N SER A 57 2.91 -2.79 3.45
CA SER A 57 3.95 -3.79 3.27
C SER A 57 4.02 -4.23 1.81
N ASP A 58 2.88 -4.61 1.26
CA ASP A 58 2.80 -5.06 -0.13
C ASP A 58 3.61 -4.13 -1.04
N ARG A 59 3.18 -2.87 -1.12
CA ARG A 59 3.85 -1.89 -1.96
C ARG A 59 5.37 -2.08 -1.89
N ARG A 60 5.91 -2.10 -0.68
CA ARG A 60 7.35 -2.26 -0.49
C ARG A 60 7.88 -3.42 -1.33
N TYR A 61 7.44 -4.63 -1.03
CA TYR A 61 7.87 -5.81 -1.76
C TYR A 61 8.10 -5.49 -3.23
N HIS A 62 7.05 -4.97 -3.88
CA HIS A 62 7.14 -4.62 -5.29
C HIS A 62 8.39 -3.80 -5.58
N CYS A 63 8.70 -2.87 -4.69
CA CYS A 63 9.88 -2.02 -4.85
C CYS A 63 11.00 -2.46 -3.92
N ARG A 64 11.86 -3.36 -4.41
CA ARG A 64 12.96 -3.86 -3.61
C ARG A 64 14.27 -3.77 -4.39
N ASN A 65 15.15 -2.86 -3.96
CA ASN A 65 16.44 -2.68 -4.62
C ASN A 65 16.28 -2.65 -6.14
N LEU A 66 15.29 -1.89 -6.61
CA LEU A 66 15.03 -1.78 -8.04
C LEU A 66 15.87 -0.67 -8.66
N LYS A 67 16.24 -0.86 -9.93
CA LYS A 67 17.05 0.13 -10.64
C LYS A 67 16.51 1.54 -10.41
N GLY A 68 17.39 2.44 -9.95
CA GLY A 68 16.99 3.80 -9.69
C GLY A 68 17.65 4.38 -8.46
N SER A 69 16.84 4.94 -7.56
CA SER A 69 17.36 5.53 -6.34
C SER A 69 17.25 4.56 -5.17
N ARG A 70 18.40 4.16 -4.62
CA ARG A 70 18.43 3.22 -3.50
C ARG A 70 19.19 3.82 -2.32
N SER A 71 18.52 4.62 -1.52
CA SER A 71 19.13 5.26 -0.36
C SER A 71 18.19 5.25 0.83
N GLY A 72 18.77 5.28 2.03
CA GLY A 72 17.96 5.28 3.24
C GLY A 72 18.54 6.14 4.33
N PRO A 73 17.75 6.40 5.38
CA PRO A 73 18.18 7.23 6.51
C PRO A 73 19.24 6.54 7.37
N SER A 74 19.52 5.28 7.05
CA SER A 74 20.52 4.51 7.79
C SER A 74 21.92 5.07 7.55
N SER A 75 22.72 5.08 8.61
CA SER A 75 24.09 5.60 8.54
C SER A 75 25.00 4.61 7.83
N GLY A 76 26.21 5.07 7.50
CA GLY A 76 27.16 4.21 6.82
C GLY A 76 28.03 4.97 5.83
#